data_3GAN
# 
_entry.id   3GAN 
# 
_audit_conform.dict_name       mmcif_pdbx.dic 
_audit_conform.dict_version    5.398 
_audit_conform.dict_location   http://mmcif.pdb.org/dictionaries/ascii/mmcif_pdbx.dic 
# 
loop_
_database_2.database_id 
_database_2.database_code 
_database_2.pdbx_database_accession 
_database_2.pdbx_DOI 
PDB   3GAN         pdb_00003gan 10.2210/pdb3gan/pdb 
RCSB  RCSB051632   ?            ?                   
WWPDB D_1000051632 ?            ?                   
# 
loop_
_pdbx_audit_revision_history.ordinal 
_pdbx_audit_revision_history.data_content_type 
_pdbx_audit_revision_history.major_revision 
_pdbx_audit_revision_history.minor_revision 
_pdbx_audit_revision_history.revision_date 
1 'Structure model' 1 0 2009-03-03 
2 'Structure model' 1 1 2011-07-13 
3 'Structure model' 1 2 2017-11-01 
4 'Structure model' 1 3 2023-09-06 
5 'Structure model' 1 4 2023-11-22 
6 'Structure model' 1 5 2024-11-06 
# 
_pdbx_audit_revision_details.ordinal             1 
_pdbx_audit_revision_details.revision_ordinal    1 
_pdbx_audit_revision_details.data_content_type   'Structure model' 
_pdbx_audit_revision_details.provider            repository 
_pdbx_audit_revision_details.type                'Initial release' 
_pdbx_audit_revision_details.description         ? 
_pdbx_audit_revision_details.details             ? 
# 
loop_
_pdbx_audit_revision_group.ordinal 
_pdbx_audit_revision_group.revision_ordinal 
_pdbx_audit_revision_group.data_content_type 
_pdbx_audit_revision_group.group 
1  2 'Structure model' 'Version format compliance' 
2  3 'Structure model' Advisory                    
3  3 'Structure model' 'Refinement description'    
4  4 'Structure model' Advisory                    
5  4 'Structure model' 'Data collection'           
6  4 'Structure model' 'Database references'       
7  4 'Structure model' 'Derived calculations'      
8  4 'Structure model' 'Refinement description'    
9  4 'Structure model' 'Structure summary'         
10 5 'Structure model' 'Data collection'           
11 6 'Structure model' 'Structure summary'         
# 
loop_
_pdbx_audit_revision_category.ordinal 
_pdbx_audit_revision_category.revision_ordinal 
_pdbx_audit_revision_category.data_content_type 
_pdbx_audit_revision_category.category 
1  3 'Structure model' pdbx_unobs_or_zero_occ_atoms  
2  3 'Structure model' software                      
3  4 'Structure model' chem_comp                     
4  4 'Structure model' chem_comp_atom                
5  4 'Structure model' chem_comp_bond                
6  4 'Structure model' database_2                    
7  4 'Structure model' entity                        
8  4 'Structure model' pdbx_entity_nonpoly           
9  4 'Structure model' pdbx_initial_refinement_model 
10 4 'Structure model' pdbx_unobs_or_zero_occ_atoms  
11 4 'Structure model' struct_conn                   
12 4 'Structure model' struct_ref_seq_dif            
13 4 'Structure model' struct_site                   
14 5 'Structure model' chem_comp_atom                
15 5 'Structure model' chem_comp_bond                
16 6 'Structure model' pdbx_entry_details            
17 6 'Structure model' pdbx_modification_feature     
# 
loop_
_pdbx_audit_revision_item.ordinal 
_pdbx_audit_revision_item.revision_ordinal 
_pdbx_audit_revision_item.data_content_type 
_pdbx_audit_revision_item.item 
1  3 'Structure model' '_software.classification'            
2  3 'Structure model' '_software.contact_author'            
3  3 'Structure model' '_software.contact_author_email'      
4  3 'Structure model' '_software.date'                      
5  3 'Structure model' '_software.language'                  
6  3 'Structure model' '_software.location'                  
7  3 'Structure model' '_software.name'                      
8  3 'Structure model' '_software.type'                      
9  3 'Structure model' '_software.version'                   
10 4 'Structure model' '_chem_comp.name'                     
11 4 'Structure model' '_database_2.pdbx_DOI'                
12 4 'Structure model' '_database_2.pdbx_database_accession' 
13 4 'Structure model' '_entity.pdbx_description'            
14 4 'Structure model' '_pdbx_entity_nonpoly.name'           
15 4 'Structure model' '_struct_conn.pdbx_leaving_atom_flag' 
16 4 'Structure model' '_struct_ref_seq_dif.details'         
17 4 'Structure model' '_struct_site.pdbx_auth_asym_id'      
18 4 'Structure model' '_struct_site.pdbx_auth_comp_id'      
19 4 'Structure model' '_struct_site.pdbx_auth_seq_id'       
20 5 'Structure model' '_chem_comp_atom.atom_id'             
21 5 'Structure model' '_chem_comp_bond.atom_id_2'           
# 
_pdbx_database_status.entry_id                        3GAN 
_pdbx_database_status.deposit_site                    RCSB 
_pdbx_database_status.process_site                    RCSB 
_pdbx_database_status.recvd_initial_deposition_date   2009-02-17 
_pdbx_database_status.status_code                     REL 
_pdbx_database_status.status_code_sf                  REL 
_pdbx_database_status.status_code_mr                  ? 
_pdbx_database_status.SG_entry                        Y 
_pdbx_database_status.pdb_format_compatible           Y 
_pdbx_database_status.status_code_cs                  ? 
_pdbx_database_status.methods_development_category    ? 
_pdbx_database_status.status_code_nmr_data            ? 
# 
loop_
_pdbx_database_related.db_name 
_pdbx_database_related.db_id 
_pdbx_database_related.details 
_pdbx_database_related.content_type 
PDB      1VK5     'At3g22680 with bound CHAPS' unspecified 
TargetDB GO.13974 .                            unspecified 
# 
loop_
_audit_author.name 
_audit_author.pdbx_ordinal 
'Burgie, E.S.'                                     1 
'Bingman, C.A.'                                    2 
'Wesenberg, G.E.'                                  3 
'Phillips Jr., G.N.'                               4 
'Center for Eukaryotic Structural Genomics (CESG)' 5 
# 
_citation.id                        primary 
_citation.title                     'Crystal structure of gene product from Arabidopsis thaliana At3g22680 with bound suramin' 
_citation.journal_abbrev            'To be Published' 
_citation.journal_volume            ? 
_citation.page_first                ? 
_citation.page_last                 ? 
_citation.year                      ? 
_citation.journal_id_ASTM           ? 
_citation.country                   ? 
_citation.journal_id_ISSN           ? 
_citation.journal_id_CSD            0353 
_citation.book_publisher            ? 
_citation.pdbx_database_id_PubMed   ? 
_citation.pdbx_database_id_DOI      ? 
# 
loop_
_citation_author.citation_id 
_citation_author.name 
_citation_author.ordinal 
_citation_author.identifier_ORCID 
primary 'Burgie, E.S.'       1 ? 
primary 'Bingman, C.A.'      2 ? 
primary 'Wesenberg, G.E.'    3 ? 
primary 'Phillips Jr., G.N.' 4 ? 
# 
loop_
_entity.id 
_entity.type 
_entity.src_method 
_entity.pdbx_description 
_entity.formula_weight 
_entity.pdbx_number_of_molecules 
_entity.pdbx_ec 
_entity.pdbx_mutation 
_entity.pdbx_fragment 
_entity.details 
1 polymer     man 'Uncharacterized protein At3g22680' 18237.625 1  ? ? ? ? 
2 non-polymer syn 
;8,8'-[CARBONYLBIS[IMINO-3,1-PHENYLENECARBONYLIMINO(4-METHYL-3,1-PHENYLENE)CARBONYLIMINO]]BIS-1,3,5-NAPHTHALENETRISULFON IC ACID
;
1297.280  2  ? ? ? ? 
3 non-polymer syn 'CHLORIDE ION' 35.453    1  ? ? ? ? 
4 water       nat water 18.015    57 ? ? ? ? 
# 
_entity_poly.entity_id                      1 
_entity_poly.type                           'polypeptide(L)' 
_entity_poly.nstd_linkage                   no 
_entity_poly.nstd_monomer                   yes 
_entity_poly.pdbx_seq_one_letter_code       
;SELRPSGDSGSSDVDAEISDGFSPLDTSHRDVADEGSLLRRAE(MSE)YQDY(MSE)KQVPIPTNRGSLIPFTSWVGLSI
S(MSE)KQLYGQPLHYLTNVLLQRWDQSRFGTDSEEQRLDSIIHPTKAEATIWLVEEIHRLTPSHLH(MSE)ALLWRSDP
(MSE)YHSFIDPIFPEK
;
_entity_poly.pdbx_seq_one_letter_code_can   
;SELRPSGDSGSSDVDAEISDGFSPLDTSHRDVADEGSLLRRAEMYQDYMKQVPIPTNRGSLIPFTSWVGLSISMKQLYGQ
PLHYLTNVLLQRWDQSRFGTDSEEQRLDSIIHPTKAEATIWLVEEIHRLTPSHLHMALLWRSDPMYHSFIDPIFPEK
;
_entity_poly.pdbx_strand_id                 A 
_entity_poly.pdbx_target_identifier         GO.13974 
# 
loop_
_pdbx_entity_nonpoly.entity_id 
_pdbx_entity_nonpoly.name 
_pdbx_entity_nonpoly.comp_id 
2 
;8,8'-[CARBONYLBIS[IMINO-3,1-PHENYLENECARBONYLIMINO(4-METHYL-3,1-PHENYLENE)CARBONYLIMINO]]BIS-1,3,5-NAPHTHALENETRISULFON IC ACID
;
SVR 
3 'CHLORIDE ION' CL  
4 water HOH 
# 
loop_
_entity_poly_seq.entity_id 
_entity_poly_seq.num 
_entity_poly_seq.mon_id 
_entity_poly_seq.hetero 
1 1   SER n 
1 2   GLU n 
1 3   LEU n 
1 4   ARG n 
1 5   PRO n 
1 6   SER n 
1 7   GLY n 
1 8   ASP n 
1 9   SER n 
1 10  GLY n 
1 11  SER n 
1 12  SER n 
1 13  ASP n 
1 14  VAL n 
1 15  ASP n 
1 16  ALA n 
1 17  GLU n 
1 18  ILE n 
1 19  SER n 
1 20  ASP n 
1 21  GLY n 
1 22  PHE n 
1 23  SER n 
1 24  PRO n 
1 25  LEU n 
1 26  ASP n 
1 27  THR n 
1 28  SER n 
1 29  HIS n 
1 30  ARG n 
1 31  ASP n 
1 32  VAL n 
1 33  ALA n 
1 34  ASP n 
1 35  GLU n 
1 36  GLY n 
1 37  SER n 
1 38  LEU n 
1 39  LEU n 
1 40  ARG n 
1 41  ARG n 
1 42  ALA n 
1 43  GLU n 
1 44  MSE n 
1 45  TYR n 
1 46  GLN n 
1 47  ASP n 
1 48  TYR n 
1 49  MSE n 
1 50  LYS n 
1 51  GLN n 
1 52  VAL n 
1 53  PRO n 
1 54  ILE n 
1 55  PRO n 
1 56  THR n 
1 57  ASN n 
1 58  ARG n 
1 59  GLY n 
1 60  SER n 
1 61  LEU n 
1 62  ILE n 
1 63  PRO n 
1 64  PHE n 
1 65  THR n 
1 66  SER n 
1 67  TRP n 
1 68  VAL n 
1 69  GLY n 
1 70  LEU n 
1 71  SER n 
1 72  ILE n 
1 73  SER n 
1 74  MSE n 
1 75  LYS n 
1 76  GLN n 
1 77  LEU n 
1 78  TYR n 
1 79  GLY n 
1 80  GLN n 
1 81  PRO n 
1 82  LEU n 
1 83  HIS n 
1 84  TYR n 
1 85  LEU n 
1 86  THR n 
1 87  ASN n 
1 88  VAL n 
1 89  LEU n 
1 90  LEU n 
1 91  GLN n 
1 92  ARG n 
1 93  TRP n 
1 94  ASP n 
1 95  GLN n 
1 96  SER n 
1 97  ARG n 
1 98  PHE n 
1 99  GLY n 
1 100 THR n 
1 101 ASP n 
1 102 SER n 
1 103 GLU n 
1 104 GLU n 
1 105 GLN n 
1 106 ARG n 
1 107 LEU n 
1 108 ASP n 
1 109 SER n 
1 110 ILE n 
1 111 ILE n 
1 112 HIS n 
1 113 PRO n 
1 114 THR n 
1 115 LYS n 
1 116 ALA n 
1 117 GLU n 
1 118 ALA n 
1 119 THR n 
1 120 ILE n 
1 121 TRP n 
1 122 LEU n 
1 123 VAL n 
1 124 GLU n 
1 125 GLU n 
1 126 ILE n 
1 127 HIS n 
1 128 ARG n 
1 129 LEU n 
1 130 THR n 
1 131 PRO n 
1 132 SER n 
1 133 HIS n 
1 134 LEU n 
1 135 HIS n 
1 136 MSE n 
1 137 ALA n 
1 138 LEU n 
1 139 LEU n 
1 140 TRP n 
1 141 ARG n 
1 142 SER n 
1 143 ASP n 
1 144 PRO n 
1 145 MSE n 
1 146 TYR n 
1 147 HIS n 
1 148 SER n 
1 149 PHE n 
1 150 ILE n 
1 151 ASP n 
1 152 PRO n 
1 153 ILE n 
1 154 PHE n 
1 155 PRO n 
1 156 GLU n 
1 157 LYS n 
# 
_entity_src_gen.entity_id                          1 
_entity_src_gen.pdbx_src_id                        1 
_entity_src_gen.pdbx_alt_source_flag               sample 
_entity_src_gen.pdbx_seq_type                      ? 
_entity_src_gen.pdbx_beg_seq_num                   ? 
_entity_src_gen.pdbx_end_seq_num                   ? 
_entity_src_gen.gene_src_common_name               'Mouse-ear cress' 
_entity_src_gen.gene_src_genus                     ? 
_entity_src_gen.pdbx_gene_src_gene                 'At3g22680, At3g22680.1, MWI23.5, Q9LUJ3, Y3268_ARATH' 
_entity_src_gen.gene_src_species                   ? 
_entity_src_gen.gene_src_strain                    'cv. Columbia' 
_entity_src_gen.gene_src_tissue                    ? 
_entity_src_gen.gene_src_tissue_fraction           ? 
_entity_src_gen.gene_src_details                   ? 
_entity_src_gen.pdbx_gene_src_fragment             ? 
_entity_src_gen.pdbx_gene_src_scientific_name      'Arabidopsis thaliana' 
_entity_src_gen.pdbx_gene_src_ncbi_taxonomy_id     3702 
_entity_src_gen.pdbx_gene_src_variant              ? 
_entity_src_gen.pdbx_gene_src_cell_line            ? 
_entity_src_gen.pdbx_gene_src_atcc                 ? 
_entity_src_gen.pdbx_gene_src_organ                ? 
_entity_src_gen.pdbx_gene_src_organelle            ? 
_entity_src_gen.pdbx_gene_src_cell                 ? 
_entity_src_gen.pdbx_gene_src_cellular_location    ? 
_entity_src_gen.host_org_common_name               ? 
_entity_src_gen.pdbx_host_org_scientific_name      'Escherichia coli' 
_entity_src_gen.pdbx_host_org_ncbi_taxonomy_id     562 
_entity_src_gen.host_org_genus                     ? 
_entity_src_gen.pdbx_host_org_gene                 ? 
_entity_src_gen.pdbx_host_org_organ                ? 
_entity_src_gen.host_org_species                   ? 
_entity_src_gen.pdbx_host_org_tissue               ? 
_entity_src_gen.pdbx_host_org_tissue_fraction      ? 
_entity_src_gen.pdbx_host_org_strain               'B834 P(RARE2)' 
_entity_src_gen.pdbx_host_org_variant              ? 
_entity_src_gen.pdbx_host_org_cell_line            ? 
_entity_src_gen.pdbx_host_org_atcc                 ? 
_entity_src_gen.pdbx_host_org_culture_collection   ? 
_entity_src_gen.pdbx_host_org_cell                 ? 
_entity_src_gen.pdbx_host_org_organelle            ? 
_entity_src_gen.pdbx_host_org_cellular_location    ? 
_entity_src_gen.pdbx_host_org_vector_type          plasmid 
_entity_src_gen.pdbx_host_org_vector               ? 
_entity_src_gen.host_org_details                   ? 
_entity_src_gen.expression_system_id               ? 
_entity_src_gen.plasmid_name                       PVP13 
_entity_src_gen.plasmid_details                    ? 
_entity_src_gen.pdbx_description                   ? 
# 
loop_
_chem_comp.id 
_chem_comp.type 
_chem_comp.mon_nstd_flag 
_chem_comp.name 
_chem_comp.pdbx_synonyms 
_chem_comp.formula 
_chem_comp.formula_weight 
ALA 'L-peptide linking' y ALANINE ?       'C3 H7 N O2'        89.093   
ARG 'L-peptide linking' y ARGININE ?       'C6 H15 N4 O2 1'    175.209  
ASN 'L-peptide linking' y ASPARAGINE ?       'C4 H8 N2 O3'       132.118  
ASP 'L-peptide linking' y 'ASPARTIC ACID' ?       'C4 H7 N O4'        133.103  
CL  non-polymer         . 'CHLORIDE ION' ?       'Cl -1'             35.453   
GLN 'L-peptide linking' y GLUTAMINE ?       'C5 H10 N2 O3'      146.144  
GLU 'L-peptide linking' y 'GLUTAMIC ACID' ?       'C5 H9 N O4'        147.129  
GLY 'peptide linking'   y GLYCINE ?       'C2 H5 N O2'        75.067   
HIS 'L-peptide linking' y HISTIDINE ?       'C6 H10 N3 O2 1'    156.162  
HOH non-polymer         . WATER ?       'H2 O'              18.015   
ILE 'L-peptide linking' y ISOLEUCINE ?       'C6 H13 N O2'       131.173  
LEU 'L-peptide linking' y LEUCINE ?       'C6 H13 N O2'       131.173  
LYS 'L-peptide linking' y LYSINE ?       'C6 H15 N2 O2 1'    147.195  
MSE 'L-peptide linking' n SELENOMETHIONINE ?       'C5 H11 N O2 Se'    196.106  
PHE 'L-peptide linking' y PHENYLALANINE ?       'C9 H11 N O2'       165.189  
PRO 'L-peptide linking' y PROLINE ?       'C5 H9 N O2'        115.130  
SER 'L-peptide linking' y SERINE ?       'C3 H7 N O3'        105.093  
SVR non-polymer         . 
;8,8'-[CARBONYLBIS[IMINO-3,1-PHENYLENECARBONYLIMINO(4-METHYL-3,1-PHENYLENE)CARBONYLIMINO]]BIS-1,3,5-NAPHTHALENETRISULFON IC ACID
;
SURAMIN 'C51 H40 N6 O23 S6' 1297.280 
THR 'L-peptide linking' y THREONINE ?       'C4 H9 N O3'        119.119  
TRP 'L-peptide linking' y TRYPTOPHAN ?       'C11 H12 N2 O2'     204.225  
TYR 'L-peptide linking' y TYROSINE ?       'C9 H11 N O3'       181.189  
VAL 'L-peptide linking' y VALINE ?       'C5 H11 N O2'       117.146  
# 
loop_
_pdbx_poly_seq_scheme.asym_id 
_pdbx_poly_seq_scheme.entity_id 
_pdbx_poly_seq_scheme.seq_id 
_pdbx_poly_seq_scheme.mon_id 
_pdbx_poly_seq_scheme.ndb_seq_num 
_pdbx_poly_seq_scheme.pdb_seq_num 
_pdbx_poly_seq_scheme.auth_seq_num 
_pdbx_poly_seq_scheme.pdb_mon_id 
_pdbx_poly_seq_scheme.auth_mon_id 
_pdbx_poly_seq_scheme.pdb_strand_id 
_pdbx_poly_seq_scheme.pdb_ins_code 
_pdbx_poly_seq_scheme.hetero 
A 1 1   SER 1   1   ?   ?   ?   A . n 
A 1 2   GLU 2   2   ?   ?   ?   A . n 
A 1 3   LEU 3   3   ?   ?   ?   A . n 
A 1 4   ARG 4   4   ?   ?   ?   A . n 
A 1 5   PRO 5   5   ?   ?   ?   A . n 
A 1 6   SER 6   6   ?   ?   ?   A . n 
A 1 7   GLY 7   7   ?   ?   ?   A . n 
A 1 8   ASP 8   8   ?   ?   ?   A . n 
A 1 9   SER 9   9   ?   ?   ?   A . n 
A 1 10  GLY 10  10  ?   ?   ?   A . n 
A 1 11  SER 11  11  ?   ?   ?   A . n 
A 1 12  SER 12  12  ?   ?   ?   A . n 
A 1 13  ASP 13  13  ?   ?   ?   A . n 
A 1 14  VAL 14  14  ?   ?   ?   A . n 
A 1 15  ASP 15  15  ?   ?   ?   A . n 
A 1 16  ALA 16  16  ?   ?   ?   A . n 
A 1 17  GLU 17  17  ?   ?   ?   A . n 
A 1 18  ILE 18  18  ?   ?   ?   A . n 
A 1 19  SER 19  19  ?   ?   ?   A . n 
A 1 20  ASP 20  20  ?   ?   ?   A . n 
A 1 21  GLY 21  21  ?   ?   ?   A . n 
A 1 22  PHE 22  22  ?   ?   ?   A . n 
A 1 23  SER 23  23  ?   ?   ?   A . n 
A 1 24  PRO 24  24  ?   ?   ?   A . n 
A 1 25  LEU 25  25  ?   ?   ?   A . n 
A 1 26  ASP 26  26  ?   ?   ?   A . n 
A 1 27  THR 27  27  ?   ?   ?   A . n 
A 1 28  SER 28  28  ?   ?   ?   A . n 
A 1 29  HIS 29  29  ?   ?   ?   A . n 
A 1 30  ARG 30  30  ?   ?   ?   A . n 
A 1 31  ASP 31  31  ?   ?   ?   A . n 
A 1 32  VAL 32  32  ?   ?   ?   A . n 
A 1 33  ALA 33  33  ?   ?   ?   A . n 
A 1 34  ASP 34  34  ?   ?   ?   A . n 
A 1 35  GLU 35  35  ?   ?   ?   A . n 
A 1 36  GLY 36  36  ?   ?   ?   A . n 
A 1 37  SER 37  37  37  SER SER A . n 
A 1 38  LEU 38  38  38  LEU LEU A . n 
A 1 39  LEU 39  39  39  LEU LEU A . n 
A 1 40  ARG 40  40  40  ARG ARG A . n 
A 1 41  ARG 41  41  41  ARG ARG A . n 
A 1 42  ALA 42  42  42  ALA ALA A . n 
A 1 43  GLU 43  43  43  GLU GLU A . n 
A 1 44  MSE 44  44  44  MSE MSE A . n 
A 1 45  TYR 45  45  45  TYR TYR A . n 
A 1 46  GLN 46  46  46  GLN GLN A . n 
A 1 47  ASP 47  47  47  ASP ASP A . n 
A 1 48  TYR 48  48  48  TYR TYR A . n 
A 1 49  MSE 49  49  49  MSE MSE A . n 
A 1 50  LYS 50  50  50  LYS LYS A . n 
A 1 51  GLN 51  51  51  GLN GLN A . n 
A 1 52  VAL 52  52  52  VAL VAL A . n 
A 1 53  PRO 53  53  53  PRO PRO A . n 
A 1 54  ILE 54  54  54  ILE ILE A . n 
A 1 55  PRO 55  55  55  PRO PRO A . n 
A 1 56  THR 56  56  56  THR THR A . n 
A 1 57  ASN 57  57  57  ASN ASN A . n 
A 1 58  ARG 58  58  58  ARG ARG A . n 
A 1 59  GLY 59  59  59  GLY GLY A . n 
A 1 60  SER 60  60  60  SER SER A . n 
A 1 61  LEU 61  61  61  LEU LEU A . n 
A 1 62  ILE 62  62  62  ILE ILE A . n 
A 1 63  PRO 63  63  63  PRO PRO A . n 
A 1 64  PHE 64  64  64  PHE PHE A . n 
A 1 65  THR 65  65  65  THR THR A . n 
A 1 66  SER 66  66  66  SER SER A . n 
A 1 67  TRP 67  67  67  TRP TRP A . n 
A 1 68  VAL 68  68  68  VAL VAL A . n 
A 1 69  GLY 69  69  69  GLY GLY A . n 
A 1 70  LEU 70  70  70  LEU LEU A . n 
A 1 71  SER 71  71  71  SER SER A . n 
A 1 72  ILE 72  72  72  ILE ILE A . n 
A 1 73  SER 73  73  73  SER SER A . n 
A 1 74  MSE 74  74  74  MSE MSE A . n 
A 1 75  LYS 75  75  75  LYS LYS A . n 
A 1 76  GLN 76  76  76  GLN GLN A . n 
A 1 77  LEU 77  77  77  LEU LEU A . n 
A 1 78  TYR 78  78  78  TYR TYR A . n 
A 1 79  GLY 79  79  79  GLY GLY A . n 
A 1 80  GLN 80  80  80  GLN GLN A . n 
A 1 81  PRO 81  81  81  PRO PRO A . n 
A 1 82  LEU 82  82  82  LEU LEU A . n 
A 1 83  HIS 83  83  83  HIS HIS A . n 
A 1 84  TYR 84  84  84  TYR TYR A . n 
A 1 85  LEU 85  85  85  LEU LEU A . n 
A 1 86  THR 86  86  86  THR THR A . n 
A 1 87  ASN 87  87  87  ASN ASN A . n 
A 1 88  VAL 88  88  88  VAL VAL A . n 
A 1 89  LEU 89  89  89  LEU LEU A . n 
A 1 90  LEU 90  90  90  LEU LEU A . n 
A 1 91  GLN 91  91  91  GLN GLN A . n 
A 1 92  ARG 92  92  92  ARG ARG A . n 
A 1 93  TRP 93  93  93  TRP TRP A . n 
A 1 94  ASP 94  94  94  ASP ASP A . n 
A 1 95  GLN 95  95  95  GLN GLN A . n 
A 1 96  SER 96  96  96  SER SER A . n 
A 1 97  ARG 97  97  97  ARG ARG A . n 
A 1 98  PHE 98  98  98  PHE PHE A . n 
A 1 99  GLY 99  99  ?   ?   ?   A . n 
A 1 100 THR 100 100 ?   ?   ?   A . n 
A 1 101 ASP 101 101 ?   ?   ?   A . n 
A 1 102 SER 102 102 ?   ?   ?   A . n 
A 1 103 GLU 103 103 ?   ?   ?   A . n 
A 1 104 GLU 104 104 ?   ?   ?   A . n 
A 1 105 GLN 105 105 105 GLN GLN A . n 
A 1 106 ARG 106 106 106 ARG ARG A . n 
A 1 107 LEU 107 107 107 LEU LEU A . n 
A 1 108 ASP 108 108 108 ASP ASP A . n 
A 1 109 SER 109 109 109 SER SER A . n 
A 1 110 ILE 110 110 110 ILE ILE A . n 
A 1 111 ILE 111 111 111 ILE ILE A . n 
A 1 112 HIS 112 112 112 HIS HIS A . n 
A 1 113 PRO 113 113 113 PRO PRO A . n 
A 1 114 THR 114 114 114 THR THR A . n 
A 1 115 LYS 115 115 115 LYS LYS A . n 
A 1 116 ALA 116 116 116 ALA ALA A . n 
A 1 117 GLU 117 117 117 GLU GLU A . n 
A 1 118 ALA 118 118 118 ALA ALA A . n 
A 1 119 THR 119 119 119 THR THR A . n 
A 1 120 ILE 120 120 120 ILE ILE A . n 
A 1 121 TRP 121 121 121 TRP TRP A . n 
A 1 122 LEU 122 122 122 LEU LEU A . n 
A 1 123 VAL 123 123 123 VAL VAL A . n 
A 1 124 GLU 124 124 124 GLU GLU A . n 
A 1 125 GLU 125 125 125 GLU GLU A . n 
A 1 126 ILE 126 126 126 ILE ILE A . n 
A 1 127 HIS 127 127 127 HIS HIS A . n 
A 1 128 ARG 128 128 128 ARG ARG A . n 
A 1 129 LEU 129 129 129 LEU LEU A . n 
A 1 130 THR 130 130 130 THR THR A . n 
A 1 131 PRO 131 131 131 PRO PRO A . n 
A 1 132 SER 132 132 132 SER SER A . n 
A 1 133 HIS 133 133 133 HIS HIS A . n 
A 1 134 LEU 134 134 134 LEU LEU A . n 
A 1 135 HIS 135 135 135 HIS HIS A . n 
A 1 136 MSE 136 136 136 MSE MSE A . n 
A 1 137 ALA 137 137 137 ALA ALA A . n 
A 1 138 LEU 138 138 138 LEU LEU A . n 
A 1 139 LEU 139 139 139 LEU LEU A . n 
A 1 140 TRP 140 140 140 TRP TRP A . n 
A 1 141 ARG 141 141 141 ARG ARG A . n 
A 1 142 SER 142 142 142 SER SER A . n 
A 1 143 ASP 143 143 143 ASP ASP A . n 
A 1 144 PRO 144 144 144 PRO PRO A . n 
A 1 145 MSE 145 145 145 MSE MSE A . n 
A 1 146 TYR 146 146 146 TYR TYR A . n 
A 1 147 HIS 147 147 147 HIS HIS A . n 
A 1 148 SER 148 148 148 SER SER A . n 
A 1 149 PHE 149 149 149 PHE PHE A . n 
A 1 150 ILE 150 150 150 ILE ILE A . n 
A 1 151 ASP 151 151 151 ASP ASP A . n 
A 1 152 PRO 152 152 152 PRO PRO A . n 
A 1 153 ILE 153 153 153 ILE ILE A . n 
A 1 154 PHE 154 154 154 PHE PHE A . n 
A 1 155 PRO 155 155 155 PRO PRO A . n 
A 1 156 GLU 156 156 ?   ?   ?   A . n 
A 1 157 LYS 157 157 ?   ?   ?   A . n 
# 
loop_
_pdbx_nonpoly_scheme.asym_id 
_pdbx_nonpoly_scheme.entity_id 
_pdbx_nonpoly_scheme.mon_id 
_pdbx_nonpoly_scheme.ndb_seq_num 
_pdbx_nonpoly_scheme.pdb_seq_num 
_pdbx_nonpoly_scheme.auth_seq_num 
_pdbx_nonpoly_scheme.pdb_mon_id 
_pdbx_nonpoly_scheme.auth_mon_id 
_pdbx_nonpoly_scheme.pdb_strand_id 
_pdbx_nonpoly_scheme.pdb_ins_code 
B 2 SVR 1  158 1  SVR SVR A . 
C 2 SVR 1  159 1  SVR SVR A . 
D 3 CL  1  160 1  CL  CL  A . 
E 4 HOH 1  161 1  HOH HOH A . 
E 4 HOH 2  162 2  HOH HOH A . 
E 4 HOH 3  163 3  HOH HOH A . 
E 4 HOH 4  164 4  HOH HOH A . 
E 4 HOH 5  165 5  HOH HOH A . 
E 4 HOH 6  166 6  HOH HOH A . 
E 4 HOH 7  167 7  HOH HOH A . 
E 4 HOH 8  168 8  HOH HOH A . 
E 4 HOH 9  169 9  HOH HOH A . 
E 4 HOH 10 170 10 HOH HOH A . 
E 4 HOH 11 171 11 HOH HOH A . 
E 4 HOH 12 172 12 HOH HOH A . 
E 4 HOH 13 173 13 HOH HOH A . 
E 4 HOH 14 174 14 HOH HOH A . 
E 4 HOH 15 175 15 HOH HOH A . 
E 4 HOH 16 176 17 HOH HOH A . 
E 4 HOH 17 177 18 HOH HOH A . 
E 4 HOH 18 178 19 HOH HOH A . 
E 4 HOH 19 179 20 HOH HOH A . 
E 4 HOH 20 180 21 HOH HOH A . 
E 4 HOH 21 181 22 HOH HOH A . 
E 4 HOH 22 182 23 HOH HOH A . 
E 4 HOH 23 183 24 HOH HOH A . 
E 4 HOH 24 184 25 HOH HOH A . 
E 4 HOH 25 185 26 HOH HOH A . 
E 4 HOH 26 186 27 HOH HOH A . 
E 4 HOH 27 187 28 HOH HOH A . 
E 4 HOH 28 188 29 HOH HOH A . 
E 4 HOH 29 189 30 HOH HOH A . 
E 4 HOH 30 190 31 HOH HOH A . 
E 4 HOH 31 191 32 HOH HOH A . 
E 4 HOH 32 192 33 HOH HOH A . 
E 4 HOH 33 193 34 HOH HOH A . 
E 4 HOH 34 194 35 HOH HOH A . 
E 4 HOH 35 195 36 HOH HOH A . 
E 4 HOH 36 196 37 HOH HOH A . 
E 4 HOH 37 197 38 HOH HOH A . 
E 4 HOH 38 198 39 HOH HOH A . 
E 4 HOH 39 199 40 HOH HOH A . 
E 4 HOH 40 200 41 HOH HOH A . 
E 4 HOH 41 201 43 HOH HOH A . 
E 4 HOH 42 202 44 HOH HOH A . 
E 4 HOH 43 203 45 HOH HOH A . 
E 4 HOH 44 204 46 HOH HOH A . 
E 4 HOH 45 205 47 HOH HOH A . 
E 4 HOH 46 206 49 HOH HOH A . 
E 4 HOH 47 207 52 HOH HOH A . 
E 4 HOH 48 208 53 HOH HOH A . 
E 4 HOH 49 209 54 HOH HOH A . 
E 4 HOH 50 210 55 HOH HOH A . 
E 4 HOH 51 211 56 HOH HOH A . 
E 4 HOH 52 212 57 HOH HOH A . 
E 4 HOH 53 213 58 HOH HOH A . 
E 4 HOH 54 214 61 HOH HOH A . 
E 4 HOH 55 215 62 HOH HOH A . 
E 4 HOH 56 216 63 HOH HOH A . 
E 4 HOH 57 217 64 HOH HOH A . 
# 
loop_
_pdbx_unobs_or_zero_occ_atoms.id 
_pdbx_unobs_or_zero_occ_atoms.PDB_model_num 
_pdbx_unobs_or_zero_occ_atoms.polymer_flag 
_pdbx_unobs_or_zero_occ_atoms.occupancy_flag 
_pdbx_unobs_or_zero_occ_atoms.auth_asym_id 
_pdbx_unobs_or_zero_occ_atoms.auth_comp_id 
_pdbx_unobs_or_zero_occ_atoms.auth_seq_id 
_pdbx_unobs_or_zero_occ_atoms.PDB_ins_code 
_pdbx_unobs_or_zero_occ_atoms.auth_atom_id 
_pdbx_unobs_or_zero_occ_atoms.label_alt_id 
_pdbx_unobs_or_zero_occ_atoms.label_asym_id 
_pdbx_unobs_or_zero_occ_atoms.label_comp_id 
_pdbx_unobs_or_zero_occ_atoms.label_seq_id 
_pdbx_unobs_or_zero_occ_atoms.label_atom_id 
1  1 N 0 A SVR 158 ? O35 ? B SVR ? O35 
2  1 N 0 A SVR 158 ? S31 ? B SVR ? S31 
3  1 N 0 A SVR 158 ? O36 ? B SVR ? O36 
4  1 N 0 A SVR 158 ? O34 ? B SVR ? O34 
5  1 N 0 A SVR 158 ? C22 ? B SVR ? C22 
6  1 N 0 A SVR 158 ? C18 ? B SVR ? C18 
7  1 N 0 A SVR 158 ? C11 ? B SVR ? C11 
8  1 N 0 A SVR 158 ? S17 ? B SVR ? S17 
9  1 N 0 A SVR 158 ? O23 ? B SVR ? O23 
10 1 N 0 A SVR 158 ? O24 ? B SVR ? O24 
11 1 N 0 A SVR 158 ? O25 ? B SVR ? O25 
12 1 N 0 A SVR 158 ? C16 ? B SVR ? C16 
13 1 N 0 A SVR 158 ? C10 ? B SVR ? C10 
14 1 N 0 A SVR 158 ? C15 ? B SVR ? C15 
15 1 N 0 A SVR 158 ? S21 ? B SVR ? S21 
16 1 N 0 A SVR 158 ? O28 ? B SVR ? O28 
17 1 N 0 A SVR 158 ? O29 ? B SVR ? O29 
18 1 N 0 A SVR 158 ? O30 ? B SVR ? O30 
19 1 N 0 A SVR 158 ? C12 ? B SVR ? C12 
20 1 N 0 A SVR 158 ? C7  ? B SVR ? C7  
21 1 N 0 A SVR 158 ? C6  ? B SVR ? C6  
22 1 N 0 A SVR 158 ? C3  ? B SVR ? C3  
23 1 N 0 A SVR 158 ? N1  ? B SVR ? N1  
24 1 N 0 A SVR 158 ? O4  ? B SVR ? O4  
25 1 N 0 A SVR 159 ? O35 ? C SVR ? O35 
26 1 N 0 A SVR 159 ? S31 ? C SVR ? S31 
27 1 N 0 A SVR 159 ? O36 ? C SVR ? O36 
28 1 N 0 A SVR 159 ? O34 ? C SVR ? O34 
29 1 N 0 A SVR 159 ? C22 ? C SVR ? C22 
30 1 N 0 A SVR 159 ? C18 ? C SVR ? C18 
31 1 N 0 A SVR 159 ? C11 ? C SVR ? C11 
32 1 N 0 A SVR 159 ? S17 ? C SVR ? S17 
33 1 N 0 A SVR 159 ? O23 ? C SVR ? O23 
34 1 N 0 A SVR 159 ? O24 ? C SVR ? O24 
35 1 N 0 A SVR 159 ? O25 ? C SVR ? O25 
36 1 N 0 A SVR 159 ? C16 ? C SVR ? C16 
37 1 N 0 A SVR 159 ? C10 ? C SVR ? C10 
38 1 N 0 A SVR 159 ? C15 ? C SVR ? C15 
39 1 N 0 A SVR 159 ? S21 ? C SVR ? S21 
40 1 N 0 A SVR 159 ? O28 ? C SVR ? O28 
41 1 N 0 A SVR 159 ? O29 ? C SVR ? O29 
42 1 N 0 A SVR 159 ? O30 ? C SVR ? O30 
43 1 N 0 A SVR 159 ? C12 ? C SVR ? C12 
44 1 N 0 A SVR 159 ? C7  ? C SVR ? C7  
45 1 N 0 A SVR 159 ? C6  ? C SVR ? C6  
46 1 N 0 A SVR 159 ? C3  ? C SVR ? C3  
47 1 N 0 A SVR 159 ? N1  ? C SVR ? N1  
48 1 N 0 A SVR 159 ? C2  ? C SVR ? C2  
49 1 N 0 A SVR 159 ? O4  ? C SVR ? O4  
50 1 N 0 A SVR 159 ? C5  ? C SVR ? C5  
51 1 N 0 A SVR 159 ? C8  ? C SVR ? C8  
52 1 N 0 A SVR 159 ? C9  ? C SVR ? C9  
53 1 N 0 A SVR 159 ? C14 ? C SVR ? C14 
54 1 N 0 A SVR 159 ? C20 ? C SVR ? C20 
55 1 N 0 A SVR 159 ? C27 ? C SVR ? C27 
56 1 N 0 A SVR 159 ? C13 ? C SVR ? C13 
57 1 N 0 A SVR 159 ? N19 ? C SVR ? N19 
58 1 N 0 A SVR 159 ? C26 ? C SVR ? C26 
59 1 N 0 A SVR 159 ? O32 ? C SVR ? O32 
# 
loop_
_software.name 
_software.version 
_software.date 
_software.type 
_software.contact_author 
_software.contact_author_email 
_software.classification 
_software.location 
_software.language 
_software.citation_id 
_software.pdbx_ordinal 
DENZO       .        ?               package 'Zbyszek Otwinowski' hkl@hkl-xray.com       'data reduction'  
http://www.hkl-xray.com/                     ?          ? 1 
SCALEPACK   .        ?               package 'Zbyszek Otwinowski' hkl@hkl-xray.com       'data scaling'    
http://www.hkl-xray.com/                     ?          ? 2 
MOLREP      .        ?               program 'Alexei Vaguine'     alexei@ysbl.york.ac.uk phasing           
http://www.ccp4.ac.uk/dist/html/molrep.html  Fortran_77 ? 3 
DM          5.0      ?               program 'Kevin Cowtan'       kowtan@ysbl.york.ac.uk phasing           
http://www.ccp4.ac.uk/dist/html/dm.html      Fortran_77 ? 4 
REFMAC      5.5.0066 ?               program 'Garib N. Murshudov' garib@ysbl.york.ac.uk  refinement        
http://www.ccp4.ac.uk/dist/html/refmac5.html Fortran_77 ? 5 
PDB_EXTRACT 3.006    'June 11, 2008' package PDB                  help@deposit.rcsb.org  'data extraction' 
http://sw-tools.pdb.org/apps/PDB_EXTRACT/    C++        ? 6 
MAR345      CCD      ?               ?       ?                    ?                      'data collection' ? ?          ? 7 
HKL-2000    .        ?               ?       ?                    ?                      'data reduction'  ? ?          ? 8 
# 
_cell.entry_id           3GAN 
_cell.length_a           58.381 
_cell.length_b           58.381 
_cell.length_c           90.287 
_cell.angle_alpha        90.000 
_cell.angle_beta         90.000 
_cell.angle_gamma        120.000 
_cell.pdbx_unique_axis   ? 
_cell.Z_PDB              6 
_cell.length_a_esd       ? 
_cell.length_b_esd       ? 
_cell.length_c_esd       ? 
_cell.angle_alpha_esd    ? 
_cell.angle_beta_esd     ? 
_cell.angle_gamma_esd    ? 
# 
_symmetry.entry_id                         3GAN 
_symmetry.space_group_name_H-M             'P 32 2 1' 
_symmetry.Int_Tables_number                154 
_symmetry.pdbx_full_space_group_name_H-M   ? 
_symmetry.cell_setting                     ? 
_symmetry.space_group_name_Hall            ? 
# 
_exptl.crystals_number   1 
_exptl.entry_id          3GAN 
_exptl.method            'X-RAY DIFFRACTION' 
# 
_exptl_crystal.id                    1 
_exptl_crystal.density_percent_sol   49.50 
_exptl_crystal.density_Matthews      2.44 
_exptl_crystal.density_meas          ? 
_exptl_crystal.description           ? 
_exptl_crystal.F_000                 ? 
_exptl_crystal.preparation           ? 
# 
_exptl_crystal_grow.crystal_id      1 
_exptl_crystal_grow.method          'VAPOR DIFFUSION, HANGING DROP' 
_exptl_crystal_grow.pH              ? 
_exptl_crystal_grow.temp            297 
_exptl_crystal_grow.pdbx_details    
;Protein solution (10 mg/ml MSE Protein, 0.10 M NaCl, 0.0003 M TCEP, 0.010 M Suramin sodium salt, 0.01 M Hepes pH 7.0) mixed in a 1:1 ratio with the Well solution (1.1 M Sodium chloride, 1% DMSO, 0.10 M BTP pH 7.0). Cryoprotected with 20% Ethylene glycol, 1.8 M Sodium chloride, 1% DMSO, 0.10 M BTP pH 7.0, VAPOR DIFFUSION, HANGING DROP, temperature 297K
;
_exptl_crystal_grow.temp_details    ? 
_exptl_crystal_grow.pdbx_pH_range   ? 
# 
_diffrn.id                     1 
_diffrn.ambient_temp           100 
_diffrn.ambient_temp_details   ? 
_diffrn.crystal_id             1 
# 
_diffrn_detector.diffrn_id              1 
_diffrn_detector.detector               CCD 
_diffrn_detector.type                   'MARMOSAIC 300 mm CCD' 
_diffrn_detector.pdbx_collection_date   2008-12-01 
_diffrn_detector.details                'Adjustable focusing mirrors in K-B geometry' 
# 
_diffrn_radiation.diffrn_id                        1 
_diffrn_radiation.pdbx_diffrn_protocol             'SINGLE WAVELENGTH' 
_diffrn_radiation.pdbx_monochromatic_or_laue_m_l   M 
_diffrn_radiation.monochromator                    'Si(111) Double crystal' 
_diffrn_radiation.wavelength_id                    1 
_diffrn_radiation.pdbx_scattering_type             x-ray 
# 
_diffrn_radiation_wavelength.id           1 
_diffrn_radiation_wavelength.wavelength   0.97949 
_diffrn_radiation_wavelength.wt           1.0 
# 
_diffrn_source.diffrn_id                   1 
_diffrn_source.source                      SYNCHROTRON 
_diffrn_source.type                        'APS BEAMLINE 23-ID-D' 
_diffrn_source.pdbx_wavelength_list        0.97949 
_diffrn_source.pdbx_wavelength             ? 
_diffrn_source.pdbx_synchrotron_site       APS 
_diffrn_source.pdbx_synchrotron_beamline   23-ID-D 
# 
_reflns.entry_id                     3GAN 
_reflns.d_resolution_high            2.00 
_reflns.d_resolution_low             50.0 
_reflns.number_obs                   12503 
_reflns.pdbx_Rmerge_I_obs            0.090 
_reflns.pdbx_netI_over_sigmaI        19.770 
_reflns.pdbx_chi_squared             1.371 
_reflns.pdbx_redundancy              7.100 
_reflns.percent_possible_obs         99.800 
_reflns.observed_criterion_sigma_F   ? 
_reflns.observed_criterion_sigma_I   ? 
_reflns.number_all                   ? 
_reflns.pdbx_Rsym_value              ? 
_reflns.B_iso_Wilson_estimate        ? 
_reflns.R_free_details               ? 
_reflns.limit_h_max                  ? 
_reflns.limit_h_min                  ? 
_reflns.limit_k_max                  ? 
_reflns.limit_k_min                  ? 
_reflns.limit_l_max                  ? 
_reflns.limit_l_min                  ? 
_reflns.observed_criterion_F_max     ? 
_reflns.observed_criterion_F_min     ? 
_reflns.pdbx_scaling_rejects         ? 
_reflns.pdbx_diffrn_id               1 
_reflns.pdbx_ordinal                 1 
# 
loop_
_reflns_shell.d_res_high 
_reflns_shell.d_res_low 
_reflns_shell.number_measured_obs 
_reflns_shell.number_measured_all 
_reflns_shell.number_unique_obs 
_reflns_shell.Rmerge_I_obs 
_reflns_shell.meanI_over_sigI_obs 
_reflns_shell.pdbx_Rsym_value 
_reflns_shell.pdbx_chi_squared 
_reflns_shell.pdbx_redundancy 
_reflns_shell.percent_possible_obs 
_reflns_shell.number_unique_all 
_reflns_shell.percent_possible_all 
_reflns_shell.pdbx_diffrn_id 
_reflns_shell.pdbx_ordinal 
2.00 2.07  ? ? ? 0.458 2.469 ? 1.047 6.20 ? 1199 98.70  ? 1  
2.07 2.15  ? ? ? 0.341 ?     ? 1.113 7.10 ? 1239 100.00 ? 2  
2.15 2.25  ? ? ? 0.268 ?     ? 1.175 7.30 ? 1215 100.00 ? 3  
2.25 2.37  ? ? ? 0.209 ?     ? 1.036 7.30 ? 1224 100.00 ? 4  
2.37 2.52  ? ? ? 0.154 ?     ? 1.190 7.30 ? 1267 100.00 ? 5  
2.52 2.71  ? ? ? 0.132 ?     ? 1.244 7.30 ? 1216 100.00 ? 6  
2.71 2.99  ? ? ? 0.106 ?     ? 1.312 7.30 ? 1251 100.00 ? 7  
2.99 3.42  ? ? ? 0.080 ?     ? 1.509 7.30 ? 1266 100.00 ? 8  
3.42 4.31  ? ? ? 0.069 ?     ? 1.626 7.20 ? 1267 100.00 ? 9  
4.31 50.00 ? ? ? 0.063 ?     ? 2.381 6.70 ? 1359 99.60  ? 10 
# 
_refine.entry_id                                 3GAN 
_refine.ls_d_res_high                            2.00 
_refine.ls_d_res_low                             50.0 
_refine.pdbx_ls_sigma_F                          0.00 
_refine.ls_percent_reflns_obs                    99.521 
_refine.ls_number_reflns_obs                     12465 
_refine.pdbx_ls_cross_valid_method               THROUGHOUT 
_refine.pdbx_R_Free_selection_details            RANDOM 
_refine.details                                  
'1. HYDROGENS HAVE BEEN ADDED IN THE RIDING POSITIONS. 2. U VALUES: REFINED INDIVIDUALLY.' 
_refine.ls_R_factor_obs                          0.192 
_refine.ls_R_factor_R_work                       0.190 
_refine.ls_wR_factor_R_work                      0.204 
_refine.ls_R_factor_R_free                       0.241 
_refine.ls_wR_factor_R_free                      0.257 
_refine.ls_percent_reflns_R_free                 4.797 
_refine.ls_number_reflns_R_free                  598 
_refine.B_iso_mean                               30.716 
_refine.aniso_B[1][1]                            0.995 
_refine.aniso_B[2][2]                            0.995 
_refine.aniso_B[3][3]                            -1.493 
_refine.aniso_B[1][2]                            0.498 
_refine.aniso_B[1][3]                            0.000 
_refine.aniso_B[2][3]                            0.000 
_refine.correlation_coeff_Fo_to_Fc               0.952 
_refine.correlation_coeff_Fo_to_Fc_free          0.918 
_refine.pdbx_overall_ESU_R                       0.151 
_refine.pdbx_overall_ESU_R_Free                  0.151 
_refine.overall_SU_ML                            0.000 
_refine.overall_SU_B                             0.000 
_refine.solvent_model_details                    'BABINET MODEL PLUS MASK' 
_refine.pdbx_solvent_vdw_probe_radii             1.400 
_refine.pdbx_solvent_ion_probe_radii             0.800 
_refine.pdbx_solvent_shrinkage_radii             0.800 
_refine.pdbx_method_to_determine_struct          'MOLECULAR REPLACEMENT' 
_refine.pdbx_stereochemistry_target_values       'MAXIMUM LIKELIHOOD' 
_refine.B_iso_max                                107.01 
_refine.B_iso_min                                2.00 
_refine.pdbx_starting_model                      'PDB entry 1VK5' 
_refine.occupancy_max                            1.00 
_refine.occupancy_min                            0.00 
_refine.pdbx_ls_sigma_I                          ? 
_refine.ls_number_reflns_all                     ? 
_refine.ls_R_factor_all                          ? 
_refine.ls_redundancy_reflns_obs                 ? 
_refine.pdbx_data_cutoff_high_absF               ? 
_refine.pdbx_data_cutoff_low_absF                ? 
_refine.ls_number_parameters                     ? 
_refine.ls_number_restraints                     ? 
_refine.ls_R_factor_R_free_error                 ? 
_refine.ls_R_factor_R_free_error_details         ? 
_refine.pdbx_stereochem_target_val_spec_case     ? 
_refine.solvent_model_param_bsol                 ? 
_refine.solvent_model_param_ksol                 ? 
_refine.pdbx_isotropic_thermal_model             ? 
_refine.overall_SU_R_Cruickshank_DPI             ? 
_refine.overall_SU_R_free                        ? 
_refine.pdbx_data_cutoff_high_rms_absF           ? 
_refine.overall_FOM_free_R_set                   ? 
_refine.overall_FOM_work_R_set                   ? 
_refine.pdbx_overall_phase_error                 ? 
_refine.pdbx_refine_id                           'X-RAY DIFFRACTION' 
_refine.pdbx_diffrn_id                           1 
_refine.pdbx_TLS_residual_ADP_flag               ? 
_refine.pdbx_overall_SU_R_free_Cruickshank_DPI   ? 
_refine.pdbx_overall_SU_R_Blow_DPI               ? 
_refine.pdbx_overall_SU_R_free_Blow_DPI          ? 
# 
_refine_hist.pdbx_refine_id                   'X-RAY DIFFRACTION' 
_refine_hist.cycle_id                         LAST 
_refine_hist.pdbx_number_atoms_protein        956 
_refine_hist.pdbx_number_atoms_nucleic_acid   0 
_refine_hist.pdbx_number_atoms_ligand         173 
_refine_hist.number_atoms_solvent             57 
_refine_hist.number_atoms_total               1186 
_refine_hist.d_res_high                       2.00 
_refine_hist.d_res_low                        50.0 
# 
loop_
_refine_ls_restr.type 
_refine_ls_restr.number 
_refine_ls_restr.dev_ideal 
_refine_ls_restr.dev_ideal_target 
_refine_ls_restr.weight 
_refine_ls_restr.pdbx_refine_id 
_refine_ls_restr.pdbx_restraint_function 
r_bond_refined_d       1109 0.024  0.021  ? 'X-RAY DIFFRACTION' ? 
r_angle_refined_deg    1528 2.382  2.074  ? 'X-RAY DIFFRACTION' ? 
r_dihedral_angle_1_deg 113  5.599  5.000  ? 'X-RAY DIFFRACTION' ? 
r_dihedral_angle_2_deg 46   35.410 22.391 ? 'X-RAY DIFFRACTION' ? 
r_dihedral_angle_3_deg 169  13.381 15.000 ? 'X-RAY DIFFRACTION' ? 
r_dihedral_angle_4_deg 8    24.229 15.000 ? 'X-RAY DIFFRACTION' ? 
r_chiral_restr         151  0.164  0.200  ? 'X-RAY DIFFRACTION' ? 
r_gen_planes_refined   859  0.014  0.021  ? 'X-RAY DIFFRACTION' ? 
r_mcbond_it            575  1.393  1.500  ? 'X-RAY DIFFRACTION' ? 
r_mcangle_it           942  2.443  2.000  ? 'X-RAY DIFFRACTION' ? 
r_scbond_it            534  3.922  3.000  ? 'X-RAY DIFFRACTION' ? 
r_scangle_it           586  5.319  4.500  ? 'X-RAY DIFFRACTION' ? 
# 
loop_
_refine_ls_shell.pdbx_total_number_of_bins_used 
_refine_ls_shell.d_res_low 
_refine_ls_shell.d_res_high 
_refine_ls_shell.number_reflns_all 
_refine_ls_shell.percent_reflns_obs 
_refine_ls_shell.number_reflns_R_work 
_refine_ls_shell.R_factor_R_work 
_refine_ls_shell.number_reflns_R_free 
_refine_ls_shell.R_factor_R_free 
_refine_ls_shell.number_reflns_obs 
_refine_ls_shell.R_factor_R_free_error 
_refine_ls_shell.percent_reflns_R_free 
_refine_ls_shell.redundancy_reflns_obs 
_refine_ls_shell.R_factor_all 
_refine_ls_shell.pdbx_refine_id 
20 2.052 2.000 917 95.093  834 0.241 38 0.303 . . . . . 'X-RAY DIFFRACTION' 
20 2.108 2.052 888 99.775  848 0.196 38 0.217 . . . . . 'X-RAY DIFFRACTION' 
20 2.169 2.108 845 99.763  806 0.176 37 0.195 . . . . . 'X-RAY DIFFRACTION' 
20 2.236 2.169 851 100.000 801 0.171 50 0.236 . . . . . 'X-RAY DIFFRACTION' 
20 2.309 2.236 800 99.750  761 0.163 37 0.249 . . . . . 'X-RAY DIFFRACTION' 
20 2.390 2.309 784 100.000 750 0.181 34 0.212 . . . . . 'X-RAY DIFFRACTION' 
20 2.480 2.390 747 99.866  709 0.184 37 0.236 . . . . . 'X-RAY DIFFRACTION' 
20 2.581 2.480 752 99.867  703 0.190 48 0.266 . . . . . 'X-RAY DIFFRACTION' 
20 2.695 2.581 700 100.000 666 0.207 34 0.291 . . . . . 'X-RAY DIFFRACTION' 
20 2.826 2.695 686 100.000 658 0.219 28 0.268 . . . . . 'X-RAY DIFFRACTION' 
20 2.979 2.826 642 100.000 612 0.202 30 0.311 . . . . . 'X-RAY DIFFRACTION' 
20 3.159 2.979 612 100.000 573 0.200 39 0.254 . . . . . 'X-RAY DIFFRACTION' 
20 3.376 3.159 575 100.000 557 0.190 18 0.223 . . . . . 'X-RAY DIFFRACTION' 
20 3.645 3.376 542 100.000 518 0.170 24 0.204 . . . . . 'X-RAY DIFFRACTION' 
20 3.991 3.645 502 100.000 475 0.156 27 0.179 . . . . . 'X-RAY DIFFRACTION' 
20 4.458 3.991 460 100.000 438 0.146 22 0.209 . . . . . 'X-RAY DIFFRACTION' 
20 5.141 4.458 404 100.000 382 0.172 22 0.251 . . . . . 'X-RAY DIFFRACTION' 
20 6.281 5.141 353 100.000 339 0.242 14 0.328 . . . . . 'X-RAY DIFFRACTION' 
20 8.815 6.281 283 100.000 273 0.231 10 0.169 . . . . . 'X-RAY DIFFRACTION' 
20 50.00 8.815 182 96.154  164 0.270 11 0.312 . . . . . 'X-RAY DIFFRACTION' 
# 
_struct.entry_id                  3GAN 
_struct.title                     'Crystal structure of gene product from Arabidopsis thaliana At3g22680 with bound suramin' 
_struct.pdbx_model_details        ? 
_struct.pdbx_CASP_flag            ? 
_struct.pdbx_model_type_details   ? 
# 
_struct_keywords.entry_id        3GAN 
_struct_keywords.text            
;suramin, Structural Genomics Functional Follow-Up Study, Structural Genomics, Protein Structure Initiative, PSI, Center for Eukaryotic Structural Genomics, CESG, UNKNOWN FUNCTION
;
_struct_keywords.pdbx_keywords   'STRUCTURAL GENOMICS, UNKNOWN FUNCTION' 
# 
loop_
_struct_asym.id 
_struct_asym.pdbx_blank_PDB_chainid_flag 
_struct_asym.pdbx_modified 
_struct_asym.entity_id 
_struct_asym.details 
A N N 1 ? 
B N N 2 ? 
C N N 2 ? 
D N N 3 ? 
E N N 4 ? 
# 
_struct_ref.id                         1 
_struct_ref.db_name                    UNP 
_struct_ref.db_code                    Y3268_ARATH 
_struct_ref.pdbx_db_accession          Q9LUJ3 
_struct_ref.entity_id                  1 
_struct_ref.pdbx_seq_one_letter_code   
;ELRPSGDSGSSDVDAEISDGFSPLDTSHRDVADEGSLLRRAEMYQDYMKQVPIPTNRGSLIPFTSWVGLSISMKQLYGQP
LHYLTNVLLQRWDQSRFGTDSEEQRLDSIIHPTKAEATIWLVEEIHRLTPSHLHMALLWRSDPMYHSFIDPIFPEK
;
_struct_ref.pdbx_align_begin           8 
_struct_ref.pdbx_db_isoform            ? 
# 
_struct_ref_seq.align_id                      1 
_struct_ref_seq.ref_id                        1 
_struct_ref_seq.pdbx_PDB_id_code              3GAN 
_struct_ref_seq.pdbx_strand_id                A 
_struct_ref_seq.seq_align_beg                 2 
_struct_ref_seq.pdbx_seq_align_beg_ins_code   ? 
_struct_ref_seq.seq_align_end                 157 
_struct_ref_seq.pdbx_seq_align_end_ins_code   ? 
_struct_ref_seq.pdbx_db_accession             Q9LUJ3 
_struct_ref_seq.db_align_beg                  8 
_struct_ref_seq.pdbx_db_align_beg_ins_code    ? 
_struct_ref_seq.db_align_end                  163 
_struct_ref_seq.pdbx_db_align_end_ins_code    ? 
_struct_ref_seq.pdbx_auth_seq_align_beg       2 
_struct_ref_seq.pdbx_auth_seq_align_end       157 
# 
_struct_ref_seq_dif.align_id                     1 
_struct_ref_seq_dif.pdbx_pdb_id_code             3GAN 
_struct_ref_seq_dif.mon_id                       SER 
_struct_ref_seq_dif.pdbx_pdb_strand_id           A 
_struct_ref_seq_dif.seq_num                      1 
_struct_ref_seq_dif.pdbx_pdb_ins_code            ? 
_struct_ref_seq_dif.pdbx_seq_db_name             UNP 
_struct_ref_seq_dif.pdbx_seq_db_accession_code   Q9LUJ3 
_struct_ref_seq_dif.db_mon_id                    ? 
_struct_ref_seq_dif.pdbx_seq_db_seq_num          ? 
_struct_ref_seq_dif.details                      'expression tag' 
_struct_ref_seq_dif.pdbx_auth_seq_num            1 
_struct_ref_seq_dif.pdbx_ordinal                 1 
# 
loop_
_pdbx_struct_assembly.id 
_pdbx_struct_assembly.details 
_pdbx_struct_assembly.method_details 
_pdbx_struct_assembly.oligomeric_details 
_pdbx_struct_assembly.oligomeric_count 
1 author_defined_assembly   ?    monomeric 1 
2 software_defined_assembly PISA dimeric   2 
# 
loop_
_pdbx_struct_assembly_prop.biol_id 
_pdbx_struct_assembly_prop.type 
_pdbx_struct_assembly_prop.value 
_pdbx_struct_assembly_prop.details 
2 'ABSA (A^2)' 2100  ? 
2 MORE         -14.9 ? 
2 'SSA (A^2)'  12720 ? 
# 
loop_
_pdbx_struct_assembly_gen.assembly_id 
_pdbx_struct_assembly_gen.oper_expression 
_pdbx_struct_assembly_gen.asym_id_list 
1 1   A,B,C,D,E 
2 1,2 A,B,C,D,E 
# 
loop_
_pdbx_struct_oper_list.id 
_pdbx_struct_oper_list.type 
_pdbx_struct_oper_list.name 
_pdbx_struct_oper_list.symmetry_operation 
_pdbx_struct_oper_list.matrix[1][1] 
_pdbx_struct_oper_list.matrix[1][2] 
_pdbx_struct_oper_list.matrix[1][3] 
_pdbx_struct_oper_list.vector[1] 
_pdbx_struct_oper_list.matrix[2][1] 
_pdbx_struct_oper_list.matrix[2][2] 
_pdbx_struct_oper_list.matrix[2][3] 
_pdbx_struct_oper_list.vector[2] 
_pdbx_struct_oper_list.matrix[3][1] 
_pdbx_struct_oper_list.matrix[3][2] 
_pdbx_struct_oper_list.matrix[3][3] 
_pdbx_struct_oper_list.vector[3] 
1 'identity operation'         1_555 x,y,z         1.0000000000  0.0000000000 0.0000000000 0.0000000000 0.0000000000 1.0000000000  0.0000000000 0.0000000000   0.0000000000 0.0000000000 1.0000000000  0.0000000000  
2 'crystal symmetry operation' 5_555 x-y,-y,-z+1/3 -0.7209419106 0.4703954893 0.5088917814 7.1155966724 0.4703954893 -0.2070757856 0.8578156578 -15.2842102835 0.5088917814 0.8578156578 -0.0719823038 10.2260617122 
# 
_struct_biol.id        1 
_struct_biol.details   ? 
# 
loop_
_struct_conf.conf_type_id 
_struct_conf.id 
_struct_conf.pdbx_PDB_helix_id 
_struct_conf.beg_label_comp_id 
_struct_conf.beg_label_asym_id 
_struct_conf.beg_label_seq_id 
_struct_conf.pdbx_beg_PDB_ins_code 
_struct_conf.end_label_comp_id 
_struct_conf.end_label_asym_id 
_struct_conf.end_label_seq_id 
_struct_conf.pdbx_end_PDB_ins_code 
_struct_conf.beg_auth_comp_id 
_struct_conf.beg_auth_asym_id 
_struct_conf.beg_auth_seq_id 
_struct_conf.end_auth_comp_id 
_struct_conf.end_auth_asym_id 
_struct_conf.end_auth_seq_id 
_struct_conf.pdbx_PDB_helix_class 
_struct_conf.details 
_struct_conf.pdbx_PDB_helix_length 
HELX_P HELX_P1 1 SER A 37  ? VAL A 52  ? SER A 37  VAL A 52  1 ? 16 
HELX_P HELX_P2 2 SER A 66  ? GLY A 79  ? SER A 66  GLY A 79  1 ? 14 
HELX_P HELX_P3 3 HIS A 83  ? ARG A 97  ? HIS A 83  ARG A 97  1 ? 15 
HELX_P HELX_P4 4 ARG A 106 ? ILE A 111 ? ARG A 106 ILE A 111 1 ? 6  
HELX_P HELX_P5 5 HIS A 112 ? THR A 130 ? HIS A 112 THR A 130 1 ? 19 
HELX_P HELX_P6 6 SER A 132 ? SER A 142 ? SER A 132 SER A 142 1 ? 11 
HELX_P HELX_P7 7 MSE A 145 ? ILE A 150 ? MSE A 145 ILE A 150 5 ? 6  
# 
_struct_conf_type.id          HELX_P 
_struct_conf_type.criteria    ? 
_struct_conf_type.reference   ? 
# 
loop_
_struct_conn.id 
_struct_conn.conn_type_id 
_struct_conn.pdbx_leaving_atom_flag 
_struct_conn.pdbx_PDB_id 
_struct_conn.ptnr1_label_asym_id 
_struct_conn.ptnr1_label_comp_id 
_struct_conn.ptnr1_label_seq_id 
_struct_conn.ptnr1_label_atom_id 
_struct_conn.pdbx_ptnr1_label_alt_id 
_struct_conn.pdbx_ptnr1_PDB_ins_code 
_struct_conn.pdbx_ptnr1_standard_comp_id 
_struct_conn.ptnr1_symmetry 
_struct_conn.ptnr2_label_asym_id 
_struct_conn.ptnr2_label_comp_id 
_struct_conn.ptnr2_label_seq_id 
_struct_conn.ptnr2_label_atom_id 
_struct_conn.pdbx_ptnr2_label_alt_id 
_struct_conn.pdbx_ptnr2_PDB_ins_code 
_struct_conn.ptnr1_auth_asym_id 
_struct_conn.ptnr1_auth_comp_id 
_struct_conn.ptnr1_auth_seq_id 
_struct_conn.ptnr2_auth_asym_id 
_struct_conn.ptnr2_auth_comp_id 
_struct_conn.ptnr2_auth_seq_id 
_struct_conn.ptnr2_symmetry 
_struct_conn.pdbx_ptnr3_label_atom_id 
_struct_conn.pdbx_ptnr3_label_seq_id 
_struct_conn.pdbx_ptnr3_label_comp_id 
_struct_conn.pdbx_ptnr3_label_asym_id 
_struct_conn.pdbx_ptnr3_label_alt_id 
_struct_conn.pdbx_ptnr3_PDB_ins_code 
_struct_conn.details 
_struct_conn.pdbx_dist_value 
_struct_conn.pdbx_value_order 
_struct_conn.pdbx_role 
covale1  covale both ? A GLU 43  C ? ? ? 1_555 A MSE 44  N ? ? A GLU 43  A MSE 44  1_555 ? ? ? ? ? ? ? 1.335 ? ? 
covale2  covale both ? A MSE 44  C ? ? ? 1_555 A TYR 45  N ? ? A MSE 44  A TYR 45  1_555 ? ? ? ? ? ? ? 1.321 ? ? 
covale3  covale both ? A TYR 48  C ? ? ? 1_555 A MSE 49  N ? ? A TYR 48  A MSE 49  1_555 ? ? ? ? ? ? ? 1.343 ? ? 
covale4  covale both ? A MSE 49  C ? ? ? 1_555 A LYS 50  N ? ? A MSE 49  A LYS 50  1_555 ? ? ? ? ? ? ? 1.341 ? ? 
covale5  covale both ? A SER 73  C ? ? ? 1_555 A MSE 74  N ? ? A SER 73  A MSE 74  1_555 ? ? ? ? ? ? ? 1.352 ? ? 
covale6  covale both ? A MSE 74  C ? ? ? 1_555 A LYS 75  N ? ? A MSE 74  A LYS 75  1_555 ? ? ? ? ? ? ? 1.331 ? ? 
covale7  covale both ? A HIS 135 C ? ? ? 1_555 A MSE 136 N ? ? A HIS 135 A MSE 136 1_555 ? ? ? ? ? ? ? 1.328 ? ? 
covale8  covale both ? A MSE 136 C ? ? ? 1_555 A ALA 137 N ? ? A MSE 136 A ALA 137 1_555 ? ? ? ? ? ? ? 1.321 ? ? 
covale9  covale both ? A PRO 144 C ? ? ? 1_555 A MSE 145 N ? ? A PRO 144 A MSE 145 1_555 ? ? ? ? ? ? ? 1.313 ? ? 
covale10 covale both ? A MSE 145 C ? ? ? 1_555 A TYR 146 N ? ? A MSE 145 A TYR 146 1_555 ? ? ? ? ? ? ? 1.330 ? ? 
# 
_struct_conn_type.id          covale 
_struct_conn_type.criteria    ? 
_struct_conn_type.reference   ? 
# 
loop_
_pdbx_modification_feature.ordinal 
_pdbx_modification_feature.label_comp_id 
_pdbx_modification_feature.label_asym_id 
_pdbx_modification_feature.label_seq_id 
_pdbx_modification_feature.label_alt_id 
_pdbx_modification_feature.modified_residue_label_comp_id 
_pdbx_modification_feature.modified_residue_label_asym_id 
_pdbx_modification_feature.modified_residue_label_seq_id 
_pdbx_modification_feature.modified_residue_label_alt_id 
_pdbx_modification_feature.auth_comp_id 
_pdbx_modification_feature.auth_asym_id 
_pdbx_modification_feature.auth_seq_id 
_pdbx_modification_feature.PDB_ins_code 
_pdbx_modification_feature.symmetry 
_pdbx_modification_feature.modified_residue_auth_comp_id 
_pdbx_modification_feature.modified_residue_auth_asym_id 
_pdbx_modification_feature.modified_residue_auth_seq_id 
_pdbx_modification_feature.modified_residue_PDB_ins_code 
_pdbx_modification_feature.modified_residue_symmetry 
_pdbx_modification_feature.comp_id_linking_atom 
_pdbx_modification_feature.modified_residue_id_linking_atom 
_pdbx_modification_feature.modified_residue_id 
_pdbx_modification_feature.ref_pcm_id 
_pdbx_modification_feature.ref_comp_id 
_pdbx_modification_feature.type 
_pdbx_modification_feature.category 
1 MSE A 44  ? . . . . MSE A 44  ? 1_555 . . . . . . . MET 1 MSE Selenomethionine 'Named protein modification' 
2 MSE A 49  ? . . . . MSE A 49  ? 1_555 . . . . . . . MET 1 MSE Selenomethionine 'Named protein modification' 
3 MSE A 74  ? . . . . MSE A 74  ? 1_555 . . . . . . . MET 1 MSE Selenomethionine 'Named protein modification' 
4 MSE A 136 ? . . . . MSE A 136 ? 1_555 . . . . . . . MET 1 MSE Selenomethionine 'Named protein modification' 
5 MSE A 145 ? . . . . MSE A 145 ? 1_555 . . . . . . . MET 1 MSE Selenomethionine 'Named protein modification' 
# 
loop_
_struct_site.id 
_struct_site.pdbx_evidence_code 
_struct_site.pdbx_auth_asym_id 
_struct_site.pdbx_auth_comp_id 
_struct_site.pdbx_auth_seq_id 
_struct_site.pdbx_auth_ins_code 
_struct_site.pdbx_num_residues 
_struct_site.details 
AC1 Software A SVR 158 ? 22 'BINDING SITE FOR RESIDUE SVR A 158' 
AC2 Software A SVR 159 ? 7  'BINDING SITE FOR RESIDUE SVR A 159' 
AC3 Software A CL  160 ? 3  'BINDING SITE FOR RESIDUE CL A 160'  
# 
loop_
_struct_site_gen.id 
_struct_site_gen.site_id 
_struct_site_gen.pdbx_num_res 
_struct_site_gen.label_comp_id 
_struct_site_gen.label_asym_id 
_struct_site_gen.label_seq_id 
_struct_site_gen.pdbx_auth_ins_code 
_struct_site_gen.auth_comp_id 
_struct_site_gen.auth_asym_id 
_struct_site_gen.auth_seq_id 
_struct_site_gen.label_atom_id 
_struct_site_gen.label_alt_id 
_struct_site_gen.symmetry 
_struct_site_gen.details 
1  AC1 22 TYR A 48  ? TYR A 48  . ? 1_555 ? 
2  AC1 22 GLN A 51  ? GLN A 51  . ? 1_555 ? 
3  AC1 22 VAL A 52  ? VAL A 52  . ? 1_555 ? 
4  AC1 22 PRO A 53  ? PRO A 53  . ? 1_555 ? 
5  AC1 22 GLY A 59  ? GLY A 59  . ? 4_655 ? 
6  AC1 22 LEU A 61  ? LEU A 61  . ? 4_655 ? 
7  AC1 22 PRO A 63  ? PRO A 63  . ? 4_655 ? 
8  AC1 22 GLY A 79  ? GLY A 79  . ? 1_555 ? 
9  AC1 22 GLN A 80  ? GLN A 80  . ? 1_555 ? 
10 AC1 22 PRO A 81  ? PRO A 81  . ? 1_555 ? 
11 AC1 22 ARG A 106 ? ARG A 106 . ? 4_655 ? 
12 AC1 22 ASP A 108 ? ASP A 108 . ? 4_655 ? 
13 AC1 22 HIS A 112 ? HIS A 112 . ? 4_655 ? 
14 AC1 22 TRP A 140 ? TRP A 140 . ? 1_555 ? 
15 AC1 22 TYR A 146 ? TYR A 146 . ? 1_555 ? 
16 AC1 22 ILE A 150 ? ILE A 150 . ? 1_555 ? 
17 AC1 22 ASP A 151 ? ASP A 151 . ? 1_555 ? 
18 AC1 22 PRO A 152 ? PRO A 152 . ? 1_555 ? 
19 AC1 22 ILE A 153 ? ILE A 153 . ? 1_555 ? 
20 AC1 22 HOH E .   ? HOH A 176 . ? 4_655 ? 
21 AC1 22 HOH E .   ? HOH A 189 . ? 1_555 ? 
22 AC1 22 HOH E .   ? HOH A 207 . ? 1_555 ? 
23 AC2 7  ARG A 58  ? ARG A 58  . ? 2_654 ? 
24 AC2 7  HIS A 112 ? HIS A 112 . ? 4_655 ? 
25 AC2 7  THR A 114 ? THR A 114 . ? 2_654 ? 
26 AC2 7  LYS A 115 ? LYS A 115 . ? 4_655 ? 
27 AC2 7  ALA A 118 ? ALA A 118 . ? 4_655 ? 
28 AC2 7  LEU A 122 ? LEU A 122 . ? 2_654 ? 
29 AC2 7  PHE A 154 ? PHE A 154 . ? 1_555 ? 
30 AC3 3  PHE A 64  ? PHE A 64  . ? 1_555 ? 
31 AC3 3  THR A 65  ? THR A 65  . ? 1_555 ? 
32 AC3 3  GLY A 69  ? GLY A 69  . ? 1_555 ? 
# 
_pdbx_entry_details.entry_id                   3GAN 
_pdbx_entry_details.compound_details           ? 
_pdbx_entry_details.source_details             ? 
_pdbx_entry_details.nonpolymer_details         ? 
_pdbx_entry_details.sequence_details           ? 
_pdbx_entry_details.has_ligand_of_interest     ? 
_pdbx_entry_details.has_protein_modification   Y 
# 
_pdbx_validate_close_contact.id               1 
_pdbx_validate_close_contact.PDB_model_num    1 
_pdbx_validate_close_contact.auth_atom_id_1   O 
_pdbx_validate_close_contact.auth_asym_id_1   A 
_pdbx_validate_close_contact.auth_comp_id_1   HOH 
_pdbx_validate_close_contact.auth_seq_id_1    170 
_pdbx_validate_close_contact.PDB_ins_code_1   ? 
_pdbx_validate_close_contact.label_alt_id_1   ? 
_pdbx_validate_close_contact.auth_atom_id_2   O 
_pdbx_validate_close_contact.auth_asym_id_2   A 
_pdbx_validate_close_contact.auth_comp_id_2   HOH 
_pdbx_validate_close_contact.auth_seq_id_2    213 
_pdbx_validate_close_contact.PDB_ins_code_2   ? 
_pdbx_validate_close_contact.label_alt_id_2   ? 
_pdbx_validate_close_contact.dist             2.19 
# 
_pdbx_validate_rmsd_angle.id                         1 
_pdbx_validate_rmsd_angle.PDB_model_num              1 
_pdbx_validate_rmsd_angle.auth_atom_id_1             CB 
_pdbx_validate_rmsd_angle.auth_asym_id_1             A 
_pdbx_validate_rmsd_angle.auth_comp_id_1             LEU 
_pdbx_validate_rmsd_angle.auth_seq_id_1              89 
_pdbx_validate_rmsd_angle.PDB_ins_code_1             ? 
_pdbx_validate_rmsd_angle.label_alt_id_1             ? 
_pdbx_validate_rmsd_angle.auth_atom_id_2             CG 
_pdbx_validate_rmsd_angle.auth_asym_id_2             A 
_pdbx_validate_rmsd_angle.auth_comp_id_2             LEU 
_pdbx_validate_rmsd_angle.auth_seq_id_2              89 
_pdbx_validate_rmsd_angle.PDB_ins_code_2             ? 
_pdbx_validate_rmsd_angle.label_alt_id_2             ? 
_pdbx_validate_rmsd_angle.auth_atom_id_3             CD1 
_pdbx_validate_rmsd_angle.auth_asym_id_3             A 
_pdbx_validate_rmsd_angle.auth_comp_id_3             LEU 
_pdbx_validate_rmsd_angle.auth_seq_id_3              89 
_pdbx_validate_rmsd_angle.PDB_ins_code_3             ? 
_pdbx_validate_rmsd_angle.label_alt_id_3             ? 
_pdbx_validate_rmsd_angle.angle_value                100.06 
_pdbx_validate_rmsd_angle.angle_target_value         111.00 
_pdbx_validate_rmsd_angle.angle_deviation            -10.94 
_pdbx_validate_rmsd_angle.angle_standard_deviation   1.70 
_pdbx_validate_rmsd_angle.linker_flag                N 
# 
_pdbx_SG_project.id                    1 
_pdbx_SG_project.project_name          'PSI, Protein Structure Initiative' 
_pdbx_SG_project.full_name_of_center   'Center for Eukaryotic Structural Genomics' 
_pdbx_SG_project.initial_of_center     CESG 
# 
loop_
_pdbx_struct_mod_residue.id 
_pdbx_struct_mod_residue.label_asym_id 
_pdbx_struct_mod_residue.label_comp_id 
_pdbx_struct_mod_residue.label_seq_id 
_pdbx_struct_mod_residue.auth_asym_id 
_pdbx_struct_mod_residue.auth_comp_id 
_pdbx_struct_mod_residue.auth_seq_id 
_pdbx_struct_mod_residue.PDB_ins_code 
_pdbx_struct_mod_residue.parent_comp_id 
_pdbx_struct_mod_residue.details 
1 A MSE 44  A MSE 44  ? MET SELENOMETHIONINE 
2 A MSE 49  A MSE 49  ? MET SELENOMETHIONINE 
3 A MSE 74  A MSE 74  ? MET SELENOMETHIONINE 
4 A MSE 136 A MSE 136 ? MET SELENOMETHIONINE 
5 A MSE 145 A MSE 145 ? MET SELENOMETHIONINE 
# 
_pdbx_phasing_MR.entry_id                     3GAN 
_pdbx_phasing_MR.method_rotation              ? 
_pdbx_phasing_MR.method_translation           ? 
_pdbx_phasing_MR.model_details                ? 
_pdbx_phasing_MR.R_factor                     0.458 
_pdbx_phasing_MR.R_rigid_body                 ? 
_pdbx_phasing_MR.correlation_coeff_Fo_to_Fc   0.513 
_pdbx_phasing_MR.correlation_coeff_Io_to_Ic   ? 
_pdbx_phasing_MR.d_res_high_rotation          3.000 
_pdbx_phasing_MR.d_res_low_rotation           44.110 
_pdbx_phasing_MR.d_res_high_translation       3.000 
_pdbx_phasing_MR.d_res_low_translation        44.110 
_pdbx_phasing_MR.packing                      ? 
_pdbx_phasing_MR.reflns_percent_rotation      ? 
_pdbx_phasing_MR.reflns_percent_translation   ? 
_pdbx_phasing_MR.sigma_F_rotation             ? 
_pdbx_phasing_MR.sigma_F_translation          ? 
_pdbx_phasing_MR.sigma_I_rotation             ? 
_pdbx_phasing_MR.sigma_I_translation          ? 
# 
_pdbx_phasing_dm.entry_id   3GAN 
_pdbx_phasing_dm.method     'Solvent flattening  and Histogram matching' 
_pdbx_phasing_dm.reflns     12461 
# 
loop_
_pdbx_phasing_dm_shell.d_res_high 
_pdbx_phasing_dm_shell.d_res_low 
_pdbx_phasing_dm_shell.delta_phi_final 
_pdbx_phasing_dm_shell.delta_phi_initial 
_pdbx_phasing_dm_shell.fom_acentric 
_pdbx_phasing_dm_shell.fom_centric 
_pdbx_phasing_dm_shell.fom 
_pdbx_phasing_dm_shell.reflns_acentric 
_pdbx_phasing_dm_shell.reflns_centric 
_pdbx_phasing_dm_shell.reflns 
6.090 100.000 30.800 ? ? ? 0.554 ? ? 504 
4.770 6.090   34.700 ? ? ? 0.847 ? ? 508 
4.130 4.770   25.400 ? ? ? 0.912 ? ? 510 
3.740 4.130   30.600 ? ? ? 0.910 ? ? 507 
3.460 3.740   31.200 ? ? ? 0.884 ? ? 505 
3.240 3.460   31.300 ? ? ? 0.889 ? ? 516 
3.080 3.240   33.800 ? ? ? 0.885 ? ? 506 
2.940 3.080   36.000 ? ? ? 0.851 ? ? 509 
2.820 2.940   35.200 ? ? ? 0.882 ? ? 525 
2.720 2.820   39.300 ? ? ? 0.882 ? ? 505 
2.630 2.720   37.800 ? ? ? 0.862 ? ? 525 
2.550 2.630   34.900 ? ? ? 0.855 ? ? 519 
2.480 2.550   34.800 ? ? ? 0.882 ? ? 522 
2.420 2.480   36.300 ? ? ? 0.876 ? ? 508 
2.360 2.420   36.500 ? ? ? 0.873 ? ? 544 
2.310 2.360   38.400 ? ? ? 0.878 ? ? 524 
2.260 2.310   36.100 ? ? ? 0.891 ? ? 553 
2.210 2.260   35.400 ? ? ? 0.879 ? ? 559 
2.160 2.210   36.000 ? ? ? 0.886 ? ? 573 
2.120 2.160   37.000 ? ? ? 0.894 ? ? 587 
2.080 2.120   39.300 ? ? ? 0.885 ? ? 578 
2.050 2.080   40.700 ? ? ? 0.850 ? ? 629 
2.000 2.050   44.500 ? ? ? 0.841 ? ? 745 
# 
_phasing.method   MR 
# 
loop_
_pdbx_unobs_or_zero_occ_residues.id 
_pdbx_unobs_or_zero_occ_residues.PDB_model_num 
_pdbx_unobs_or_zero_occ_residues.polymer_flag 
_pdbx_unobs_or_zero_occ_residues.occupancy_flag 
_pdbx_unobs_or_zero_occ_residues.auth_asym_id 
_pdbx_unobs_or_zero_occ_residues.auth_comp_id 
_pdbx_unobs_or_zero_occ_residues.auth_seq_id 
_pdbx_unobs_or_zero_occ_residues.PDB_ins_code 
_pdbx_unobs_or_zero_occ_residues.label_asym_id 
_pdbx_unobs_or_zero_occ_residues.label_comp_id 
_pdbx_unobs_or_zero_occ_residues.label_seq_id 
1  1 Y 1 A SER 1   ? A SER 1   
2  1 Y 1 A GLU 2   ? A GLU 2   
3  1 Y 1 A LEU 3   ? A LEU 3   
4  1 Y 1 A ARG 4   ? A ARG 4   
5  1 Y 1 A PRO 5   ? A PRO 5   
6  1 Y 1 A SER 6   ? A SER 6   
7  1 Y 1 A GLY 7   ? A GLY 7   
8  1 Y 1 A ASP 8   ? A ASP 8   
9  1 Y 1 A SER 9   ? A SER 9   
10 1 Y 1 A GLY 10  ? A GLY 10  
11 1 Y 1 A SER 11  ? A SER 11  
12 1 Y 1 A SER 12  ? A SER 12  
13 1 Y 1 A ASP 13  ? A ASP 13  
14 1 Y 1 A VAL 14  ? A VAL 14  
15 1 Y 1 A ASP 15  ? A ASP 15  
16 1 Y 1 A ALA 16  ? A ALA 16  
17 1 Y 1 A GLU 17  ? A GLU 17  
18 1 Y 1 A ILE 18  ? A ILE 18  
19 1 Y 1 A SER 19  ? A SER 19  
20 1 Y 1 A ASP 20  ? A ASP 20  
21 1 Y 1 A GLY 21  ? A GLY 21  
22 1 Y 1 A PHE 22  ? A PHE 22  
23 1 Y 1 A SER 23  ? A SER 23  
24 1 Y 1 A PRO 24  ? A PRO 24  
25 1 Y 1 A LEU 25  ? A LEU 25  
26 1 Y 1 A ASP 26  ? A ASP 26  
27 1 Y 1 A THR 27  ? A THR 27  
28 1 Y 1 A SER 28  ? A SER 28  
29 1 Y 1 A HIS 29  ? A HIS 29  
30 1 Y 1 A ARG 30  ? A ARG 30  
31 1 Y 1 A ASP 31  ? A ASP 31  
32 1 Y 1 A VAL 32  ? A VAL 32  
33 1 Y 1 A ALA 33  ? A ALA 33  
34 1 Y 1 A ASP 34  ? A ASP 34  
35 1 Y 1 A GLU 35  ? A GLU 35  
36 1 Y 1 A GLY 36  ? A GLY 36  
37 1 Y 1 A GLY 99  ? A GLY 99  
38 1 Y 1 A THR 100 ? A THR 100 
39 1 Y 1 A ASP 101 ? A ASP 101 
40 1 Y 1 A SER 102 ? A SER 102 
41 1 Y 1 A GLU 103 ? A GLU 103 
42 1 Y 1 A GLU 104 ? A GLU 104 
43 1 Y 1 A GLU 156 ? A GLU 156 
44 1 Y 1 A LYS 157 ? A LYS 157 
# 
loop_
_chem_comp_atom.comp_id 
_chem_comp_atom.atom_id 
_chem_comp_atom.type_symbol 
_chem_comp_atom.pdbx_aromatic_flag 
_chem_comp_atom.pdbx_stereo_config 
_chem_comp_atom.pdbx_ordinal 
ALA N    N  N N 1   
ALA CA   C  N S 2   
ALA C    C  N N 3   
ALA O    O  N N 4   
ALA CB   C  N N 5   
ALA OXT  O  N N 6   
ALA H    H  N N 7   
ALA H2   H  N N 8   
ALA HA   H  N N 9   
ALA HB1  H  N N 10  
ALA HB2  H  N N 11  
ALA HB3  H  N N 12  
ALA HXT  H  N N 13  
ARG N    N  N N 14  
ARG CA   C  N S 15  
ARG C    C  N N 16  
ARG O    O  N N 17  
ARG CB   C  N N 18  
ARG CG   C  N N 19  
ARG CD   C  N N 20  
ARG NE   N  N N 21  
ARG CZ   C  N N 22  
ARG NH1  N  N N 23  
ARG NH2  N  N N 24  
ARG OXT  O  N N 25  
ARG H    H  N N 26  
ARG H2   H  N N 27  
ARG HA   H  N N 28  
ARG HB2  H  N N 29  
ARG HB3  H  N N 30  
ARG HG2  H  N N 31  
ARG HG3  H  N N 32  
ARG HD2  H  N N 33  
ARG HD3  H  N N 34  
ARG HE   H  N N 35  
ARG HH11 H  N N 36  
ARG HH12 H  N N 37  
ARG HH21 H  N N 38  
ARG HH22 H  N N 39  
ARG HXT  H  N N 40  
ASN N    N  N N 41  
ASN CA   C  N S 42  
ASN C    C  N N 43  
ASN O    O  N N 44  
ASN CB   C  N N 45  
ASN CG   C  N N 46  
ASN OD1  O  N N 47  
ASN ND2  N  N N 48  
ASN OXT  O  N N 49  
ASN H    H  N N 50  
ASN H2   H  N N 51  
ASN HA   H  N N 52  
ASN HB2  H  N N 53  
ASN HB3  H  N N 54  
ASN HD21 H  N N 55  
ASN HD22 H  N N 56  
ASN HXT  H  N N 57  
ASP N    N  N N 58  
ASP CA   C  N S 59  
ASP C    C  N N 60  
ASP O    O  N N 61  
ASP CB   C  N N 62  
ASP CG   C  N N 63  
ASP OD1  O  N N 64  
ASP OD2  O  N N 65  
ASP OXT  O  N N 66  
ASP H    H  N N 67  
ASP H2   H  N N 68  
ASP HA   H  N N 69  
ASP HB2  H  N N 70  
ASP HB3  H  N N 71  
ASP HD2  H  N N 72  
ASP HXT  H  N N 73  
CL  CL   CL N N 74  
GLN N    N  N N 75  
GLN CA   C  N S 76  
GLN C    C  N N 77  
GLN O    O  N N 78  
GLN CB   C  N N 79  
GLN CG   C  N N 80  
GLN CD   C  N N 81  
GLN OE1  O  N N 82  
GLN NE2  N  N N 83  
GLN OXT  O  N N 84  
GLN H    H  N N 85  
GLN H2   H  N N 86  
GLN HA   H  N N 87  
GLN HB2  H  N N 88  
GLN HB3  H  N N 89  
GLN HG2  H  N N 90  
GLN HG3  H  N N 91  
GLN HE21 H  N N 92  
GLN HE22 H  N N 93  
GLN HXT  H  N N 94  
GLU N    N  N N 95  
GLU CA   C  N S 96  
GLU C    C  N N 97  
GLU O    O  N N 98  
GLU CB   C  N N 99  
GLU CG   C  N N 100 
GLU CD   C  N N 101 
GLU OE1  O  N N 102 
GLU OE2  O  N N 103 
GLU OXT  O  N N 104 
GLU H    H  N N 105 
GLU H2   H  N N 106 
GLU HA   H  N N 107 
GLU HB2  H  N N 108 
GLU HB3  H  N N 109 
GLU HG2  H  N N 110 
GLU HG3  H  N N 111 
GLU HE2  H  N N 112 
GLU HXT  H  N N 113 
GLY N    N  N N 114 
GLY CA   C  N N 115 
GLY C    C  N N 116 
GLY O    O  N N 117 
GLY OXT  O  N N 118 
GLY H    H  N N 119 
GLY H2   H  N N 120 
GLY HA2  H  N N 121 
GLY HA3  H  N N 122 
GLY HXT  H  N N 123 
HIS N    N  N N 124 
HIS CA   C  N S 125 
HIS C    C  N N 126 
HIS O    O  N N 127 
HIS CB   C  N N 128 
HIS CG   C  Y N 129 
HIS ND1  N  Y N 130 
HIS CD2  C  Y N 131 
HIS CE1  C  Y N 132 
HIS NE2  N  Y N 133 
HIS OXT  O  N N 134 
HIS H    H  N N 135 
HIS H2   H  N N 136 
HIS HA   H  N N 137 
HIS HB2  H  N N 138 
HIS HB3  H  N N 139 
HIS HD1  H  N N 140 
HIS HD2  H  N N 141 
HIS HE1  H  N N 142 
HIS HE2  H  N N 143 
HIS HXT  H  N N 144 
HOH O    O  N N 145 
HOH H1   H  N N 146 
HOH H2   H  N N 147 
ILE N    N  N N 148 
ILE CA   C  N S 149 
ILE C    C  N N 150 
ILE O    O  N N 151 
ILE CB   C  N S 152 
ILE CG1  C  N N 153 
ILE CG2  C  N N 154 
ILE CD1  C  N N 155 
ILE OXT  O  N N 156 
ILE H    H  N N 157 
ILE H2   H  N N 158 
ILE HA   H  N N 159 
ILE HB   H  N N 160 
ILE HG12 H  N N 161 
ILE HG13 H  N N 162 
ILE HG21 H  N N 163 
ILE HG22 H  N N 164 
ILE HG23 H  N N 165 
ILE HD11 H  N N 166 
ILE HD12 H  N N 167 
ILE HD13 H  N N 168 
ILE HXT  H  N N 169 
LEU N    N  N N 170 
LEU CA   C  N S 171 
LEU C    C  N N 172 
LEU O    O  N N 173 
LEU CB   C  N N 174 
LEU CG   C  N N 175 
LEU CD1  C  N N 176 
LEU CD2  C  N N 177 
LEU OXT  O  N N 178 
LEU H    H  N N 179 
LEU H2   H  N N 180 
LEU HA   H  N N 181 
LEU HB2  H  N N 182 
LEU HB3  H  N N 183 
LEU HG   H  N N 184 
LEU HD11 H  N N 185 
LEU HD12 H  N N 186 
LEU HD13 H  N N 187 
LEU HD21 H  N N 188 
LEU HD22 H  N N 189 
LEU HD23 H  N N 190 
LEU HXT  H  N N 191 
LYS N    N  N N 192 
LYS CA   C  N S 193 
LYS C    C  N N 194 
LYS O    O  N N 195 
LYS CB   C  N N 196 
LYS CG   C  N N 197 
LYS CD   C  N N 198 
LYS CE   C  N N 199 
LYS NZ   N  N N 200 
LYS OXT  O  N N 201 
LYS H    H  N N 202 
LYS H2   H  N N 203 
LYS HA   H  N N 204 
LYS HB2  H  N N 205 
LYS HB3  H  N N 206 
LYS HG2  H  N N 207 
LYS HG3  H  N N 208 
LYS HD2  H  N N 209 
LYS HD3  H  N N 210 
LYS HE2  H  N N 211 
LYS HE3  H  N N 212 
LYS HZ1  H  N N 213 
LYS HZ2  H  N N 214 
LYS HZ3  H  N N 215 
LYS HXT  H  N N 216 
MSE N    N  N N 217 
MSE CA   C  N S 218 
MSE C    C  N N 219 
MSE O    O  N N 220 
MSE OXT  O  N N 221 
MSE CB   C  N N 222 
MSE CG   C  N N 223 
MSE SE   SE N N 224 
MSE CE   C  N N 225 
MSE H    H  N N 226 
MSE H2   H  N N 227 
MSE HA   H  N N 228 
MSE HXT  H  N N 229 
MSE HB2  H  N N 230 
MSE HB3  H  N N 231 
MSE HG2  H  N N 232 
MSE HG3  H  N N 233 
MSE HE1  H  N N 234 
MSE HE2  H  N N 235 
MSE HE3  H  N N 236 
PHE N    N  N N 237 
PHE CA   C  N S 238 
PHE C    C  N N 239 
PHE O    O  N N 240 
PHE CB   C  N N 241 
PHE CG   C  Y N 242 
PHE CD1  C  Y N 243 
PHE CD2  C  Y N 244 
PHE CE1  C  Y N 245 
PHE CE2  C  Y N 246 
PHE CZ   C  Y N 247 
PHE OXT  O  N N 248 
PHE H    H  N N 249 
PHE H2   H  N N 250 
PHE HA   H  N N 251 
PHE HB2  H  N N 252 
PHE HB3  H  N N 253 
PHE HD1  H  N N 254 
PHE HD2  H  N N 255 
PHE HE1  H  N N 256 
PHE HE2  H  N N 257 
PHE HZ   H  N N 258 
PHE HXT  H  N N 259 
PRO N    N  N N 260 
PRO CA   C  N S 261 
PRO C    C  N N 262 
PRO O    O  N N 263 
PRO CB   C  N N 264 
PRO CG   C  N N 265 
PRO CD   C  N N 266 
PRO OXT  O  N N 267 
PRO H    H  N N 268 
PRO HA   H  N N 269 
PRO HB2  H  N N 270 
PRO HB3  H  N N 271 
PRO HG2  H  N N 272 
PRO HG3  H  N N 273 
PRO HD2  H  N N 274 
PRO HD3  H  N N 275 
PRO HXT  H  N N 276 
SER N    N  N N 277 
SER CA   C  N S 278 
SER C    C  N N 279 
SER O    O  N N 280 
SER CB   C  N N 281 
SER OG   O  N N 282 
SER OXT  O  N N 283 
SER H    H  N N 284 
SER H2   H  N N 285 
SER HA   H  N N 286 
SER HB2  H  N N 287 
SER HB3  H  N N 288 
SER HG   H  N N 289 
SER HXT  H  N N 290 
SVR O35  O  N N 291 
SVR S31  S  N N 292 
SVR O36  O  N N 293 
SVR O34  O  N N 294 
SVR C22  C  Y N 295 
SVR C18  C  Y N 296 
SVR C11  C  Y N 297 
SVR S17  S  N N 298 
SVR O23  O  N N 299 
SVR O24  O  N N 300 
SVR O25  O  N N 301 
SVR C16  C  Y N 302 
SVR C10  C  Y N 303 
SVR C15  C  Y N 304 
SVR S21  S  N N 305 
SVR O28  O  N N 306 
SVR O29  O  N N 307 
SVR O30  O  N N 308 
SVR C12  C  Y N 309 
SVR C7   C  Y N 310 
SVR C6   C  Y N 311 
SVR C3   C  Y N 312 
SVR N1   N  N N 313 
SVR C2   C  N N 314 
SVR O4   O  N N 315 
SVR C5   C  Y N 316 
SVR C8   C  Y N 317 
SVR C9   C  Y N 318 
SVR C14  C  Y N 319 
SVR C20  C  Y N 320 
SVR C27  C  N N 321 
SVR C13  C  Y N 322 
SVR N19  N  N N 323 
SVR C26  C  N N 324 
SVR O32  O  N N 325 
SVR C33  C  Y N 326 
SVR C37  C  Y N 327 
SVR C38  C  Y N 328 
SVR C40  C  Y N 329 
SVR C42  C  Y N 330 
SVR C39  C  Y N 331 
SVR N41  N  N N 332 
SVR C43  C  N N 333 
SVR O45  O  N N 334 
SVR N44  N  N N 335 
SVR C46  C  Y N 336 
SVR C47  C  Y N 337 
SVR C48  C  Y N 338 
SVR C50  C  Y N 339 
SVR C52  C  Y N 340 
SVR C49  C  Y N 341 
SVR C51  C  N N 342 
SVR O54  O  N N 343 
SVR N53  N  N N 344 
SVR C55  C  Y N 345 
SVR C56  C  Y N 346 
SVR C57  C  Y N 347 
SVR C59  C  N N 348 
SVR C60  C  Y N 349 
SVR C62  C  Y N 350 
SVR C58  C  Y N 351 
SVR C61  C  N N 352 
SVR O64  O  N N 353 
SVR N63  N  N N 354 
SVR C65  C  Y N 355 
SVR C67  C  Y N 356 
SVR C70  C  Y N 357 
SVR C71  C  Y N 358 
SVR S75  S  N N 359 
SVR O80  O  N N 360 
SVR O81  O  N N 361 
SVR O82  O  N N 362 
SVR C66  C  Y N 363 
SVR C68  C  Y N 364 
SVR C72  C  Y N 365 
SVR C69  C  Y N 366 
SVR S73  S  N N 367 
SVR O77  O  N N 368 
SVR O78  O  N N 369 
SVR O79  O  N N 370 
SVR C74  C  Y N 371 
SVR C76  C  Y N 372 
SVR S83  S  N N 373 
SVR O85  O  N N 374 
SVR O86  O  N N 375 
SVR O84  O  N N 376 
SVR H34  H  N N 377 
SVR H18  H  N N 378 
SVR H25  H  N N 379 
SVR H16  H  N N 380 
SVR H30  H  N N 381 
SVR H12  H  N N 382 
SVR H7   H  N N 383 
SVR HN1  H  N N 384 
SVR H8   H  N N 385 
SVR H9   H  N N 386 
SVR H14  H  N N 387 
SVR H271 H  N N 388 
SVR H272 H  N N 389 
SVR H273 H  N N 390 
SVR H19  H  N N 391 
SVR H37  H  N N 392 
SVR H38  H  N N 393 
SVR H40  H  N N 394 
SVR H42  H  N N 395 
SVR H41  H  N N 396 
SVR H44  H  N N 397 
SVR H47  H  N N 398 
SVR H48  H  N N 399 
SVR H50  H  N N 400 
SVR H52  H  N N 401 
SVR H53  H  N N 402 
SVR H56  H  N N 403 
SVR H591 H  N N 404 
SVR H592 H  N N 405 
SVR H593 H  N N 406 
SVR H60  H  N N 407 
SVR H62  H  N N 408 
SVR H63  H  N N 409 
SVR H67  H  N N 410 
SVR H70  H  N N 411 
SVR H82  H  N N 412 
SVR H72  H  N N 413 
SVR H79  H  N N 414 
SVR H74  H  N N 415 
SVR H85  H  N N 416 
THR N    N  N N 417 
THR CA   C  N S 418 
THR C    C  N N 419 
THR O    O  N N 420 
THR CB   C  N R 421 
THR OG1  O  N N 422 
THR CG2  C  N N 423 
THR OXT  O  N N 424 
THR H    H  N N 425 
THR H2   H  N N 426 
THR HA   H  N N 427 
THR HB   H  N N 428 
THR HG1  H  N N 429 
THR HG21 H  N N 430 
THR HG22 H  N N 431 
THR HG23 H  N N 432 
THR HXT  H  N N 433 
TRP N    N  N N 434 
TRP CA   C  N S 435 
TRP C    C  N N 436 
TRP O    O  N N 437 
TRP CB   C  N N 438 
TRP CG   C  Y N 439 
TRP CD1  C  Y N 440 
TRP CD2  C  Y N 441 
TRP NE1  N  Y N 442 
TRP CE2  C  Y N 443 
TRP CE3  C  Y N 444 
TRP CZ2  C  Y N 445 
TRP CZ3  C  Y N 446 
TRP CH2  C  Y N 447 
TRP OXT  O  N N 448 
TRP H    H  N N 449 
TRP H2   H  N N 450 
TRP HA   H  N N 451 
TRP HB2  H  N N 452 
TRP HB3  H  N N 453 
TRP HD1  H  N N 454 
TRP HE1  H  N N 455 
TRP HE3  H  N N 456 
TRP HZ2  H  N N 457 
TRP HZ3  H  N N 458 
TRP HH2  H  N N 459 
TRP HXT  H  N N 460 
TYR N    N  N N 461 
TYR CA   C  N S 462 
TYR C    C  N N 463 
TYR O    O  N N 464 
TYR CB   C  N N 465 
TYR CG   C  Y N 466 
TYR CD1  C  Y N 467 
TYR CD2  C  Y N 468 
TYR CE1  C  Y N 469 
TYR CE2  C  Y N 470 
TYR CZ   C  Y N 471 
TYR OH   O  N N 472 
TYR OXT  O  N N 473 
TYR H    H  N N 474 
TYR H2   H  N N 475 
TYR HA   H  N N 476 
TYR HB2  H  N N 477 
TYR HB3  H  N N 478 
TYR HD1  H  N N 479 
TYR HD2  H  N N 480 
TYR HE1  H  N N 481 
TYR HE2  H  N N 482 
TYR HH   H  N N 483 
TYR HXT  H  N N 484 
VAL N    N  N N 485 
VAL CA   C  N S 486 
VAL C    C  N N 487 
VAL O    O  N N 488 
VAL CB   C  N N 489 
VAL CG1  C  N N 490 
VAL CG2  C  N N 491 
VAL OXT  O  N N 492 
VAL H    H  N N 493 
VAL H2   H  N N 494 
VAL HA   H  N N 495 
VAL HB   H  N N 496 
VAL HG11 H  N N 497 
VAL HG12 H  N N 498 
VAL HG13 H  N N 499 
VAL HG21 H  N N 500 
VAL HG22 H  N N 501 
VAL HG23 H  N N 502 
VAL HXT  H  N N 503 
# 
loop_
_chem_comp_bond.comp_id 
_chem_comp_bond.atom_id_1 
_chem_comp_bond.atom_id_2 
_chem_comp_bond.value_order 
_chem_comp_bond.pdbx_aromatic_flag 
_chem_comp_bond.pdbx_stereo_config 
_chem_comp_bond.pdbx_ordinal 
ALA N   CA   sing N N 1   
ALA N   H    sing N N 2   
ALA N   H2   sing N N 3   
ALA CA  C    sing N N 4   
ALA CA  CB   sing N N 5   
ALA CA  HA   sing N N 6   
ALA C   O    doub N N 7   
ALA C   OXT  sing N N 8   
ALA CB  HB1  sing N N 9   
ALA CB  HB2  sing N N 10  
ALA CB  HB3  sing N N 11  
ALA OXT HXT  sing N N 12  
ARG N   CA   sing N N 13  
ARG N   H    sing N N 14  
ARG N   H2   sing N N 15  
ARG CA  C    sing N N 16  
ARG CA  CB   sing N N 17  
ARG CA  HA   sing N N 18  
ARG C   O    doub N N 19  
ARG C   OXT  sing N N 20  
ARG CB  CG   sing N N 21  
ARG CB  HB2  sing N N 22  
ARG CB  HB3  sing N N 23  
ARG CG  CD   sing N N 24  
ARG CG  HG2  sing N N 25  
ARG CG  HG3  sing N N 26  
ARG CD  NE   sing N N 27  
ARG CD  HD2  sing N N 28  
ARG CD  HD3  sing N N 29  
ARG NE  CZ   sing N N 30  
ARG NE  HE   sing N N 31  
ARG CZ  NH1  sing N N 32  
ARG CZ  NH2  doub N N 33  
ARG NH1 HH11 sing N N 34  
ARG NH1 HH12 sing N N 35  
ARG NH2 HH21 sing N N 36  
ARG NH2 HH22 sing N N 37  
ARG OXT HXT  sing N N 38  
ASN N   CA   sing N N 39  
ASN N   H    sing N N 40  
ASN N   H2   sing N N 41  
ASN CA  C    sing N N 42  
ASN CA  CB   sing N N 43  
ASN CA  HA   sing N N 44  
ASN C   O    doub N N 45  
ASN C   OXT  sing N N 46  
ASN CB  CG   sing N N 47  
ASN CB  HB2  sing N N 48  
ASN CB  HB3  sing N N 49  
ASN CG  OD1  doub N N 50  
ASN CG  ND2  sing N N 51  
ASN ND2 HD21 sing N N 52  
ASN ND2 HD22 sing N N 53  
ASN OXT HXT  sing N N 54  
ASP N   CA   sing N N 55  
ASP N   H    sing N N 56  
ASP N   H2   sing N N 57  
ASP CA  C    sing N N 58  
ASP CA  CB   sing N N 59  
ASP CA  HA   sing N N 60  
ASP C   O    doub N N 61  
ASP C   OXT  sing N N 62  
ASP CB  CG   sing N N 63  
ASP CB  HB2  sing N N 64  
ASP CB  HB3  sing N N 65  
ASP CG  OD1  doub N N 66  
ASP CG  OD2  sing N N 67  
ASP OD2 HD2  sing N N 68  
ASP OXT HXT  sing N N 69  
GLN N   CA   sing N N 70  
GLN N   H    sing N N 71  
GLN N   H2   sing N N 72  
GLN CA  C    sing N N 73  
GLN CA  CB   sing N N 74  
GLN CA  HA   sing N N 75  
GLN C   O    doub N N 76  
GLN C   OXT  sing N N 77  
GLN CB  CG   sing N N 78  
GLN CB  HB2  sing N N 79  
GLN CB  HB3  sing N N 80  
GLN CG  CD   sing N N 81  
GLN CG  HG2  sing N N 82  
GLN CG  HG3  sing N N 83  
GLN CD  OE1  doub N N 84  
GLN CD  NE2  sing N N 85  
GLN NE2 HE21 sing N N 86  
GLN NE2 HE22 sing N N 87  
GLN OXT HXT  sing N N 88  
GLU N   CA   sing N N 89  
GLU N   H    sing N N 90  
GLU N   H2   sing N N 91  
GLU CA  C    sing N N 92  
GLU CA  CB   sing N N 93  
GLU CA  HA   sing N N 94  
GLU C   O    doub N N 95  
GLU C   OXT  sing N N 96  
GLU CB  CG   sing N N 97  
GLU CB  HB2  sing N N 98  
GLU CB  HB3  sing N N 99  
GLU CG  CD   sing N N 100 
GLU CG  HG2  sing N N 101 
GLU CG  HG3  sing N N 102 
GLU CD  OE1  doub N N 103 
GLU CD  OE2  sing N N 104 
GLU OE2 HE2  sing N N 105 
GLU OXT HXT  sing N N 106 
GLY N   CA   sing N N 107 
GLY N   H    sing N N 108 
GLY N   H2   sing N N 109 
GLY CA  C    sing N N 110 
GLY CA  HA2  sing N N 111 
GLY CA  HA3  sing N N 112 
GLY C   O    doub N N 113 
GLY C   OXT  sing N N 114 
GLY OXT HXT  sing N N 115 
HIS N   CA   sing N N 116 
HIS N   H    sing N N 117 
HIS N   H2   sing N N 118 
HIS CA  C    sing N N 119 
HIS CA  CB   sing N N 120 
HIS CA  HA   sing N N 121 
HIS C   O    doub N N 122 
HIS C   OXT  sing N N 123 
HIS CB  CG   sing N N 124 
HIS CB  HB2  sing N N 125 
HIS CB  HB3  sing N N 126 
HIS CG  ND1  sing Y N 127 
HIS CG  CD2  doub Y N 128 
HIS ND1 CE1  doub Y N 129 
HIS ND1 HD1  sing N N 130 
HIS CD2 NE2  sing Y N 131 
HIS CD2 HD2  sing N N 132 
HIS CE1 NE2  sing Y N 133 
HIS CE1 HE1  sing N N 134 
HIS NE2 HE2  sing N N 135 
HIS OXT HXT  sing N N 136 
HOH O   H1   sing N N 137 
HOH O   H2   sing N N 138 
ILE N   CA   sing N N 139 
ILE N   H    sing N N 140 
ILE N   H2   sing N N 141 
ILE CA  C    sing N N 142 
ILE CA  CB   sing N N 143 
ILE CA  HA   sing N N 144 
ILE C   O    doub N N 145 
ILE C   OXT  sing N N 146 
ILE CB  CG1  sing N N 147 
ILE CB  CG2  sing N N 148 
ILE CB  HB   sing N N 149 
ILE CG1 CD1  sing N N 150 
ILE CG1 HG12 sing N N 151 
ILE CG1 HG13 sing N N 152 
ILE CG2 HG21 sing N N 153 
ILE CG2 HG22 sing N N 154 
ILE CG2 HG23 sing N N 155 
ILE CD1 HD11 sing N N 156 
ILE CD1 HD12 sing N N 157 
ILE CD1 HD13 sing N N 158 
ILE OXT HXT  sing N N 159 
LEU N   CA   sing N N 160 
LEU N   H    sing N N 161 
LEU N   H2   sing N N 162 
LEU CA  C    sing N N 163 
LEU CA  CB   sing N N 164 
LEU CA  HA   sing N N 165 
LEU C   O    doub N N 166 
LEU C   OXT  sing N N 167 
LEU CB  CG   sing N N 168 
LEU CB  HB2  sing N N 169 
LEU CB  HB3  sing N N 170 
LEU CG  CD1  sing N N 171 
LEU CG  CD2  sing N N 172 
LEU CG  HG   sing N N 173 
LEU CD1 HD11 sing N N 174 
LEU CD1 HD12 sing N N 175 
LEU CD1 HD13 sing N N 176 
LEU CD2 HD21 sing N N 177 
LEU CD2 HD22 sing N N 178 
LEU CD2 HD23 sing N N 179 
LEU OXT HXT  sing N N 180 
LYS N   CA   sing N N 181 
LYS N   H    sing N N 182 
LYS N   H2   sing N N 183 
LYS CA  C    sing N N 184 
LYS CA  CB   sing N N 185 
LYS CA  HA   sing N N 186 
LYS C   O    doub N N 187 
LYS C   OXT  sing N N 188 
LYS CB  CG   sing N N 189 
LYS CB  HB2  sing N N 190 
LYS CB  HB3  sing N N 191 
LYS CG  CD   sing N N 192 
LYS CG  HG2  sing N N 193 
LYS CG  HG3  sing N N 194 
LYS CD  CE   sing N N 195 
LYS CD  HD2  sing N N 196 
LYS CD  HD3  sing N N 197 
LYS CE  NZ   sing N N 198 
LYS CE  HE2  sing N N 199 
LYS CE  HE3  sing N N 200 
LYS NZ  HZ1  sing N N 201 
LYS NZ  HZ2  sing N N 202 
LYS NZ  HZ3  sing N N 203 
LYS OXT HXT  sing N N 204 
MSE N   CA   sing N N 205 
MSE N   H    sing N N 206 
MSE N   H2   sing N N 207 
MSE CA  C    sing N N 208 
MSE CA  CB   sing N N 209 
MSE CA  HA   sing N N 210 
MSE C   O    doub N N 211 
MSE C   OXT  sing N N 212 
MSE OXT HXT  sing N N 213 
MSE CB  CG   sing N N 214 
MSE CB  HB2  sing N N 215 
MSE CB  HB3  sing N N 216 
MSE CG  SE   sing N N 217 
MSE CG  HG2  sing N N 218 
MSE CG  HG3  sing N N 219 
MSE SE  CE   sing N N 220 
MSE CE  HE1  sing N N 221 
MSE CE  HE2  sing N N 222 
MSE CE  HE3  sing N N 223 
PHE N   CA   sing N N 224 
PHE N   H    sing N N 225 
PHE N   H2   sing N N 226 
PHE CA  C    sing N N 227 
PHE CA  CB   sing N N 228 
PHE CA  HA   sing N N 229 
PHE C   O    doub N N 230 
PHE C   OXT  sing N N 231 
PHE CB  CG   sing N N 232 
PHE CB  HB2  sing N N 233 
PHE CB  HB3  sing N N 234 
PHE CG  CD1  doub Y N 235 
PHE CG  CD2  sing Y N 236 
PHE CD1 CE1  sing Y N 237 
PHE CD1 HD1  sing N N 238 
PHE CD2 CE2  doub Y N 239 
PHE CD2 HD2  sing N N 240 
PHE CE1 CZ   doub Y N 241 
PHE CE1 HE1  sing N N 242 
PHE CE2 CZ   sing Y N 243 
PHE CE2 HE2  sing N N 244 
PHE CZ  HZ   sing N N 245 
PHE OXT HXT  sing N N 246 
PRO N   CA   sing N N 247 
PRO N   CD   sing N N 248 
PRO N   H    sing N N 249 
PRO CA  C    sing N N 250 
PRO CA  CB   sing N N 251 
PRO CA  HA   sing N N 252 
PRO C   O    doub N N 253 
PRO C   OXT  sing N N 254 
PRO CB  CG   sing N N 255 
PRO CB  HB2  sing N N 256 
PRO CB  HB3  sing N N 257 
PRO CG  CD   sing N N 258 
PRO CG  HG2  sing N N 259 
PRO CG  HG3  sing N N 260 
PRO CD  HD2  sing N N 261 
PRO CD  HD3  sing N N 262 
PRO OXT HXT  sing N N 263 
SER N   CA   sing N N 264 
SER N   H    sing N N 265 
SER N   H2   sing N N 266 
SER CA  C    sing N N 267 
SER CA  CB   sing N N 268 
SER CA  HA   sing N N 269 
SER C   O    doub N N 270 
SER C   OXT  sing N N 271 
SER CB  OG   sing N N 272 
SER CB  HB2  sing N N 273 
SER CB  HB3  sing N N 274 
SER OG  HG   sing N N 275 
SER OXT HXT  sing N N 276 
SVR O35 S31  doub N N 277 
SVR S31 O36  doub N N 278 
SVR S31 O34  sing N N 279 
SVR S31 C22  sing N N 280 
SVR O34 H34  sing N N 281 
SVR C22 C18  doub Y N 282 
SVR C22 C16  sing Y N 283 
SVR C18 C11  sing Y N 284 
SVR C18 H18  sing N N 285 
SVR C11 S17  sing N N 286 
SVR C11 C6   doub Y N 287 
SVR S17 O23  doub N N 288 
SVR S17 O24  doub N N 289 
SVR S17 O25  sing N N 290 
SVR O25 H25  sing N N 291 
SVR C16 C10  doub Y N 292 
SVR C16 H16  sing N N 293 
SVR C10 C15  sing Y N 294 
SVR C10 C6   sing Y N 295 
SVR C15 S21  sing N N 296 
SVR C15 C12  doub Y N 297 
SVR S21 O28  doub N N 298 
SVR S21 O29  doub N N 299 
SVR S21 O30  sing N N 300 
SVR O30 H30  sing N N 301 
SVR C12 C7   sing Y N 302 
SVR C12 H12  sing N N 303 
SVR C7  C3   doub Y N 304 
SVR C7  H7   sing N N 305 
SVR C6  C3   sing Y N 306 
SVR C3  N1   sing N N 307 
SVR N1  C2   sing N N 308 
SVR N1  HN1  sing N N 309 
SVR C2  O4   doub N N 310 
SVR C2  C5   sing N N 311 
SVR C5  C8   doub Y N 312 
SVR C5  C9   sing Y N 313 
SVR C8  C13  sing Y N 314 
SVR C8  H8   sing N N 315 
SVR C9  C14  doub Y N 316 
SVR C9  H9   sing N N 317 
SVR C14 C20  sing Y N 318 
SVR C14 H14  sing N N 319 
SVR C20 C27  sing N N 320 
SVR C20 C13  doub Y N 321 
SVR C27 H271 sing N N 322 
SVR C27 H272 sing N N 323 
SVR C27 H273 sing N N 324 
SVR C13 N19  sing N N 325 
SVR N19 C26  sing N N 326 
SVR N19 H19  sing N N 327 
SVR C26 O32  doub N N 328 
SVR C26 C33  sing N N 329 
SVR C33 C37  doub Y N 330 
SVR C33 C38  sing Y N 331 
SVR C37 C39  sing Y N 332 
SVR C37 H37  sing N N 333 
SVR C38 C40  doub Y N 334 
SVR C38 H38  sing N N 335 
SVR C40 C42  sing Y N 336 
SVR C40 H40  sing N N 337 
SVR C42 C39  doub Y N 338 
SVR C42 H42  sing N N 339 
SVR C39 N41  sing N N 340 
SVR N41 C43  sing N N 341 
SVR N41 H41  sing N N 342 
SVR C43 O45  doub N N 343 
SVR C43 N44  sing N N 344 
SVR N44 C46  sing N N 345 
SVR N44 H44  sing N N 346 
SVR C46 C47  doub Y N 347 
SVR C46 C48  sing Y N 348 
SVR C47 C49  sing Y N 349 
SVR C47 H47  sing N N 350 
SVR C48 C50  doub Y N 351 
SVR C48 H48  sing N N 352 
SVR C50 C52  sing Y N 353 
SVR C50 H50  sing N N 354 
SVR C52 C49  doub Y N 355 
SVR C52 H52  sing N N 356 
SVR C49 C51  sing N N 357 
SVR C51 O54  doub N N 358 
SVR C51 N53  sing N N 359 
SVR N53 C55  sing N N 360 
SVR N53 H53  sing N N 361 
SVR C55 C56  doub Y N 362 
SVR C55 C57  sing Y N 363 
SVR C56 C58  sing Y N 364 
SVR C56 H56  sing N N 365 
SVR C57 C59  sing N N 366 
SVR C57 C60  doub Y N 367 
SVR C59 H591 sing N N 368 
SVR C59 H592 sing N N 369 
SVR C59 H593 sing N N 370 
SVR C60 C62  sing Y N 371 
SVR C60 H60  sing N N 372 
SVR C62 C58  doub Y N 373 
SVR C62 H62  sing N N 374 
SVR C58 C61  sing N N 375 
SVR C61 O64  doub N N 376 
SVR C61 N63  sing N N 377 
SVR N63 C65  sing N N 378 
SVR N63 H63  sing N N 379 
SVR C65 C67  doub Y N 380 
SVR C65 C66  sing Y N 381 
SVR C67 C70  sing Y N 382 
SVR C67 H67  sing N N 383 
SVR C70 C71  doub Y N 384 
SVR C70 H70  sing N N 385 
SVR C71 S75  sing N N 386 
SVR C71 C68  sing Y N 387 
SVR S75 O80  doub N N 388 
SVR S75 O81  doub N N 389 
SVR S75 O82  sing N N 390 
SVR O82 H82  sing N N 391 
SVR C66 C68  doub Y N 392 
SVR C66 C69  sing Y N 393 
SVR C68 C72  sing Y N 394 
SVR C72 C76  doub Y N 395 
SVR C72 H72  sing N N 396 
SVR C69 S73  sing N N 397 
SVR C69 C74  doub Y N 398 
SVR S73 O77  doub N N 399 
SVR S73 O78  doub N N 400 
SVR S73 O79  sing N N 401 
SVR O79 H79  sing N N 402 
SVR C74 C76  sing Y N 403 
SVR C74 H74  sing N N 404 
SVR C76 S83  sing N N 405 
SVR S83 O85  sing N N 406 
SVR S83 O86  doub N N 407 
SVR S83 O84  doub N N 408 
SVR O85 H85  sing N N 409 
THR N   CA   sing N N 410 
THR N   H    sing N N 411 
THR N   H2   sing N N 412 
THR CA  C    sing N N 413 
THR CA  CB   sing N N 414 
THR CA  HA   sing N N 415 
THR C   O    doub N N 416 
THR C   OXT  sing N N 417 
THR CB  OG1  sing N N 418 
THR CB  CG2  sing N N 419 
THR CB  HB   sing N N 420 
THR OG1 HG1  sing N N 421 
THR CG2 HG21 sing N N 422 
THR CG2 HG22 sing N N 423 
THR CG2 HG23 sing N N 424 
THR OXT HXT  sing N N 425 
TRP N   CA   sing N N 426 
TRP N   H    sing N N 427 
TRP N   H2   sing N N 428 
TRP CA  C    sing N N 429 
TRP CA  CB   sing N N 430 
TRP CA  HA   sing N N 431 
TRP C   O    doub N N 432 
TRP C   OXT  sing N N 433 
TRP CB  CG   sing N N 434 
TRP CB  HB2  sing N N 435 
TRP CB  HB3  sing N N 436 
TRP CG  CD1  doub Y N 437 
TRP CG  CD2  sing Y N 438 
TRP CD1 NE1  sing Y N 439 
TRP CD1 HD1  sing N N 440 
TRP CD2 CE2  doub Y N 441 
TRP CD2 CE3  sing Y N 442 
TRP NE1 CE2  sing Y N 443 
TRP NE1 HE1  sing N N 444 
TRP CE2 CZ2  sing Y N 445 
TRP CE3 CZ3  doub Y N 446 
TRP CE3 HE3  sing N N 447 
TRP CZ2 CH2  doub Y N 448 
TRP CZ2 HZ2  sing N N 449 
TRP CZ3 CH2  sing Y N 450 
TRP CZ3 HZ3  sing N N 451 
TRP CH2 HH2  sing N N 452 
TRP OXT HXT  sing N N 453 
TYR N   CA   sing N N 454 
TYR N   H    sing N N 455 
TYR N   H2   sing N N 456 
TYR CA  C    sing N N 457 
TYR CA  CB   sing N N 458 
TYR CA  HA   sing N N 459 
TYR C   O    doub N N 460 
TYR C   OXT  sing N N 461 
TYR CB  CG   sing N N 462 
TYR CB  HB2  sing N N 463 
TYR CB  HB3  sing N N 464 
TYR CG  CD1  doub Y N 465 
TYR CG  CD2  sing Y N 466 
TYR CD1 CE1  sing Y N 467 
TYR CD1 HD1  sing N N 468 
TYR CD2 CE2  doub Y N 469 
TYR CD2 HD2  sing N N 470 
TYR CE1 CZ   doub Y N 471 
TYR CE1 HE1  sing N N 472 
TYR CE2 CZ   sing Y N 473 
TYR CE2 HE2  sing N N 474 
TYR CZ  OH   sing N N 475 
TYR OH  HH   sing N N 476 
TYR OXT HXT  sing N N 477 
VAL N   CA   sing N N 478 
VAL N   H    sing N N 479 
VAL N   H2   sing N N 480 
VAL CA  C    sing N N 481 
VAL CA  CB   sing N N 482 
VAL CA  HA   sing N N 483 
VAL C   O    doub N N 484 
VAL C   OXT  sing N N 485 
VAL CB  CG1  sing N N 486 
VAL CB  CG2  sing N N 487 
VAL CB  HB   sing N N 488 
VAL CG1 HG11 sing N N 489 
VAL CG1 HG12 sing N N 490 
VAL CG1 HG13 sing N N 491 
VAL CG2 HG21 sing N N 492 
VAL CG2 HG22 sing N N 493 
VAL CG2 HG23 sing N N 494 
VAL OXT HXT  sing N N 495 
# 
_pdbx_initial_refinement_model.id               1 
_pdbx_initial_refinement_model.entity_id_list   ? 
_pdbx_initial_refinement_model.type             'experimental model' 
_pdbx_initial_refinement_model.source_name      PDB 
_pdbx_initial_refinement_model.accession_code   1VK5 
_pdbx_initial_refinement_model.details          'PDB entry 1VK5' 
# 
_atom_sites.entry_id                    3GAN 
_atom_sites.fract_transf_matrix[1][1]   -0.00003190 
_atom_sites.fract_transf_matrix[1][2]   -0.00729728 
_atom_sites.fract_transf_matrix[1][3]   -0.01838324 
_atom_sites.fract_transf_matrix[2][1]   0.01273343 
_atom_sites.fract_transf_matrix[2][2]   0.00697643 
_atom_sites.fract_transf_matrix[2][3]   -0.01343124 
_atom_sites.fract_transf_matrix[3][1]   0.00739701 
_atom_sites.fract_transf_matrix[3][2]   -0.00766670 
_atom_sites.fract_transf_matrix[3][3]   0.00303048 
_atom_sites.fract_transf_vector[1]      0.713390 
_atom_sites.fract_transf_vector[2]      0.076686 
_atom_sites.fract_transf_vector[3]      0.066268 
# 
loop_
_atom_type.symbol 
C  
CL 
N  
O  
S  
SE 
# 
loop_
_atom_site.group_PDB 
_atom_site.id 
_atom_site.type_symbol 
_atom_site.label_atom_id 
_atom_site.label_alt_id 
_atom_site.label_comp_id 
_atom_site.label_asym_id 
_atom_site.label_entity_id 
_atom_site.label_seq_id 
_atom_site.pdbx_PDB_ins_code 
_atom_site.Cartn_x 
_atom_site.Cartn_y 
_atom_site.Cartn_z 
_atom_site.occupancy 
_atom_site.B_iso_or_equiv 
_atom_site.pdbx_formal_charge 
_atom_site.auth_seq_id 
_atom_site.auth_comp_id 
_atom_site.auth_asym_id 
_atom_site.auth_atom_id 
_atom_site.pdbx_PDB_model_num 
ATOM   1    N  N   . SER A 1 37  ? 5.578   -3.741  -22.959 1.00 55.41  ? 37  SER A N   1 
ATOM   2    C  CA  . SER A 1 37  ? 4.351   -2.891  -22.841 1.00 54.94  ? 37  SER A CA  1 
ATOM   3    C  C   . SER A 1 37  ? 3.822   -2.830  -21.382 1.00 54.03  ? 37  SER A C   1 
ATOM   4    O  O   . SER A 1 37  ? 3.788   -1.732  -20.773 1.00 52.62  ? 37  SER A O   1 
ATOM   5    C  CB  . SER A 1 37  ? 3.259   -3.368  -23.791 1.00 55.57  ? 37  SER A CB  1 
ATOM   6    O  OG  . SER A 1 37  ? 2.536   -2.229  -24.267 1.00 58.15  ? 37  SER A OG  1 
ATOM   7    N  N   . LEU A 1 38  ? 3.411   -4.002  -20.863 1.00 51.93  ? 38  LEU A N   1 
ATOM   8    C  CA  . LEU A 1 38  ? 3.165   -4.201  -19.444 1.00 50.27  ? 38  LEU A CA  1 
ATOM   9    C  C   . LEU A 1 38  ? 4.459   -3.941  -18.760 1.00 49.55  ? 38  LEU A C   1 
ATOM   10   O  O   . LEU A 1 38  ? 4.505   -3.382  -17.659 1.00 49.91  ? 38  LEU A O   1 
ATOM   11   C  CB  . LEU A 1 38  ? 2.806   -5.642  -19.118 1.00 49.74  ? 38  LEU A CB  1 
ATOM   12   C  CG  . LEU A 1 38  ? 1.882   -5.500  -17.937 1.00 49.12  ? 38  LEU A CG  1 
ATOM   13   C  CD1 . LEU A 1 38  ? 1.107   -4.257  -18.210 1.00 48.52  ? 38  LEU A CD1 1 
ATOM   14   C  CD2 . LEU A 1 38  ? 0.910   -6.639  -17.771 1.00 49.78  ? 38  LEU A CD2 1 
ATOM   15   N  N   . LEU A 1 39  ? 5.525   -4.396  -19.400 1.00 47.47  ? 39  LEU A N   1 
ATOM   16   C  CA  . LEU A 1 39  ? 6.838   -4.205  -18.868 1.00 46.27  ? 39  LEU A CA  1 
ATOM   17   C  C   . LEU A 1 39  ? 7.204   -2.717  -18.737 1.00 44.88  ? 39  LEU A C   1 
ATOM   18   O  O   . LEU A 1 39  ? 7.833   -2.319  -17.746 1.00 43.92  ? 39  LEU A O   1 
ATOM   19   C  CB  . LEU A 1 39  ? 7.861   -4.965  -19.695 1.00 46.76  ? 39  LEU A CB  1 
ATOM   20   C  CG  . LEU A 1 39  ? 9.137   -5.168  -18.913 1.00 48.97  ? 39  LEU A CG  1 
ATOM   21   C  CD1 . LEU A 1 39  ? 8.926   -6.307  -17.912 1.00 48.93  ? 39  LEU A CD1 1 
ATOM   22   C  CD2 . LEU A 1 39  ? 10.297  -5.439  -19.884 1.00 51.24  ? 39  LEU A CD2 1 
ATOM   23   N  N   . ARG A 1 40  ? 6.796   -1.888  -19.697 1.00 42.35  ? 40  ARG A N   1 
ATOM   24   C  CA  . ARG A 1 40  ? 7.115   -0.455  -19.624 1.00 41.65  ? 40  ARG A CA  1 
ATOM   25   C  C   . ARG A 1 40  ? 6.328   0.235   -18.517 1.00 39.72  ? 40  ARG A C   1 
ATOM   26   O  O   . ARG A 1 40  ? 6.819   1.159   -17.871 1.00 37.51  ? 40  ARG A O   1 
ATOM   27   C  CB  . ARG A 1 40  ? 6.784   0.266   -20.936 1.00 42.21  ? 40  ARG A CB  1 
ATOM   28   C  CG  . ARG A 1 40  ? 7.421   1.685   -21.043 1.00 44.66  ? 40  ARG A CG  1 
ATOM   29   C  CD  . ARG A 1 40  ? 7.136   2.360   -22.443 1.00 49.70  ? 40  ARG A CD  1 
ATOM   30   N  NE  . ARG A 1 40  ? 5.749   2.875   -22.551 1.00 53.59  ? 40  ARG A NE  1 
ATOM   31   C  CZ  . ARG A 1 40  ? 5.147   3.306   -23.681 1.00 54.28  ? 40  ARG A CZ  1 
ATOM   32   N  NH1 . ARG A 1 40  ? 5.801   3.306   -24.854 1.00 50.95  ? 40  ARG A NH1 1 
ATOM   33   N  NH2 . ARG A 1 40  ? 3.877   3.749   -23.637 1.00 50.41  ? 40  ARG A NH2 1 
ATOM   34   N  N   . ARG A 1 41  ? 5.087   -0.213  -18.361 1.00 38.42  ? 41  ARG A N   1 
ATOM   35   C  CA  . ARG A 1 41  ? 4.194   0.324   -17.346 1.00 37.85  ? 41  ARG A CA  1 
ATOM   36   C  C   . ARG A 1 41  ? 4.739   -0.025  -15.978 1.00 34.32  ? 41  ARG A C   1 
ATOM   37   O  O   . ARG A 1 41  ? 4.804   0.808   -15.094 1.00 32.96  ? 41  ARG A O   1 
ATOM   38   C  CB  . ARG A 1 41  ? 2.804   -0.274  -17.541 1.00 37.14  ? 41  ARG A CB  1 
ATOM   39   C  CG  . ARG A 1 41  ? 2.091   0.454   -18.668 1.00 46.64  ? 41  ARG A CG  1 
ATOM   40   C  CD  . ARG A 1 41  ? 0.695   -0.124  -18.953 1.00 55.22  ? 41  ARG A CD  1 
ATOM   41   N  NE  . ARG A 1 41  ? -0.121  0.811   -19.746 1.00 62.05  ? 41  ARG A NE  1 
ATOM   42   C  CZ  . ARG A 1 41  ? -0.360  0.669   -21.053 1.00 62.43  ? 41  ARG A CZ  1 
ATOM   43   N  NH1 . ARG A 1 41  ? 0.160   -0.361  -21.706 1.00 63.52  ? 41  ARG A NH1 1 
ATOM   44   N  NH2 . ARG A 1 41  ? -1.110  1.549   -21.703 1.00 61.78  ? 41  ARG A NH2 1 
ATOM   45   N  N   . ALA A 1 42  ? 5.186   -1.263  -15.837 1.00 32.72  ? 42  ALA A N   1 
ATOM   46   C  CA  . ALA A 1 42  ? 5.788   -1.706  -14.575 1.00 32.28  ? 42  ALA A CA  1 
ATOM   47   C  C   . ALA A 1 42  ? 7.034   -0.910  -14.234 1.00 31.89  ? 42  ALA A C   1 
ATOM   48   O  O   . ALA A 1 42  ? 7.273   -0.527  -13.078 1.00 30.25  ? 42  ALA A O   1 
ATOM   49   C  CB  . ALA A 1 42  ? 6.112   -3.233  -14.614 1.00 30.21  ? 42  ALA A CB  1 
ATOM   50   N  N   . GLU A 1 43  ? 7.855   -0.674  -15.246 1.00 30.88  ? 43  GLU A N   1 
ATOM   51   C  CA  . GLU A 1 43  ? 9.091   0.008   -15.071 1.00 31.24  ? 43  GLU A CA  1 
ATOM   52   C  C   . GLU A 1 43  ? 8.804   1.444   -14.719 1.00 29.33  ? 43  GLU A C   1 
ATOM   53   O  O   . GLU A 1 43  ? 9.443   2.026   -13.834 1.00 27.40  ? 43  GLU A O   1 
ATOM   54   C  CB  . GLU A 1 43  ? 9.903   -0.019  -16.384 1.00 32.80  ? 43  GLU A CB  1 
ATOM   55   C  CG  . GLU A 1 43  ? 11.236  0.644   -16.202 1.00 39.61  ? 43  GLU A CG  1 
ATOM   56   C  CD  . GLU A 1 43  ? 12.090  0.584   -17.467 1.00 49.35  ? 43  GLU A CD  1 
ATOM   57   O  OE1 . GLU A 1 43  ? 11.711  1.224   -18.470 1.00 51.10  ? 43  GLU A OE1 1 
ATOM   58   O  OE2 . GLU A 1 43  ? 13.127  -0.123  -17.455 1.00 54.81  ? 43  GLU A OE2 1 
HETATM 59   N  N   . MSE A 1 44  ? 7.853   2.069   -15.416 1.00 27.97  ? 44  MSE A N   1 
HETATM 60   C  CA  . MSE A 1 44  ? 7.601   3.478   -15.086 1.00 27.97  ? 44  MSE A CA  1 
HETATM 61   C  C   . MSE A 1 44  ? 6.965   3.604   -13.673 1.00 26.25  ? 44  MSE A C   1 
HETATM 62   O  O   . MSE A 1 44  ? 7.264   4.545   -12.909 1.00 26.83  ? 44  MSE A O   1 
HETATM 63   C  CB  . MSE A 1 44  ? 6.651   4.105   -16.130 1.00 28.31  ? 44  MSE A CB  1 
HETATM 64   C  CG  . MSE A 1 44  ? 7.357   4.123   -17.492 1.00 32.30  ? 44  MSE A CG  1 
HETATM 65   SE SE  . MSE A 1 44  ? 6.310   5.036   -18.820 1.00 27.95  ? 44  MSE A SE  1 
HETATM 66   C  CE  . MSE A 1 44  ? 6.959   6.753   -18.254 1.00 37.09  ? 44  MSE A CE  1 
ATOM   67   N  N   . TYR A 1 45  ? 6.067   2.682   -13.376 1.00 25.59  ? 45  TYR A N   1 
ATOM   68   C  CA  . TYR A 1 45  ? 5.396   2.633   -12.030 1.00 26.25  ? 45  TYR A CA  1 
ATOM   69   C  C   . TYR A 1 45  ? 6.432   2.494   -10.893 1.00 25.13  ? 45  TYR A C   1 
ATOM   70   O  O   . TYR A 1 45  ? 6.453   3.267   -9.913  1.00 23.77  ? 45  TYR A O   1 
ATOM   71   C  CB  . TYR A 1 45  ? 4.451   1.434   -12.009 1.00 25.57  ? 45  TYR A CB  1 
ATOM   72   C  CG  . TYR A 1 45  ? 3.676   1.286   -10.704 1.00 27.76  ? 45  TYR A CG  1 
ATOM   73   C  CD1 . TYR A 1 45  ? 2.700   2.207   -10.349 1.00 27.95  ? 45  TYR A CD1 1 
ATOM   74   C  CD2 . TYR A 1 45  ? 3.980   0.234   -9.805  1.00 27.68  ? 45  TYR A CD2 1 
ATOM   75   C  CE1 . TYR A 1 45  ? 1.959   2.073   -9.153  1.00 28.09  ? 45  TYR A CE1 1 
ATOM   76   C  CE2 . TYR A 1 45  ? 3.271   0.079   -8.617  1.00 27.01  ? 45  TYR A CE2 1 
ATOM   77   C  CZ  . TYR A 1 45  ? 2.281   1.011   -8.290  1.00 29.99  ? 45  TYR A CZ  1 
ATOM   78   O  OH  . TYR A 1 45  ? 1.594   0.835   -7.133  1.00 26.84  ? 45  TYR A OH  1 
ATOM   79   N  N   . GLN A 1 46  ? 7.321   1.520   -11.064 1.00 24.76  ? 46  GLN A N   1 
ATOM   80   C  CA  . GLN A 1 46  ? 8.276   1.211   -10.030 1.00 26.58  ? 46  GLN A CA  1 
ATOM   81   C  C   . GLN A 1 46  ? 9.344   2.270   -9.879  1.00 26.95  ? 46  GLN A C   1 
ATOM   82   O  O   . GLN A 1 46  ? 9.712   2.592   -8.742  1.00 27.49  ? 46  GLN A O   1 
ATOM   83   C  CB  . GLN A 1 46  ? 8.836   -0.218  -10.179 1.00 26.64  ? 46  GLN A CB  1 
ATOM   84   C  CG  . GLN A 1 46  ? 9.615   -0.709  -8.956  1.00 26.50  ? 46  GLN A CG  1 
ATOM   85   C  CD  . GLN A 1 46  ? 8.633   -0.944  -7.781  1.00 28.18  ? 46  GLN A CD  1 
ATOM   86   O  OE1 . GLN A 1 46  ? 7.493   -1.369  -8.007  1.00 29.71  ? 46  GLN A OE1 1 
ATOM   87   N  NE2 . GLN A 1 46  ? 9.047   -0.596  -6.559  1.00 23.97  ? 46  GLN A NE2 1 
ATOM   88   N  N   . ASP A 1 47  ? 9.838   2.827   -10.999 1.00 26.75  ? 47  ASP A N   1 
ATOM   89   C  CA  . ASP A 1 47  ? 10.820  3.908   -11.016 1.00 27.36  ? 47  ASP A CA  1 
ATOM   90   C  C   . ASP A 1 47  ? 10.245  5.117   -10.249 1.00 26.19  ? 47  ASP A C   1 
ATOM   91   O  O   . ASP A 1 47  ? 10.984  5.861   -9.570  1.00 25.47  ? 47  ASP A O   1 
ATOM   92   C  CB  . ASP A 1 47  ? 11.094  4.341   -12.490 1.00 29.69  ? 47  ASP A CB  1 
ATOM   93   C  CG  . ASP A 1 47  ? 12.068  5.513   -12.608 1.00 36.26  ? 47  ASP A CG  1 
ATOM   94   O  OD1 . ASP A 1 47  ? 13.269  5.270   -12.418 1.00 42.06  ? 47  ASP A OD1 1 
ATOM   95   O  OD2 . ASP A 1 47  ? 11.664  6.679   -12.922 1.00 44.65  ? 47  ASP A OD2 1 
ATOM   96   N  N   . TYR A 1 48  ? 8.925   5.298   -10.348 1.00 22.73  ? 48  TYR A N   1 
ATOM   97   C  CA  . TYR A 1 48  ? 8.254   6.399   -9.689  1.00 22.27  ? 48  TYR A CA  1 
ATOM   98   C  C   . TYR A 1 48  ? 8.080   6.042   -8.194  1.00 21.51  ? 48  TYR A C   1 
ATOM   99   O  O   . TYR A 1 48  ? 8.558   6.794   -7.312  1.00 21.34  ? 48  TYR A O   1 
ATOM   100  C  CB  . TYR A 1 48  ? 6.873   6.642   -10.350 1.00 21.53  ? 48  TYR A CB  1 
ATOM   101  C  CG  . TYR A 1 48  ? 5.811   7.242   -9.422  1.00 20.83  ? 48  TYR A CG  1 
ATOM   102  C  CD1 . TYR A 1 48  ? 6.001   8.484   -8.744  1.00 19.63  ? 48  TYR A CD1 1 
ATOM   103  C  CD2 . TYR A 1 48  ? 4.621   6.575   -9.240  1.00 23.48  ? 48  TYR A CD2 1 
ATOM   104  C  CE1 . TYR A 1 48  ? 4.953   8.999   -7.882  1.00 22.66  ? 48  TYR A CE1 1 
ATOM   105  C  CE2 . TYR A 1 48  ? 3.602   7.068   -8.403  1.00 23.15  ? 48  TYR A CE2 1 
ATOM   106  C  CZ  . TYR A 1 48  ? 3.779   8.266   -7.730  1.00 24.18  ? 48  TYR A CZ  1 
ATOM   107  O  OH  . TYR A 1 48  ? 2.708   8.687   -6.964  1.00 24.33  ? 48  TYR A OH  1 
HETATM 108  N  N   . MSE A 1 49  ? 7.484   4.870   -7.916  1.00 20.11  ? 49  MSE A N   1 
HETATM 109  C  CA  . MSE A 1 49  ? 7.145   4.521   -6.493  1.00 21.26  ? 49  MSE A CA  1 
HETATM 110  C  C   . MSE A 1 49  ? 8.400   4.460   -5.625  1.00 23.18  ? 49  MSE A C   1 
HETATM 111  O  O   . MSE A 1 49  ? 8.390   4.871   -4.466  1.00 23.15  ? 49  MSE A O   1 
HETATM 112  C  CB  . MSE A 1 49  ? 6.411   3.171   -6.434  1.00 18.54  ? 49  MSE A CB  1 
HETATM 113  C  CG  . MSE A 1 49  ? 4.959   3.350   -6.919  1.00 19.64  ? 49  MSE A CG  1 
HETATM 114  SE SE  . MSE A 1 49  ? 3.892   4.678   -5.939  1.00 3.72   ? 49  MSE A SE  1 
HETATM 115  C  CE  . MSE A 1 49  ? 3.703   3.659   -4.317  1.00 23.84  ? 49  MSE A CE  1 
ATOM   116  N  N   . LYS A 1 50  ? 9.511   4.004   -6.222  1.00 23.69  ? 50  LYS A N   1 
ATOM   117  C  CA  . LYS A 1 50  ? 10.762  3.938   -5.501  1.00 26.16  ? 50  LYS A CA  1 
ATOM   118  C  C   . LYS A 1 50  ? 11.244  5.262   -4.981  1.00 26.79  ? 50  LYS A C   1 
ATOM   119  O  O   . LYS A 1 50  ? 11.892  5.302   -3.887  1.00 27.06  ? 50  LYS A O   1 
ATOM   120  C  CB  . LYS A 1 50  ? 11.853  3.271   -6.352  1.00 28.17  ? 50  LYS A CB  1 
ATOM   121  C  CG  . LYS A 1 50  ? 13.220  3.337   -5.743  1.00 36.30  ? 50  LYS A CG  1 
ATOM   122  C  CD  . LYS A 1 50  ? 14.224  2.477   -6.560  1.00 45.05  ? 50  LYS A CD  1 
ATOM   123  C  CE  . LYS A 1 50  ? 15.371  2.024   -5.638  1.00 47.51  ? 50  LYS A CE  1 
ATOM   124  N  NZ  . LYS A 1 50  ? 16.464  1.385   -6.436  1.00 53.25  ? 50  LYS A NZ  1 
ATOM   125  N  N   A GLN A 1 51  ? 10.993  6.361   -5.699  0.50 26.02  ? 51  GLN A N   1 
ATOM   126  N  N   B GLN A 1 51  ? 10.909  6.352   -5.672  0.50 26.07  ? 51  GLN A N   1 
ATOM   127  C  CA  A GLN A 1 51  ? 11.411  7.663   -5.161  0.50 26.20  ? 51  GLN A CA  1 
ATOM   128  C  CA  B GLN A 1 51  ? 11.343  7.677   -5.233  0.50 26.24  ? 51  GLN A CA  1 
ATOM   129  C  C   A GLN A 1 51  ? 10.409  8.390   -4.237  0.50 25.78  ? 51  GLN A C   1 
ATOM   130  C  C   B GLN A 1 51  ? 10.368  8.458   -4.352  0.50 25.80  ? 51  GLN A C   1 
ATOM   131  O  O   A GLN A 1 51  ? 10.774  9.341   -3.550  0.50 26.04  ? 51  GLN A O   1 
ATOM   132  O  O   B GLN A 1 51  ? 10.704  9.515   -3.820  0.50 26.37  ? 51  GLN A O   1 
ATOM   133  C  CB  A GLN A 1 51  ? 11.958  8.621   -6.257  0.50 27.44  ? 51  GLN A CB  1 
ATOM   134  C  CB  B GLN A 1 51  ? 11.720  8.502   -6.464  0.50 27.28  ? 51  GLN A CB  1 
ATOM   135  C  CG  A GLN A 1 51  ? 11.275  8.602   -7.606  0.50 28.98  ? 51  GLN A CG  1 
ATOM   136  C  CG  B GLN A 1 51  ? 12.571  7.656   -7.365  0.50 28.60  ? 51  GLN A CG  1 
ATOM   137  C  CD  A GLN A 1 51  ? 11.546  9.925   -8.349  0.50 31.48  ? 51  GLN A CD  1 
ATOM   138  C  CD  B GLN A 1 51  ? 13.171  8.423   -8.475  0.50 30.06  ? 51  GLN A CD  1 
ATOM   139  O  OE1 A GLN A 1 51  ? 12.681  10.291  -8.559  0.50 35.04  ? 51  GLN A OE1 1 
ATOM   140  O  OE1 B GLN A 1 51  ? 12.723  8.322   -9.624  0.50 33.47  ? 51  GLN A OE1 1 
ATOM   141  N  NE2 A GLN A 1 51  ? 10.525  10.651  -8.645  0.50 31.05  ? 51  GLN A NE2 1 
ATOM   142  N  NE2 B GLN A 1 51  ? 14.183  9.200   -8.164  0.50 27.09  ? 51  GLN A NE2 1 
ATOM   143  N  N   . VAL A 1 52  ? 9.160   7.952   -4.164  1.00 25.25  ? 52  VAL A N   1 
ATOM   144  C  CA  . VAL A 1 52  ? 8.215   8.703   -3.297  1.00 24.56  ? 52  VAL A CA  1 
ATOM   145  C  C   . VAL A 1 52  ? 8.664   8.583   -1.816  1.00 25.45  ? 52  VAL A C   1 
ATOM   146  O  O   . VAL A 1 52  ? 8.816   7.422   -1.320  1.00 23.99  ? 52  VAL A O   1 
ATOM   147  C  CB  . VAL A 1 52  ? 6.797   8.148   -3.404  1.00 22.94  ? 52  VAL A CB  1 
ATOM   148  C  CG1 . VAL A 1 52  ? 5.825   8.972   -2.525  1.00 20.20  ? 52  VAL A CG1 1 
ATOM   149  C  CG2 . VAL A 1 52  ? 6.287   8.186   -4.904  1.00 24.00  ? 52  VAL A CG2 1 
ATOM   150  N  N   . PRO A 1 53  ? 8.853   9.721   -1.125  1.00 24.83  ? 53  PRO A N   1 
ATOM   151  C  CA  . PRO A 1 53  ? 9.308   9.679   0.279   1.00 26.27  ? 53  PRO A CA  1 
ATOM   152  C  C   . PRO A 1 53  ? 8.253   9.081   1.185   1.00 26.65  ? 53  PRO A C   1 
ATOM   153  O  O   . PRO A 1 53  ? 7.062   9.278   0.964   1.00 25.84  ? 53  PRO A O   1 
ATOM   154  C  CB  . PRO A 1 53  ? 9.458   11.153  0.683   1.00 27.66  ? 53  PRO A CB  1 
ATOM   155  C  CG  . PRO A 1 53  ? 9.645   11.921  -0.712  1.00 29.50  ? 53  PRO A CG  1 
ATOM   156  C  CD  . PRO A 1 53  ? 8.798   11.093  -1.690  1.00 25.21  ? 53  PRO A CD  1 
ATOM   157  N  N   . ILE A 1 54  ? 8.686   8.361   2.207   1.00 26.34  ? 54  ILE A N   1 
ATOM   158  C  CA  . ILE A 1 54  ? 7.751   7.913   3.266   1.00 27.53  ? 54  ILE A CA  1 
ATOM   159  C  C   . ILE A 1 54  ? 7.534   9.164   4.124   1.00 30.27  ? 54  ILE A C   1 
ATOM   160  O  O   . ILE A 1 54  ? 8.507   9.844   4.428   1.00 28.04  ? 54  ILE A O   1 
ATOM   161  C  CB  . ILE A 1 54  ? 8.370   6.791   4.085   1.00 28.95  ? 54  ILE A CB  1 
ATOM   162  C  CG1 . ILE A 1 54  ? 8.596   5.553   3.172   1.00 27.83  ? 54  ILE A CG1 1 
ATOM   163  C  CG2 . ILE A 1 54  ? 7.403   6.385   5.260   1.00 29.34  ? 54  ILE A CG2 1 
ATOM   164  C  CD1 . ILE A 1 54  ? 7.250   4.741   2.799   1.00 24.49  ? 54  ILE A CD1 1 
ATOM   165  N  N   . PRO A 1 55  ? 6.264   9.507   4.467   1.00 31.94  ? 55  PRO A N   1 
ATOM   166  C  CA  . PRO A 1 55  ? 6.145   10.800  5.153   1.00 35.88  ? 55  PRO A CA  1 
ATOM   167  C  C   . PRO A 1 55  ? 6.740   10.741  6.552   1.00 38.73  ? 55  PRO A C   1 
ATOM   168  O  O   . PRO A 1 55  ? 6.797   9.674   7.179   1.00 36.65  ? 55  PRO A O   1 
ATOM   169  C  CB  . PRO A 1 55  ? 4.625   11.024  5.270   1.00 36.90  ? 55  PRO A CB  1 
ATOM   170  C  CG  . PRO A 1 55  ? 3.990   10.122  4.241   1.00 32.58  ? 55  PRO A CG  1 
ATOM   171  C  CD  . PRO A 1 55  ? 4.959   8.903   4.177   1.00 31.70  ? 55  PRO A CD  1 
ATOM   172  N  N   . THR A 1 56  ? 7.164   11.888  7.063   1.00 43.41  ? 56  THR A N   1 
ATOM   173  C  CA  . THR A 1 56  ? 7.865   11.845  8.346   1.00 49.10  ? 56  THR A CA  1 
ATOM   174  C  C   . THR A 1 56  ? 6.870   12.082  9.471   1.00 51.16  ? 56  THR A C   1 
ATOM   175  O  O   . THR A 1 56  ? 6.671   13.234  9.902   1.00 53.11  ? 56  THR A O   1 
ATOM   176  C  CB  . THR A 1 56  ? 9.076   12.849  8.413   1.00 49.39  ? 56  THR A CB  1 
ATOM   177  O  OG1 . THR A 1 56  ? 8.593   14.193  8.274   1.00 51.01  ? 56  THR A OG1 1 
ATOM   178  C  CG2 . THR A 1 56  ? 10.092  12.595  7.271   1.00 50.85  ? 56  THR A CG2 1 
ATOM   179  N  N   . ASN A 1 57  ? 6.223   11.029  9.951   1.00 52.81  ? 57  ASN A N   1 
ATOM   180  C  CA  . ASN A 1 57  ? 5.277   11.295  11.020  1.00 54.75  ? 57  ASN A CA  1 
ATOM   181  C  C   . ASN A 1 57  ? 5.264   10.368  12.214  1.00 55.02  ? 57  ASN A C   1 
ATOM   182  O  O   . ASN A 1 57  ? 4.614   9.294   12.250  1.00 54.86  ? 57  ASN A O   1 
ATOM   183  C  CB  . ASN A 1 57  ? 3.852   11.519  10.502  1.00 55.68  ? 57  ASN A CB  1 
ATOM   184  C  CG  . ASN A 1 57  ? 2.942   12.094  11.567  1.00 56.81  ? 57  ASN A CG  1 
ATOM   185  O  OD1 . ASN A 1 57  ? 3.242   12.039  12.776  1.00 59.50  ? 57  ASN A OD1 1 
ATOM   186  N  ND2 . ASN A 1 57  ? 1.834   12.659  11.135  1.00 57.62  ? 57  ASN A ND2 1 
ATOM   187  N  N   . ARG A 1 58  ? 5.957   10.842  13.235  1.00 54.48  ? 58  ARG A N   1 
ATOM   188  C  CA  . ARG A 1 58  ? 5.864   10.202  14.518  1.00 53.30  ? 58  ARG A CA  1 
ATOM   189  C  C   . ARG A 1 58  ? 4.876   11.154  15.257  1.00 51.40  ? 58  ARG A C   1 
ATOM   190  O  O   . ARG A 1 58  ? 5.081   12.387  15.328  1.00 52.97  ? 58  ARG A O   1 
ATOM   191  C  CB  . ARG A 1 58  ? 7.295   10.095  15.126  1.00 54.55  ? 58  ARG A CB  1 
ATOM   192  C  CG  . ARG A 1 58  ? 7.578   9.014   16.221  1.00 54.63  ? 58  ARG A CG  1 
ATOM   193  C  CD  . ARG A 1 58  ? 7.344   9.662   17.620  1.00 54.96  ? 58  ARG A CD  1 
ATOM   194  N  NE  . ARG A 1 58  ? 7.588   8.762   18.746  1.00 55.15  ? 58  ARG A NE  1 
ATOM   195  C  CZ  . ARG A 1 58  ? 7.134   8.996   19.970  1.00 59.56  ? 58  ARG A CZ  1 
ATOM   196  N  NH1 . ARG A 1 58  ? 7.383   8.154   20.972  1.00 59.92  ? 58  ARG A NH1 1 
ATOM   197  N  NH2 . ARG A 1 58  ? 6.431   10.107  20.194  1.00 63.46  ? 58  ARG A NH2 1 
ATOM   198  N  N   . GLY A 1 59  ? 3.795   10.619  15.783  1.00 46.81  ? 59  GLY A N   1 
ATOM   199  C  CA  . GLY A 1 59  ? 2.813   11.508  16.427  1.00 41.94  ? 59  GLY A CA  1 
ATOM   200  C  C   . GLY A 1 59  ? 1.527   11.512  15.639  1.00 38.57  ? 59  GLY A C   1 
ATOM   201  O  O   . GLY A 1 59  ? 0.900   12.547  15.503  1.00 39.02  ? 59  GLY A O   1 
ATOM   202  N  N   . SER A 1 60  ? 1.147   10.331  15.138  1.00 33.21  ? 60  SER A N   1 
ATOM   203  C  CA  . SER A 1 60  ? -0.095  10.121  14.359  1.00 31.96  ? 60  SER A CA  1 
ATOM   204  C  C   . SER A 1 60  ? -0.992  9.035   15.001  1.00 28.06  ? 60  SER A C   1 
ATOM   205  O  O   . SER A 1 60  ? -0.476  8.049   15.471  1.00 29.38  ? 60  SER A O   1 
ATOM   206  C  CB  . SER A 1 60  ? 0.320   9.621   12.942  1.00 30.74  ? 60  SER A CB  1 
ATOM   207  O  OG  . SER A 1 60  ? -0.844  9.493   12.124  1.00 37.35  ? 60  SER A OG  1 
ATOM   208  N  N   . LEU A 1 61  ? -2.323  9.172   14.979  1.00 25.90  ? 61  LEU A N   1 
ATOM   209  C  CA  . LEU A 1 61  ? -3.206  8.107   15.517  1.00 24.52  ? 61  LEU A CA  1 
ATOM   210  C  C   . LEU A 1 61  ? -4.444  8.171   14.650  1.00 23.40  ? 61  LEU A C   1 
ATOM   211  O  O   . LEU A 1 61  ? -5.162  9.205   14.673  1.00 23.82  ? 61  LEU A O   1 
ATOM   212  C  CB  . LEU A 1 61  ? -3.555  8.411   17.037  1.00 23.91  ? 61  LEU A CB  1 
ATOM   213  C  CG  . LEU A 1 61  ? -4.118  7.218   17.862  1.00 22.56  ? 61  LEU A CG  1 
ATOM   214  C  CD1 . LEU A 1 61  ? -4.225  7.649   19.393  1.00 19.33  ? 61  LEU A CD1 1 
ATOM   215  C  CD2 . LEU A 1 61  ? -5.464  6.783   17.278  1.00 21.94  ? 61  LEU A CD2 1 
ATOM   216  N  N   . ILE A 1 62  ? -4.692  7.108   13.879  1.00 20.33  ? 62  ILE A N   1 
ATOM   217  C  CA  . ILE A 1 62  ? -5.809  7.059   12.954  1.00 20.33  ? 62  ILE A CA  1 
ATOM   218  C  C   . ILE A 1 62  ? -6.655  5.854   13.354  1.00 21.78  ? 62  ILE A C   1 
ATOM   219  O  O   . ILE A 1 62  ? -6.330  4.722   13.030  1.00 20.88  ? 62  ILE A O   1 
ATOM   220  C  CB  . ILE A 1 62  ? -5.312  6.839   11.455  1.00 17.24  ? 62  ILE A CB  1 
ATOM   221  C  CG1 . ILE A 1 62  ? -4.371  8.017   11.050  1.00 20.57  ? 62  ILE A CG1 1 
ATOM   222  C  CG2 . ILE A 1 62  ? -6.491  6.739   10.453  1.00 20.58  ? 62  ILE A CG2 1 
ATOM   223  C  CD1 . ILE A 1 62  ? -3.488  7.672   9.821   1.00 22.31  ? 62  ILE A CD1 1 
ATOM   224  N  N   . PRO A 1 63  ? -7.738  6.086   14.087  1.00 21.24  ? 63  PRO A N   1 
ATOM   225  C  CA  . PRO A 1 63  ? -8.595  4.934   14.461  1.00 22.14  ? 63  PRO A CA  1 
ATOM   226  C  C   . PRO A 1 63  ? -9.105  4.182   13.191  1.00 20.77  ? 63  PRO A C   1 
ATOM   227  O  O   . PRO A 1 63  ? -9.219  4.776   12.103  1.00 22.21  ? 63  PRO A O   1 
ATOM   228  C  CB  . PRO A 1 63  ? -9.783  5.629   15.210  1.00 21.68  ? 63  PRO A CB  1 
ATOM   229  C  CG  . PRO A 1 63  ? -9.141  6.845   15.801  1.00 22.12  ? 63  PRO A CG  1 
ATOM   230  C  CD  . PRO A 1 63  ? -8.178  7.362   14.689  1.00 22.97  ? 63  PRO A CD  1 
ATOM   231  N  N   . PHE A 1 64  ? -9.342  2.887   13.265  1.00 20.54  ? 64  PHE A N   1 
ATOM   232  C  CA  . PHE A 1 64  ? -9.727  2.143   12.067  1.00 21.42  ? 64  PHE A CA  1 
ATOM   233  C  C   . PHE A 1 64  ? -10.408 0.842   12.424  1.00 21.91  ? 64  PHE A C   1 
ATOM   234  O  O   . PHE A 1 64  ? -10.129 0.266   13.450  1.00 22.69  ? 64  PHE A O   1 
ATOM   235  C  CB  . PHE A 1 64  ? -8.496  1.759   11.170  1.00 20.53  ? 64  PHE A CB  1 
ATOM   236  C  CG  . PHE A 1 64  ? -7.491  0.806   11.866  1.00 18.95  ? 64  PHE A CG  1 
ATOM   237  C  CD1 . PHE A 1 64  ? -7.350  -0.490  11.459  1.00 19.94  ? 64  PHE A CD1 1 
ATOM   238  C  CD2 . PHE A 1 64  ? -6.703  1.243   12.939  1.00 20.23  ? 64  PHE A CD2 1 
ATOM   239  C  CE1 . PHE A 1 64  ? -6.410  -1.369  12.045  1.00 22.28  ? 64  PHE A CE1 1 
ATOM   240  C  CE2 . PHE A 1 64  ? -5.825  0.347   13.615  1.00 20.82  ? 64  PHE A CE2 1 
ATOM   241  C  CZ  . PHE A 1 64  ? -5.656  -0.966  13.108  1.00 21.04  ? 64  PHE A CZ  1 
ATOM   242  N  N   . THR A 1 65  ? -11.243 0.322   11.536  1.00 22.28  ? 65  THR A N   1 
ATOM   243  C  CA  . THR A 1 65  ? -11.819 -0.971  11.783  1.00 23.93  ? 65  THR A CA  1 
ATOM   244  C  C   . THR A 1 65  ? -11.529 -1.945  10.672  1.00 24.52  ? 65  THR A C   1 
ATOM   245  O  O   . THR A 1 65  ? -11.980 -3.093  10.741  1.00 24.55  ? 65  THR A O   1 
ATOM   246  C  CB  . THR A 1 65  ? -13.391 -0.859  11.890  1.00 24.14  ? 65  THR A CB  1 
ATOM   247  O  OG1 . THR A 1 65  ? -13.866 -0.229  10.698  1.00 25.05  ? 65  THR A OG1 1 
ATOM   248  C  CG2 . THR A 1 65  ? -13.761 0.036   13.022  1.00 23.41  ? 65  THR A CG2 1 
ATOM   249  N  N   . SER A 1 66  ? -10.781 -1.565  9.630   1.00 24.80  ? 66  SER A N   1 
ATOM   250  C  CA  . SER A 1 66  ? -10.296 -2.612  8.696   1.00 23.16  ? 66  SER A CA  1 
ATOM   251  C  C   . SER A 1 66  ? -8.939  -2.107  8.176   1.00 23.97  ? 66  SER A C   1 
ATOM   252  O  O   . SER A 1 66  ? -8.660  -0.903  8.249   1.00 21.36  ? 66  SER A O   1 
ATOM   253  C  CB  . SER A 1 66  ? -11.285 -2.857  7.530   1.00 23.16  ? 66  SER A CB  1 
ATOM   254  O  OG  . SER A 1 66  ? -11.348 -1.646  6.746   1.00 24.75  ? 66  SER A OG  1 
ATOM   255  N  N   . TRP A 1 67  ? -8.101  -3.010  7.660   1.00 22.29  ? 67  TRP A N   1 
ATOM   256  C  CA  . TRP A 1 67  ? -6.798  -2.567  7.144   1.00 22.10  ? 67  TRP A CA  1 
ATOM   257  C  C   . TRP A 1 67  ? -6.976  -1.679  5.923   1.00 21.66  ? 67  TRP A C   1 
ATOM   258  O  O   . TRP A 1 67  ? -6.229  -0.718  5.722   1.00 23.32  ? 67  TRP A O   1 
ATOM   259  C  CB  . TRP A 1 67  ? -5.934  -3.782  6.776   1.00 18.77  ? 67  TRP A CB  1 
ATOM   260  C  CG  . TRP A 1 67  ? -5.543  -4.568  8.009   1.00 22.29  ? 67  TRP A CG  1 
ATOM   261  C  CD1 . TRP A 1 67  ? -6.014  -5.803  8.408   1.00 22.05  ? 67  TRP A CD1 1 
ATOM   262  C  CD2 . TRP A 1 67  ? -4.571  -4.167  8.968   1.00 22.94  ? 67  TRP A CD2 1 
ATOM   263  N  NE1 . TRP A 1 67  ? -5.403  -6.159  9.592   1.00 23.35  ? 67  TRP A NE1 1 
ATOM   264  C  CE2 . TRP A 1 67  ? -4.509  -5.178  9.953   1.00 21.43  ? 67  TRP A CE2 1 
ATOM   265  C  CE3 . TRP A 1 67  ? -3.735  -3.039  9.085   1.00 21.40  ? 67  TRP A CE3 1 
ATOM   266  C  CZ2 . TRP A 1 67  ? -3.658  -5.092  11.056  1.00 23.76  ? 67  TRP A CZ2 1 
ATOM   267  C  CZ3 . TRP A 1 67  ? -2.863  -2.953  10.208  1.00 25.27  ? 67  TRP A CZ3 1 
ATOM   268  C  CH2 . TRP A 1 67  ? -2.833  -3.981  11.163  1.00 23.97  ? 67  TRP A CH2 1 
ATOM   269  N  N   . VAL A 1 68  ? -7.907  -2.045  5.071   1.00 23.61  ? 68  VAL A N   1 
ATOM   270  C  CA  . VAL A 1 68  ? -8.121  -1.268  3.849   1.00 25.43  ? 68  VAL A CA  1 
ATOM   271  C  C   . VAL A 1 68  ? -8.644  0.124   4.217   1.00 25.32  ? 68  VAL A C   1 
ATOM   272  O  O   . VAL A 1 68  ? -8.223  1.102   3.653   1.00 26.38  ? 68  VAL A O   1 
ATOM   273  C  CB  . VAL A 1 68  ? -9.057  -2.007  2.822   1.00 26.30  ? 68  VAL A CB  1 
ATOM   274  C  CG1 . VAL A 1 68  ? -9.427  -1.032  1.631   1.00 25.81  ? 68  VAL A CG1 1 
ATOM   275  C  CG2 . VAL A 1 68  ? -8.341  -3.259  2.257   1.00 27.11  ? 68  VAL A CG2 1 
ATOM   276  N  N   . GLY A 1 69  ? -9.549  0.208   5.188   1.00 25.65  ? 69  GLY A N   1 
ATOM   277  C  CA  . GLY A 1 69  ? -10.028 1.505   5.646   1.00 24.61  ? 69  GLY A CA  1 
ATOM   278  C  C   . GLY A 1 69  ? -8.951  2.352   6.281   1.00 24.84  ? 69  GLY A C   1 
ATOM   279  O  O   . GLY A 1 69  ? -8.880  3.568   6.027   1.00 22.64  ? 69  GLY A O   1 
ATOM   280  N  N   . LEU A 1 70  ? -8.056  1.737   7.074   1.00 23.16  ? 70  LEU A N   1 
ATOM   281  C  CA  . LEU A 1 70  ? -6.958  2.518   7.616   1.00 22.61  ? 70  LEU A CA  1 
ATOM   282  C  C   . LEU A 1 70  ? -6.138  3.010   6.412   1.00 22.90  ? 70  LEU A C   1 
ATOM   283  O  O   . LEU A 1 70  ? -5.733  4.160   6.352   1.00 23.93  ? 70  LEU A O   1 
ATOM   284  C  CB  . LEU A 1 70  ? -6.091  1.660   8.529   1.00 20.30  ? 70  LEU A CB  1 
ATOM   285  C  CG  . LEU A 1 70  ? -4.711  2.137   8.908   1.00 21.47  ? 70  LEU A CG  1 
ATOM   286  C  CD1 . LEU A 1 70  ? -4.879  3.540   9.654   1.00 20.31  ? 70  LEU A CD1 1 
ATOM   287  C  CD2 . LEU A 1 70  ? -3.994  1.037   9.872   1.00 16.74  ? 70  LEU A CD2 1 
ATOM   288  N  N   . SER A 1 71  ? -5.861  2.151   5.454   1.00 23.00  ? 71  SER A N   1 
ATOM   289  C  CA  . SER A 1 71  ? -5.076  2.643   4.301   1.00 23.17  ? 71  SER A CA  1 
ATOM   290  C  C   . SER A 1 71  ? -5.726  3.831   3.515   1.00 23.11  ? 71  SER A C   1 
ATOM   291  O  O   . SER A 1 71  ? -5.045  4.736   3.008   1.00 23.76  ? 71  SER A O   1 
ATOM   292  C  CB  . SER A 1 71  ? -4.748  1.459   3.346   1.00 21.93  ? 71  SER A CB  1 
ATOM   293  O  OG  . SER A 1 71  ? -5.853  1.193   2.506   1.00 24.40  ? 71  SER A OG  1 
ATOM   294  N  N   . ILE A 1 72  ? -7.035  3.832   3.378   1.00 23.35  ? 72  ILE A N   1 
ATOM   295  C  CA  . ILE A 1 72  ? -7.747  4.945   2.708   1.00 23.49  ? 72  ILE A CA  1 
ATOM   296  C  C   . ILE A 1 72  ? -7.579  6.194   3.568   1.00 22.95  ? 72  ILE A C   1 
ATOM   297  O  O   . ILE A 1 72  ? -7.255  7.270   3.061   1.00 21.29  ? 72  ILE A O   1 
ATOM   298  C  CB  . ILE A 1 72  ? -9.273  4.542   2.519   1.00 23.12  ? 72  ILE A CB  1 
ATOM   299  C  CG1 . ILE A 1 72  ? -9.361  3.427   1.467   1.00 25.05  ? 72  ILE A CG1 1 
ATOM   300  C  CG2 . ILE A 1 72  ? -10.181 5.765   2.183   1.00 24.05  ? 72  ILE A CG2 1 
ATOM   301  C  CD1 . ILE A 1 72  ? -10.613 2.599   1.539   1.00 31.41  ? 72  ILE A CD1 1 
ATOM   302  N  N   . SER A 1 73  ? -7.726  6.070   4.894   1.00 22.30  ? 73  SER A N   1 
ATOM   303  C  CA  . SER A 1 73  ? -7.530  7.275   5.737   1.00 22.87  ? 73  SER A CA  1 
ATOM   304  C  C   . SER A 1 73  ? -6.109  7.789   5.591   1.00 23.02  ? 73  SER A C   1 
ATOM   305  O  O   . SER A 1 73  ? -5.920  9.024   5.486   1.00 23.08  ? 73  SER A O   1 
ATOM   306  C  CB  . SER A 1 73  ? -7.753  7.013   7.246   1.00 22.65  ? 73  SER A CB  1 
ATOM   307  O  OG  . SER A 1 73  ? -9.079  6.551   7.456   1.00 25.17  ? 73  SER A OG  1 
HETATM 308  N  N   . MSE A 1 74  ? -5.116  6.875   5.527   1.00 21.56  ? 74  MSE A N   1 
HETATM 309  C  CA  . MSE A 1 74  ? -3.688  7.314   5.344   1.00 22.10  ? 74  MSE A CA  1 
HETATM 310  C  C   . MSE A 1 74  ? -3.498  8.003   3.961   1.00 21.55  ? 74  MSE A C   1 
HETATM 311  O  O   . MSE A 1 74  ? -2.893  9.060   3.849   1.00 22.29  ? 74  MSE A O   1 
HETATM 312  C  CB  . MSE A 1 74  ? -2.702  6.096   5.438   1.00 19.02  ? 74  MSE A CB  1 
HETATM 313  C  CG  . MSE A 1 74  ? -2.584  5.566   6.898   1.00 22.73  ? 74  MSE A CG  1 
HETATM 314  SE SE  . MSE A 1 74  ? -1.785  3.769   6.830   1.00 2.00   ? 74  MSE A SE  1 
HETATM 315  C  CE  . MSE A 1 74  ? -0.067  4.300   6.357   1.00 20.99  ? 74  MSE A CE  1 
ATOM   316  N  N   . LYS A 1 75  ? -4.029  7.390   2.906   1.00 22.96  ? 75  LYS A N   1 
ATOM   317  C  CA  . LYS A 1 75  ? -3.818  7.950   1.580   1.00 23.58  ? 75  LYS A CA  1 
ATOM   318  C  C   . LYS A 1 75  ? -4.409  9.377   1.511   1.00 25.42  ? 75  LYS A C   1 
ATOM   319  O  O   . LYS A 1 75  ? -3.745  10.280  1.009   1.00 26.11  ? 75  LYS A O   1 
ATOM   320  C  CB  . LYS A 1 75  ? -4.475  7.072   0.534   1.00 25.09  ? 75  LYS A CB  1 
ATOM   321  C  CG  . LYS A 1 75  ? -3.731  5.755   0.326   1.00 25.08  ? 75  LYS A CG  1 
ATOM   322  C  CD  . LYS A 1 75  ? -4.715  4.753   -0.415  1.00 26.35  ? 75  LYS A CD  1 
ATOM   323  C  CE  . LYS A 1 75  ? -4.091  3.376   -0.477  1.00 20.85  ? 75  LYS A CE  1 
ATOM   324  N  NZ  . LYS A 1 75  ? -4.821  2.542   -1.509  1.00 19.20  ? 75  LYS A NZ  1 
ATOM   325  N  N   . GLN A 1 76  ? -5.617  9.571   2.060   1.00 25.38  ? 76  GLN A N   1 
ATOM   326  C  CA  . GLN A 1 76  ? -6.278  10.908  2.159   1.00 26.13  ? 76  GLN A CA  1 
ATOM   327  C  C   . GLN A 1 76  ? -5.548  11.899  3.071   1.00 27.74  ? 76  GLN A C   1 
ATOM   328  O  O   . GLN A 1 76  ? -5.287  13.023  2.664   1.00 25.94  ? 76  GLN A O   1 
ATOM   329  C  CB  . GLN A 1 76  ? -7.736  10.754  2.662   1.00 26.85  ? 76  GLN A CB  1 
ATOM   330  C  CG  . GLN A 1 76  ? -8.631  9.978   1.629   1.00 32.18  ? 76  GLN A CG  1 
ATOM   331  C  CD  . GLN A 1 76  ? -10.023 9.601   2.202   1.00 39.82  ? 76  GLN A CD  1 
ATOM   332  O  OE1 . GLN A 1 76  ? -10.248 9.552   3.422   1.00 41.58  ? 76  GLN A OE1 1 
ATOM   333  N  NE2 . GLN A 1 76  ? -10.936 9.308   1.308   1.00 40.15  ? 76  GLN A NE2 1 
ATOM   334  N  N   . LEU A 1 77  ? -5.210  11.535  4.304   1.00 25.37  ? 77  LEU A N   1 
ATOM   335  C  CA  . LEU A 1 77  ? -4.562  12.541  5.176   1.00 25.98  ? 77  LEU A CA  1 
ATOM   336  C  C   . LEU A 1 77  ? -3.186  12.943  4.719   1.00 25.58  ? 77  LEU A C   1 
ATOM   337  O  O   . LEU A 1 77  ? -2.816  14.085  4.847   1.00 24.63  ? 77  LEU A O   1 
ATOM   338  C  CB  . LEU A 1 77  ? -4.441  12.033  6.648   1.00 27.41  ? 77  LEU A CB  1 
ATOM   339  C  CG  . LEU A 1 77  ? -5.830  11.786  7.295   1.00 29.43  ? 77  LEU A CG  1 
ATOM   340  C  CD1 . LEU A 1 77  ? -5.828  10.805  8.578   1.00 31.83  ? 77  LEU A CD1 1 
ATOM   341  C  CD2 . LEU A 1 77  ? -6.407  13.171  7.681   1.00 29.61  ? 77  LEU A CD2 1 
ATOM   342  N  N   . TYR A 1 78  ? -2.366  12.002  4.248   1.00 23.32  ? 78  TYR A N   1 
ATOM   343  C  CA  . TYR A 1 78  ? -1.014  12.351  3.830   1.00 24.48  ? 78  TYR A CA  1 
ATOM   344  C  C   . TYR A 1 78  ? -0.944  12.729  2.334   1.00 24.68  ? 78  TYR A C   1 
ATOM   345  O  O   . TYR A 1 78  ? 0.101   13.170  1.865   1.00 24.35  ? 78  TYR A O   1 
ATOM   346  C  CB  . TYR A 1 78  ? -0.049  11.144  4.043   1.00 24.18  ? 78  TYR A CB  1 
ATOM   347  C  CG  . TYR A 1 78  ? 0.169   10.804  5.524   1.00 25.21  ? 78  TYR A CG  1 
ATOM   348  C  CD1 . TYR A 1 78  ? 1.169   11.449  6.236   1.00 25.85  ? 78  TYR A CD1 1 
ATOM   349  C  CD2 . TYR A 1 78  ? -0.634  9.822   6.213   1.00 23.30  ? 78  TYR A CD2 1 
ATOM   350  C  CE1 . TYR A 1 78  ? 1.414   11.159  7.633   1.00 29.66  ? 78  TYR A CE1 1 
ATOM   351  C  CE2 . TYR A 1 78  ? -0.361  9.536   7.634   1.00 23.55  ? 78  TYR A CE2 1 
ATOM   352  C  CZ  . TYR A 1 78  ? 0.646   10.218  8.304   1.00 25.31  ? 78  TYR A CZ  1 
ATOM   353  O  OH  . TYR A 1 78  ? 0.953   9.978   9.687   1.00 25.02  ? 78  TYR A OH  1 
ATOM   354  N  N   . GLY A 1 79  ? -1.982  12.449  1.561   1.00 24.04  ? 79  GLY A N   1 
ATOM   355  C  CA  . GLY A 1 79  ? -1.891  12.693  0.107   1.00 26.29  ? 79  GLY A CA  1 
ATOM   356  C  C   . GLY A 1 79  ? -0.805  11.836  -0.545  1.00 25.69  ? 79  GLY A C   1 
ATOM   357  O  O   . GLY A 1 79  ? 0.022   12.323  -1.315  1.00 24.80  ? 79  GLY A O   1 
ATOM   358  N  N   . GLN A 1 80  ? -0.802  10.546  -0.223  1.00 24.85  ? 80  GLN A N   1 
ATOM   359  C  CA  . GLN A 1 80  ? 0.201   9.588   -0.770  1.00 24.86  ? 80  GLN A CA  1 
ATOM   360  C  C   . GLN A 1 80  ? -0.464  8.409   -1.420  1.00 24.44  ? 80  GLN A C   1 
ATOM   361  O  O   . GLN A 1 80  ? -1.610  8.013   -1.038  1.00 23.35  ? 80  GLN A O   1 
ATOM   362  C  CB  . GLN A 1 80  ? 1.056   9.021   0.393   1.00 25.76  ? 80  GLN A CB  1 
ATOM   363  C  CG  . GLN A 1 80  ? 2.094   9.978   0.941   1.00 25.37  ? 80  GLN A CG  1 
ATOM   364  C  CD  . GLN A 1 80  ? 3.547   9.556   0.678   1.00 23.59  ? 80  GLN A CD  1 
ATOM   365  O  OE1 . GLN A 1 80  ? 3.842   8.403   0.507   1.00 24.33  ? 80  GLN A OE1 1 
ATOM   366  N  NE2 . GLN A 1 80  ? 4.453   10.525  0.682   1.00 27.62  ? 80  GLN A NE2 1 
ATOM   367  N  N   . PRO A 1 81  ? 0.219   7.800   -2.410  1.00 23.41  ? 81  PRO A N   1 
ATOM   368  C  CA  . PRO A 1 81  ? -0.243  6.501   -2.889  1.00 24.00  ? 81  PRO A CA  1 
ATOM   369  C  C   . PRO A 1 81  ? 0.306   5.373   -2.004  1.00 22.16  ? 81  PRO A C   1 
ATOM   370  O  O   . PRO A 1 81  ? 1.270   5.568   -1.339  1.00 23.04  ? 81  PRO A O   1 
ATOM   371  C  CB  . PRO A 1 81  ? 0.477   6.369   -4.243  1.00 24.03  ? 81  PRO A CB  1 
ATOM   372  C  CG  . PRO A 1 81  ? 1.817   7.084   -4.006  1.00 25.36  ? 81  PRO A CG  1 
ATOM   373  C  CD  . PRO A 1 81  ? 1.553   8.164   -2.927  1.00 25.21  ? 81  PRO A CD  1 
ATOM   374  N  N   . LEU A 1 82  ? -0.284  4.196   -2.023  1.00 21.01  ? 82  LEU A N   1 
ATOM   375  C  CA  . LEU A 1 82  ? 0.402   3.031   -1.507  1.00 21.97  ? 82  LEU A CA  1 
ATOM   376  C  C   . LEU A 1 82  ? 0.575   2.089   -2.721  1.00 22.55  ? 82  LEU A C   1 
ATOM   377  O  O   . LEU A 1 82  ? -0.232  2.120   -3.673  1.00 23.83  ? 82  LEU A O   1 
ATOM   378  C  CB  . LEU A 1 82  ? -0.468  2.309   -0.435  1.00 20.73  ? 82  LEU A CB  1 
ATOM   379  C  CG  . LEU A 1 82  ? -0.693  3.112   0.875   1.00 23.49  ? 82  LEU A CG  1 
ATOM   380  C  CD1 . LEU A 1 82  ? -1.499  2.192   1.890   1.00 24.60  ? 82  LEU A CD1 1 
ATOM   381  C  CD2 . LEU A 1 82  ? 0.695   3.442   1.411   1.00 21.71  ? 82  LEU A CD2 1 
ATOM   382  N  N   . HIS A 1 83  ? 1.571   1.229   -2.632  1.00 21.84  ? 83  HIS A N   1 
ATOM   383  C  CA  . HIS A 1 83  ? 2.008   0.372   -3.711  1.00 23.67  ? 83  HIS A CA  1 
ATOM   384  C  C   . HIS A 1 83  ? 1.013   -0.733  -3.888  1.00 24.70  ? 83  HIS A C   1 
ATOM   385  O  O   . HIS A 1 83  ? 0.377   -1.179  -2.905  1.00 25.36  ? 83  HIS A O   1 
ATOM   386  C  CB  . HIS A 1 83  ? 3.380   -0.217  -3.339  1.00 22.30  ? 83  HIS A CB  1 
ATOM   387  C  CG  . HIS A 1 83  ? 4.155   -0.832  -4.491  1.00 20.62  ? 83  HIS A CG  1 
ATOM   388  N  ND1 . HIS A 1 83  ? 3.978   -2.143  -4.880  1.00 23.93  ? 83  HIS A ND1 1 
ATOM   389  C  CD2 . HIS A 1 83  ? 5.166   -0.343  -5.256  1.00 21.95  ? 83  HIS A CD2 1 
ATOM   390  C  CE1 . HIS A 1 83  ? 4.829   -2.437  -5.852  1.00 26.76  ? 83  HIS A CE1 1 
ATOM   391  N  NE2 . HIS A 1 83  ? 5.561   -1.355  -6.103  1.00 24.64  ? 83  HIS A NE2 1 
ATOM   392  N  N   . TYR A 1 84  ? 0.861   -1.156  -5.144  1.00 24.79  ? 84  TYR A N   1 
ATOM   393  C  CA  . TYR A 1 84  ? 0.159   -2.419  -5.534  1.00 25.54  ? 84  TYR A CA  1 
ATOM   394  C  C   . TYR A 1 84  ? 0.356   -3.537  -4.493  1.00 25.03  ? 84  TYR A C   1 
ATOM   395  O  O   . TYR A 1 84  ? -0.608  -4.168  -4.035  1.00 25.36  ? 84  TYR A O   1 
ATOM   396  C  CB  . TYR A 1 84  ? 0.709   -2.912  -6.925  1.00 25.59  ? 84  TYR A CB  1 
ATOM   397  C  CG  . TYR A 1 84  ? 0.164   -4.289  -7.333  1.00 28.67  ? 84  TYR A CG  1 
ATOM   398  C  CD1 . TYR A 1 84  ? -1.063  -4.422  -7.977  1.00 27.71  ? 84  TYR A CD1 1 
ATOM   399  C  CD2 . TYR A 1 84  ? 0.850   -5.453  -7.004  1.00 31.24  ? 84  TYR A CD2 1 
ATOM   400  C  CE1 . TYR A 1 84  ? -1.589  -5.677  -8.296  1.00 28.79  ? 84  TYR A CE1 1 
ATOM   401  C  CE2 . TYR A 1 84  ? 0.349   -6.697  -7.375  1.00 31.84  ? 84  TYR A CE2 1 
ATOM   402  C  CZ  . TYR A 1 84  ? -0.867  -6.785  -8.023  1.00 29.89  ? 84  TYR A CZ  1 
ATOM   403  O  OH  . TYR A 1 84  ? -1.375  -8.031  -8.368  1.00 34.80  ? 84  TYR A OH  1 
ATOM   404  N  N   . LEU A 1 85  ? 1.603   -3.799  -4.101  1.00 24.15  ? 85  LEU A N   1 
ATOM   405  C  CA  . LEU A 1 85  ? 1.814   -4.966  -3.220  1.00 24.86  ? 85  LEU A CA  1 
ATOM   406  C  C   . LEU A 1 85  ? 1.244   -4.737  -1.834  1.00 24.24  ? 85  LEU A C   1 
ATOM   407  O  O   . LEU A 1 85  ? 0.782   -5.694  -1.178  1.00 26.50  ? 85  LEU A O   1 
ATOM   408  C  CB  . LEU A 1 85  ? 3.311   -5.295  -3.101  1.00 24.22  ? 85  LEU A CB  1 
ATOM   409  C  CG  . LEU A 1 85  ? 3.993   -5.819  -4.372  1.00 26.56  ? 85  LEU A CG  1 
ATOM   410  C  CD1 . LEU A 1 85  ? 5.464   -5.889  -4.100  1.00 26.76  ? 85  LEU A CD1 1 
ATOM   411  C  CD2 . LEU A 1 85  ? 3.457   -7.244  -4.766  1.00 25.83  ? 85  LEU A CD2 1 
ATOM   412  N  N   . THR A 1 86  ? 1.323   -3.489  -1.371  1.00 22.62  ? 86  THR A N   1 
ATOM   413  C  CA  . THR A 1 86  ? 0.741   -3.094  -0.083  1.00 23.16  ? 86  THR A CA  1 
ATOM   414  C  C   . THR A 1 86  ? -0.797  -3.210  -0.115  1.00 22.40  ? 86  THR A C   1 
ATOM   415  O  O   . THR A 1 86  ? -1.393  -3.762  0.782   1.00 23.34  ? 86  THR A O   1 
ATOM   416  C  CB  . THR A 1 86  ? 1.153   -1.657  0.241   1.00 22.47  ? 86  THR A CB  1 
ATOM   417  O  OG1 . THR A 1 86  ? 2.591   -1.584  0.220   1.00 23.71  ? 86  THR A OG1 1 
ATOM   418  C  CG2 . THR A 1 86  ? 0.607   -1.223  1.637   1.00 23.30  ? 86  THR A CG2 1 
ATOM   419  N  N   . ASN A 1 87  ? -1.434  -2.699  -1.157  1.00 23.18  ? 87  ASN A N   1 
ATOM   420  C  CA  . ASN A 1 87  ? -2.898  -2.844  -1.328  1.00 22.40  ? 87  ASN A CA  1 
ATOM   421  C  C   . ASN A 1 87  ? -3.364  -4.289  -1.346  1.00 23.32  ? 87  ASN A C   1 
ATOM   422  O  O   . ASN A 1 87  ? -4.331  -4.615  -0.711  1.00 24.98  ? 87  ASN A O   1 
ATOM   423  C  CB  . ASN A 1 87  ? -3.343  -2.101  -2.574  1.00 23.75  ? 87  ASN A CB  1 
ATOM   424  C  CG  . ASN A 1 87  ? -3.185  -0.625  -2.441  1.00 21.97  ? 87  ASN A CG  1 
ATOM   425  O  OD1 . ASN A 1 87  ? -3.407  -0.060  -1.375  1.00 24.62  ? 87  ASN A OD1 1 
ATOM   426  N  ND2 . ASN A 1 87  ? -2.724  0.007   -3.486  1.00 25.05  ? 87  ASN A ND2 1 
ATOM   427  N  N   . VAL A 1 88  ? -2.623  -5.166  -2.020  1.00 24.15  ? 88  VAL A N   1 
ATOM   428  C  CA  . VAL A 1 88  ? -2.929  -6.610  -2.057  1.00 24.59  ? 88  VAL A CA  1 
ATOM   429  C  C   . VAL A 1 88  ? -2.785  -7.214  -0.644  1.00 24.98  ? 88  VAL A C   1 
ATOM   430  O  O   . VAL A 1 88  ? -3.663  -7.963  -0.209  1.00 25.85  ? 88  VAL A O   1 
ATOM   431  C  CB  . VAL A 1 88  ? -2.000  -7.344  -3.036  1.00 26.02  ? 88  VAL A CB  1 
ATOM   432  C  CG1 . VAL A 1 88  ? -2.119  -8.867  -2.875  1.00 28.14  ? 88  VAL A CG1 1 
ATOM   433  C  CG2 . VAL A 1 88  ? -2.306  -6.870  -4.565  1.00 26.26  ? 88  VAL A CG2 1 
ATOM   434  N  N   . LEU A 1 89  ? -1.719  -6.850  0.081   1.00 21.85  ? 89  LEU A N   1 
ATOM   435  C  CA  . LEU A 1 89  ? -1.456  -7.432  1.376   1.00 23.54  ? 89  LEU A CA  1 
ATOM   436  C  C   . LEU A 1 89  ? -2.525  -6.980  2.366   1.00 23.92  ? 89  LEU A C   1 
ATOM   437  O  O   . LEU A 1 89  ? -2.909  -7.752  3.229   1.00 25.15  ? 89  LEU A O   1 
ATOM   438  C  CB  . LEU A 1 89  ? -0.041  -6.996  1.891   1.00 23.74  ? 89  LEU A CB  1 
ATOM   439  C  CG  . LEU A 1 89  ? 0.419   -7.240  3.324   1.00 25.55  ? 89  LEU A CG  1 
ATOM   440  C  CD1 . LEU A 1 89  ? 0.367   -8.757  3.366   1.00 30.64  ? 89  LEU A CD1 1 
ATOM   441  C  CD2 . LEU A 1 89  ? 1.866   -6.792  3.513   1.00 25.89  ? 89  LEU A CD2 1 
ATOM   442  N  N   . LEU A 1 90  ? -2.953  -5.713  2.272   1.00 22.51  ? 90  LEU A N   1 
ATOM   443  C  CA  . LEU A 1 90  ? -3.917  -5.155  3.198   1.00 24.32  ? 90  LEU A CA  1 
ATOM   444  C  C   . LEU A 1 90  ? -5.243  -5.878  3.017   1.00 24.37  ? 90  LEU A C   1 
ATOM   445  O  O   . LEU A 1 90  ? -5.907  -6.236  3.995   1.00 24.17  ? 90  LEU A O   1 
ATOM   446  C  CB  . LEU A 1 90  ? -4.114  -3.650  2.982   1.00 23.31  ? 90  LEU A CB  1 
ATOM   447  C  CG  . LEU A 1 90  ? -2.913  -2.777  3.398   1.00 27.33  ? 90  LEU A CG  1 
ATOM   448  C  CD1 . LEU A 1 90  ? -3.199  -1.338  3.129   1.00 29.24  ? 90  LEU A CD1 1 
ATOM   449  C  CD2 . LEU A 1 90  ? -2.560  -2.933  4.875   1.00 30.19  ? 90  LEU A CD2 1 
ATOM   450  N  N   . GLN A 1 91  ? -5.598  -6.141  1.774   1.00 25.38  ? 91  GLN A N   1 
ATOM   451  C  CA  . GLN A 1 91  ? -6.805  -6.891  1.547   1.00 26.89  ? 91  GLN A CA  1 
ATOM   452  C  C   . GLN A 1 91  ? -6.716  -8.340  2.067   1.00 26.66  ? 91  GLN A C   1 
ATOM   453  O  O   . GLN A 1 91  ? -7.700  -8.867  2.631   1.00 27.98  ? 91  GLN A O   1 
ATOM   454  C  CB  . GLN A 1 91  ? -7.166  -6.885  0.056   1.00 26.88  ? 91  GLN A CB  1 
ATOM   455  C  CG  . GLN A 1 91  ? -8.380  -7.694  -0.159  1.00 35.53  ? 91  GLN A CG  1 
ATOM   456  C  CD  . GLN A 1 91  ? -8.873  -7.571  -1.579  1.00 42.75  ? 91  GLN A CD  1 
ATOM   457  O  OE1 . GLN A 1 91  ? -8.608  -8.421  -2.413  1.00 45.59  ? 91  GLN A OE1 1 
ATOM   458  N  NE2 . GLN A 1 91  ? -9.526  -6.479  -1.867  1.00 45.15  ? 91  GLN A NE2 1 
ATOM   459  N  N   . ARG A 1 92  ? -5.566  -8.997  1.888   1.00 26.51  ? 92  ARG A N   1 
ATOM   460  C  CA  . ARG A 1 92  ? -5.369  -10.318 2.495   1.00 27.02  ? 92  ARG A CA  1 
ATOM   461  C  C   . ARG A 1 92  ? -5.487  -10.268 3.998   1.00 26.68  ? 92  ARG A C   1 
ATOM   462  O  O   . ARG A 1 92  ? -6.016  -11.179 4.590   1.00 26.93  ? 92  ARG A O   1 
ATOM   463  C  CB  . ARG A 1 92  ? -4.011  -10.931 2.169   1.00 27.43  ? 92  ARG A CB  1 
ATOM   464  C  CG  . ARG A 1 92  ? -3.813  -11.072 0.676   1.00 34.11  ? 92  ARG A CG  1 
ATOM   465  C  CD  . ARG A 1 92  ? -2.664  -12.013 0.409   1.00 41.31  ? 92  ARG A CD  1 
ATOM   466  N  NE  . ARG A 1 92  ? -2.850  -12.472 -0.955  1.00 49.14  ? 92  ARG A NE  1 
ATOM   467  C  CZ  . ARG A 1 92  ? -1.942  -12.359 -1.914  1.00 49.29  ? 92  ARG A CZ  1 
ATOM   468  N  NH1 . ARG A 1 92  ? -0.759  -11.841 -1.650  1.00 45.87  ? 92  ARG A NH1 1 
ATOM   469  N  NH2 . ARG A 1 92  ? -2.226  -12.787 -3.134  1.00 52.89  ? 92  ARG A NH2 1 
ATOM   470  N  N   . TRP A 1 93  ? -4.930  -9.249  4.652   1.00 25.61  ? 93  TRP A N   1 
ATOM   471  C  CA  . TRP A 1 93  ? -5.046  -9.219  6.116   1.00 23.84  ? 93  TRP A CA  1 
ATOM   472  C  C   . TRP A 1 93  ? -6.525  -9.100  6.540   1.00 24.72  ? 93  TRP A C   1 
ATOM   473  O  O   . TRP A 1 93  ? -6.986  -9.755  7.500   1.00 27.06  ? 93  TRP A O   1 
ATOM   474  C  CB  . TRP A 1 93  ? -4.240  -8.028  6.686   1.00 22.36  ? 93  TRP A CB  1 
ATOM   475  C  CG  . TRP A 1 93  ? -2.768  -8.289  6.738   1.00 22.15  ? 93  TRP A CG  1 
ATOM   476  C  CD1 . TRP A 1 93  ? -2.117  -9.533  6.638   1.00 24.04  ? 93  TRP A CD1 1 
ATOM   477  C  CD2 . TRP A 1 93  ? -1.751  -7.335  7.030   1.00 25.46  ? 93  TRP A CD2 1 
ATOM   478  N  NE1 . TRP A 1 93  ? -0.737  -9.349  6.794   1.00 22.78  ? 93  TRP A NE1 1 
ATOM   479  C  CE2 . TRP A 1 93  ? -0.497  -8.022  7.027   1.00 20.62  ? 93  TRP A CE2 1 
ATOM   480  C  CE3 . TRP A 1 93  ? -1.770  -5.952  7.249   1.00 21.36  ? 93  TRP A CE3 1 
ATOM   481  C  CZ2 . TRP A 1 93  ? 0.723   -7.362  7.274   1.00 27.34  ? 93  TRP A CZ2 1 
ATOM   482  C  CZ3 . TRP A 1 93  ? -0.571  -5.287  7.491   1.00 23.46  ? 93  TRP A CZ3 1 
ATOM   483  C  CH2 . TRP A 1 93  ? 0.674   -5.991  7.491   1.00 27.16  ? 93  TRP A CH2 1 
ATOM   484  N  N   . ASP A 1 94  ? -7.270  -8.259  5.846   1.00 24.04  ? 94  ASP A N   1 
ATOM   485  C  CA  . ASP A 1 94  ? -8.710  -8.159  6.131   1.00 25.99  ? 94  ASP A CA  1 
ATOM   486  C  C   . ASP A 1 94  ? -9.429  -9.530  5.894   1.00 27.70  ? 94  ASP A C   1 
ATOM   487  O  O   . ASP A 1 94  ? -10.195 -9.963  6.750   1.00 29.94  ? 94  ASP A O   1 
ATOM   488  C  CB  . ASP A 1 94  ? -9.352  -7.063  5.243   1.00 25.76  ? 94  ASP A CB  1 
ATOM   489  C  CG  . ASP A 1 94  ? -9.204  -5.668  5.860   1.00 26.28  ? 94  ASP A CG  1 
ATOM   490  O  OD1 . ASP A 1 94  ? -8.984  -5.543  7.113   1.00 24.58  ? 94  ASP A OD1 1 
ATOM   491  O  OD2 . ASP A 1 94  ? -9.294  -4.691  5.091   1.00 26.37  ? 94  ASP A OD2 1 
ATOM   492  N  N   . GLN A 1 95  ? -9.171  -10.206 4.772   1.00 29.04  ? 95  GLN A N   1 
ATOM   493  C  CA  . GLN A 1 95  ? -9.746  -11.571 4.505   1.00 30.57  ? 95  GLN A CA  1 
ATOM   494  C  C   . GLN A 1 95  ? -9.404  -12.594 5.587   1.00 31.67  ? 95  GLN A C   1 
ATOM   495  O  O   . GLN A 1 95  ? -10.234 -13.428 5.916   1.00 30.11  ? 95  GLN A O   1 
ATOM   496  C  CB  . GLN A 1 95  ? -9.320  -12.106 3.150   1.00 32.52  ? 95  GLN A CB  1 
ATOM   497  C  CG  . GLN A 1 95  ? -9.795  -11.181 1.984   1.00 39.25  ? 95  GLN A CG  1 
ATOM   498  C  CD  . GLN A 1 95  ? -9.225  -11.540 0.612   1.00 46.46  ? 95  GLN A CD  1 
ATOM   499  O  OE1 . GLN A 1 95  ? -8.119  -12.093 0.487   1.00 52.92  ? 95  GLN A OE1 1 
ATOM   500  N  NE2 . GLN A 1 95  ? -9.963  -11.183 -0.432  1.00 45.91  ? 95  GLN A NE2 1 
ATOM   501  N  N   . SER A 1 96  ? -8.217  -12.480 6.197   1.00 31.74  ? 96  SER A N   1 
ATOM   502  C  CA  . SER A 1 96  ? -7.779  -13.472 7.181   1.00 33.44  ? 96  SER A CA  1 
ATOM   503  C  C   . SER A 1 96  ? -8.608  -13.407 8.474   1.00 34.16  ? 96  SER A C   1 
ATOM   504  O  O   . SER A 1 96  ? -8.616  -14.366 9.288   1.00 34.10  ? 96  SER A O   1 
ATOM   505  C  CB  . SER A 1 96  ? -6.286  -13.277 7.496   1.00 33.05  ? 96  SER A CB  1 
ATOM   506  O  OG  . SER A 1 96  ? -6.211  -12.238 8.489   1.00 35.64  ? 96  SER A OG  1 
ATOM   507  N  N   . ARG A 1 97  ? -9.309  -12.294 8.700   1.00 34.30  ? 97  ARG A N   1 
ATOM   508  C  CA  . ARG A 1 97  ? -10.161 -12.219 9.880   1.00 36.66  ? 97  ARG A CA  1 
ATOM   509  C  C   . ARG A 1 97  ? -11.541 -12.893 9.749   1.00 39.58  ? 97  ARG A C   1 
ATOM   510  O  O   . ARG A 1 97  ? -12.220 -13.050 10.748  1.00 40.59  ? 97  ARG A O   1 
ATOM   511  C  CB  . ARG A 1 97  ? -10.397 -10.779 10.301  1.00 35.80  ? 97  ARG A CB  1 
ATOM   512  C  CG  . ARG A 1 97  ? -9.106  -10.054 10.574  1.00 35.02  ? 97  ARG A CG  1 
ATOM   513  C  CD  . ARG A 1 97  ? -9.435  -8.662  10.990  1.00 37.37  ? 97  ARG A CD  1 
ATOM   514  N  NE  . ARG A 1 97  ? -9.984  -8.685  12.345  1.00 36.01  ? 97  ARG A NE  1 
ATOM   515  C  CZ  . ARG A 1 97  ? -10.870 -7.787  12.781  1.00 39.86  ? 97  ARG A CZ  1 
ATOM   516  N  NH1 . ARG A 1 97  ? -11.293 -6.822  11.957  1.00 36.38  ? 97  ARG A NH1 1 
ATOM   517  N  NH2 . ARG A 1 97  ? -11.317 -7.837  14.025  1.00 35.46  ? 97  ARG A NH2 1 
ATOM   518  N  N   . PHE A 1 98  ? -11.960 -13.295 8.556   1.00 42.47  ? 98  PHE A N   1 
ATOM   519  C  CA  . PHE A 1 98  ? -13.363 -13.764 8.377   1.00 46.14  ? 98  PHE A CA  1 
ATOM   520  C  C   . PHE A 1 98  ? -13.737 -15.099 9.030   1.00 45.53  ? 98  PHE A C   1 
ATOM   521  O  O   . PHE A 1 98  ? -12.855 -15.878 9.429   1.00 45.79  ? 98  PHE A O   1 
ATOM   522  C  CB  . PHE A 1 98  ? -13.803 -13.652 6.906   1.00 47.31  ? 98  PHE A CB  1 
ATOM   523  C  CG  . PHE A 1 98  ? -14.078 -12.212 6.473   1.00 54.61  ? 98  PHE A CG  1 
ATOM   524  C  CD1 . PHE A 1 98  ? -15.379 -11.674 6.553   1.00 60.40  ? 98  PHE A CD1 1 
ATOM   525  C  CD2 . PHE A 1 98  ? -13.031 -11.379 6.015   1.00 59.26  ? 98  PHE A CD2 1 
ATOM   526  C  CE1 . PHE A 1 98  ? -15.635 -10.334 6.158   1.00 62.13  ? 98  PHE A CE1 1 
ATOM   527  C  CE2 . PHE A 1 98  ? -13.272 -10.062 5.627   1.00 60.44  ? 98  PHE A CE2 1 
ATOM   528  C  CZ  . PHE A 1 98  ? -14.571 -9.537  5.694   1.00 63.71  ? 98  PHE A CZ  1 
ATOM   529  N  N   . GLN A 1 105 ? -15.472 -7.130  17.814  1.00 42.12  ? 105 GLN A N   1 
ATOM   530  C  CA  . GLN A 1 105 ? -14.286 -6.422  18.322  1.00 41.32  ? 105 GLN A CA  1 
ATOM   531  C  C   . GLN A 1 105 ? -13.655 -5.454  17.245  1.00 39.01  ? 105 GLN A C   1 
ATOM   532  O  O   . GLN A 1 105 ? -13.379 -5.876  16.121  1.00 39.38  ? 105 GLN A O   1 
ATOM   533  C  CB  . GLN A 1 105 ? -13.273 -7.435  18.885  1.00 42.51  ? 105 GLN A CB  1 
ATOM   534  C  CG  . GLN A 1 105 ? -12.003 -6.773  19.397  1.00 46.12  ? 105 GLN A CG  1 
ATOM   535  C  CD  . GLN A 1 105 ? -11.104 -7.645  20.302  1.00 52.16  ? 105 GLN A CD  1 
ATOM   536  O  OE1 . GLN A 1 105 ? -11.040 -8.875  20.153  1.00 57.24  ? 105 GLN A OE1 1 
ATOM   537  N  NE2 . GLN A 1 105 ? -10.378 -6.993  21.236  1.00 51.96  ? 105 GLN A NE2 1 
ATOM   538  N  N   . ARG A 1 106 ? -13.435 -4.167  17.566  1.00 34.72  ? 106 ARG A N   1 
ATOM   539  C  CA  . ARG A 1 106 ? -12.814 -3.245  16.586  1.00 30.27  ? 106 ARG A CA  1 
ATOM   540  C  C   . ARG A 1 106 ? -11.377 -3.666  16.339  1.00 27.34  ? 106 ARG A C   1 
ATOM   541  O  O   . ARG A 1 106 ? -10.658 -3.943  17.268  1.00 25.09  ? 106 ARG A O   1 
ATOM   542  C  CB  . ARG A 1 106 ? -12.762 -1.813  17.106  1.00 29.39  ? 106 ARG A CB  1 
ATOM   543  C  CG  . ARG A 1 106 ? -14.063 -1.036  17.021  1.00 30.50  ? 106 ARG A CG  1 
ATOM   544  C  CD  . ARG A 1 106 ? -13.875 0.304   17.705  1.00 28.75  ? 106 ARG A CD  1 
ATOM   545  N  NE  . ARG A 1 106 ? -12.967 1.190   16.986  1.00 29.42  ? 106 ARG A NE  1 
ATOM   546  C  CZ  . ARG A 1 106 ? -13.386 2.009   16.029  1.00 31.69  ? 106 ARG A CZ  1 
ATOM   547  N  NH1 . ARG A 1 106 ? -14.676 1.998   15.656  1.00 28.67  ? 106 ARG A NH1 1 
ATOM   548  N  NH2 . ARG A 1 106 ? -12.538 2.839   15.461  1.00 25.80  ? 106 ARG A NH2 1 
ATOM   549  N  N   . LEU A 1 107 ? -10.953 -3.692  15.085  1.00 27.07  ? 107 LEU A N   1 
ATOM   550  C  CA  . LEU A 1 107 ? -9.509  -4.019  14.808  1.00 25.66  ? 107 LEU A CA  1 
ATOM   551  C  C   . LEU A 1 107 ? -8.550  -3.174  15.602  1.00 23.36  ? 107 LEU A C   1 
ATOM   552  O  O   . LEU A 1 107 ? -7.521  -3.656  16.106  1.00 22.57  ? 107 LEU A O   1 
ATOM   553  C  CB  . LEU A 1 107 ? -9.246  -3.882  13.298  1.00 25.46  ? 107 LEU A CB  1 
ATOM   554  C  CG  . LEU A 1 107 ? -7.969  -4.460  12.646  1.00 27.28  ? 107 LEU A CG  1 
ATOM   555  C  CD1 . LEU A 1 107 ? -7.616  -5.880  13.081  1.00 25.15  ? 107 LEU A CD1 1 
ATOM   556  C  CD2 . LEU A 1 107 ? -8.156  -4.392  11.094  1.00 22.79  ? 107 LEU A CD2 1 
ATOM   557  N  N   . ASP A 1 108 ? -8.848  -1.895  15.752  1.00 23.21  ? 108 ASP A N   1 
ATOM   558  C  CA  . ASP A 1 108 ? -7.928  -1.016  16.481  1.00 24.46  ? 108 ASP A CA  1 
ATOM   559  C  C   . ASP A 1 108 ? -7.880  -1.228  17.991  1.00 25.31  ? 108 ASP A C   1 
ATOM   560  O  O   . ASP A 1 108 ? -7.094  -0.568  18.662  1.00 24.83  ? 108 ASP A O   1 
ATOM   561  C  CB  . ASP A 1 108 ? -8.101  0.498   16.136  1.00 23.45  ? 108 ASP A CB  1 
ATOM   562  C  CG  . ASP A 1 108 ? -9.474  1.084   16.511  1.00 30.21  ? 108 ASP A CG  1 
ATOM   563  O  OD1 . ASP A 1 108 ? -10.305 0.409   17.189  1.00 29.46  ? 108 ASP A OD1 1 
ATOM   564  O  OD2 . ASP A 1 108 ? -9.727  2.243   16.068  1.00 28.87  ? 108 ASP A OD2 1 
ATOM   565  N  N   . SER A 1 109 ? -8.725  -2.114  18.536  1.00 26.66  ? 109 SER A N   1 
ATOM   566  C  CA  . SER A 1 109 ? -8.558  -2.531  19.976  1.00 27.83  ? 109 SER A CA  1 
ATOM   567  C  C   . SER A 1 109 ? -7.570  -3.707  20.041  1.00 28.30  ? 109 SER A C   1 
ATOM   568  O  O   . SER A 1 109 ? -7.089  -4.070  21.127  1.00 29.57  ? 109 SER A O   1 
ATOM   569  C  CB  . SER A 1 109 ? -9.907  -3.007  20.588  1.00 28.65  ? 109 SER A CB  1 
ATOM   570  O  OG  . SER A 1 109 ? -10.334 -4.203  19.899  1.00 30.52  ? 109 SER A OG  1 
ATOM   571  N  N   . ILE A 1 110 ? -7.272  -4.296  18.887  1.00 26.79  ? 110 ILE A N   1 
ATOM   572  C  CA  . ILE A 1 110 ? -6.335  -5.438  18.822  1.00 27.00  ? 110 ILE A CA  1 
ATOM   573  C  C   . ILE A 1 110 ? -4.932  -4.961  18.483  1.00 26.45  ? 110 ILE A C   1 
ATOM   574  O  O   . ILE A 1 110 ? -3.944  -5.332  19.142  1.00 26.68  ? 110 ILE A O   1 
ATOM   575  C  CB  . ILE A 1 110 ? -6.796  -6.461  17.778  1.00 26.40  ? 110 ILE A CB  1 
ATOM   576  C  CG1 . ILE A 1 110 ? -8.174  -7.023  18.173  1.00 30.19  ? 110 ILE A CG1 1 
ATOM   577  C  CG2 . ILE A 1 110 ? -5.780  -7.621  17.722  1.00 28.78  ? 110 ILE A CG2 1 
ATOM   578  C  CD1 . ILE A 1 110 ? -8.861  -7.930  17.036  1.00 31.85  ? 110 ILE A CD1 1 
ATOM   579  N  N   . ILE A 1 111 ? -4.821  -4.112  17.450  1.00 25.12  ? 111 ILE A N   1 
ATOM   580  C  CA  . ILE A 1 111 ? -3.512  -3.507  17.111  1.00 24.63  ? 111 ILE A CA  1 
ATOM   581  C  C   . ILE A 1 111 ? -3.663  -1.991  17.229  1.00 23.22  ? 111 ILE A C   1 
ATOM   582  O  O   . ILE A 1 111 ? -4.518  -1.406  16.550  1.00 21.92  ? 111 ILE A O   1 
ATOM   583  C  CB  . ILE A 1 111 ? -3.082  -3.770  15.635  1.00 25.76  ? 111 ILE A CB  1 
ATOM   584  C  CG1 . ILE A 1 111 ? -3.200  -5.264  15.260  1.00 30.15  ? 111 ILE A CG1 1 
ATOM   585  C  CG2 . ILE A 1 111 ? -1.609  -3.198  15.413  1.00 26.87  ? 111 ILE A CG2 1 
ATOM   586  C  CD1 . ILE A 1 111 ? -2.234  -6.207  16.045  1.00 29.19  ? 111 ILE A CD1 1 
ATOM   587  N  N   . HIS A 1 112 ? -2.879  -1.353  18.085  1.00 20.31  ? 112 HIS A N   1 
ATOM   588  C  CA  . HIS A 1 112 ? -3.055  0.097   18.309  1.00 21.46  ? 112 HIS A CA  1 
ATOM   589  C  C   . HIS A 1 112 ? -2.814  0.835   16.954  1.00 21.22  ? 112 HIS A C   1 
ATOM   590  O  O   . HIS A 1 112 ? -1.829  0.518   16.279  1.00 21.80  ? 112 HIS A O   1 
ATOM   591  C  CB  . HIS A 1 112 ? -2.029  0.564   19.340  1.00 18.98  ? 112 HIS A CB  1 
ATOM   592  C  CG  . HIS A 1 112 ? -2.189  1.992   19.801  1.00 19.59  ? 112 HIS A CG  1 
ATOM   593  N  ND1 . HIS A 1 112 ? -1.879  3.102   19.022  1.00 22.93  ? 112 HIS A ND1 1 
ATOM   594  C  CD2 . HIS A 1 112 ? -2.615  2.482   20.997  1.00 19.08  ? 112 HIS A CD2 1 
ATOM   595  C  CE1 . HIS A 1 112 ? -2.118  4.209   19.715  1.00 22.58  ? 112 HIS A CE1 1 
ATOM   596  N  NE2 . HIS A 1 112 ? -2.575  3.855   20.915  1.00 22.38  ? 112 HIS A NE2 1 
ATOM   597  N  N   . PRO A 1 113 ? -3.656  1.860   16.607  1.00 21.32  ? 113 PRO A N   1 
ATOM   598  C  CA  . PRO A 1 113 ? -3.569  2.591   15.340  1.00 20.73  ? 113 PRO A CA  1 
ATOM   599  C  C   . PRO A 1 113 ? -2.163  3.102   15.073  1.00 20.15  ? 113 PRO A C   1 
ATOM   600  O  O   . PRO A 1 113 ? -1.767  3.137   13.902  1.00 20.44  ? 113 PRO A O   1 
ATOM   601  C  CB  . PRO A 1 113 ? -4.446  3.827   15.605  1.00 20.31  ? 113 PRO A CB  1 
ATOM   602  C  CG  . PRO A 1 113 ? -5.600  3.215   16.386  1.00 21.58  ? 113 PRO A CG  1 
ATOM   603  C  CD  . PRO A 1 113 ? -4.862  2.294   17.378  1.00 21.96  ? 113 PRO A CD  1 
ATOM   604  N  N   . THR A 1 114 ? -1.451  3.550   16.128  1.00 19.07  ? 114 THR A N   1 
ATOM   605  C  CA  . THR A 1 114 ? -0.111  4.184   15.907  1.00 20.33  ? 114 THR A CA  1 
ATOM   606  C  C   . THR A 1 114 ? 0.831   3.099   15.363  1.00 21.40  ? 114 THR A C   1 
ATOM   607  O  O   . THR A 1 114 ? 1.623   3.315   14.484  1.00 20.20  ? 114 THR A O   1 
ATOM   608  C  CB  . THR A 1 114 ? 0.455   4.839   17.150  1.00 20.97  ? 114 THR A CB  1 
ATOM   609  O  OG1 . THR A 1 114 ? -0.507  5.821   17.627  1.00 21.82  ? 114 THR A OG1 1 
ATOM   610  C  CG2 . THR A 1 114 ? 1.813   5.569   16.794  1.00 21.62  ? 114 THR A CG2 1 
ATOM   611  N  N   . LYS A 1 115 ? 0.720   1.912   15.930  1.00 21.56  ? 115 LYS A N   1 
ATOM   612  C  CA  . LYS A 1 115 ? 1.571   0.799   15.543  1.00 22.60  ? 115 LYS A CA  1 
ATOM   613  C  C   . LYS A 1 115 ? 1.127   0.246   14.212  1.00 20.51  ? 115 LYS A C   1 
ATOM   614  O  O   . LYS A 1 115 ? 1.964   -0.095  13.368  1.00 20.47  ? 115 LYS A O   1 
ATOM   615  C  CB  . LYS A 1 115 ? 1.495   -0.310  16.591  1.00 22.11  ? 115 LYS A CB  1 
ATOM   616  C  CG  . LYS A 1 115 ? 2.063   -1.603  16.033  1.00 24.21  ? 115 LYS A CG  1 
ATOM   617  C  CD  . LYS A 1 115 ? 2.280   -2.626  17.190  1.00 32.07  ? 115 LYS A CD  1 
ATOM   618  C  CE  . LYS A 1 115 ? 3.325   -2.253  18.201  1.00 35.47  ? 115 LYS A CE  1 
ATOM   619  N  NZ  . LYS A 1 115 ? 3.283   -3.423  19.221  1.00 38.11  ? 115 LYS A NZ  1 
ATOM   620  N  N   . ALA A 1 116 ? -0.198  0.126   14.021  1.00 20.62  ? 116 ALA A N   1 
ATOM   621  C  CA  . ALA A 1 116 ? -0.783  -0.335  12.750  1.00 18.13  ? 116 ALA A CA  1 
ATOM   622  C  C   . ALA A 1 116 ? -0.351  0.510   11.557  1.00 19.14  ? 116 ALA A C   1 
ATOM   623  O  O   . ALA A 1 116 ? 0.062   -0.021  10.504  1.00 18.24  ? 116 ALA A O   1 
ATOM   624  C  CB  . ALA A 1 116 ? -2.273  -0.266  12.804  1.00 18.35  ? 116 ALA A CB  1 
ATOM   625  N  N   . GLU A 1 117 ? -0.527  1.821   11.694  1.00 17.88  ? 117 GLU A N   1 
ATOM   626  C  CA  . GLU A 1 117 ? -0.050  2.755   10.665  1.00 20.07  ? 117 GLU A CA  1 
ATOM   627  C  C   . GLU A 1 117 ? 1.446   2.623   10.405  1.00 20.21  ? 117 GLU A C   1 
ATOM   628  O  O   . GLU A 1 117 ? 1.897   2.609   9.259   1.00 19.15  ? 117 GLU A O   1 
ATOM   629  C  CB  . GLU A 1 117 ? -0.350  4.218   11.097  1.00 19.67  ? 117 GLU A CB  1 
ATOM   630  C  CG  . GLU A 1 117 ? 0.154   5.222   10.005  1.00 22.26  ? 117 GLU A CG  1 
ATOM   631  C  CD  . GLU A 1 117 ? 0.056   6.700   10.440  1.00 27.29  ? 117 GLU A CD  1 
ATOM   632  O  OE1 . GLU A 1 117 ? -0.511  7.017   11.533  1.00 26.14  ? 117 GLU A OE1 1 
ATOM   633  O  OE2 . GLU A 1 117 ? 0.618   7.542   9.725   1.00 27.65  ? 117 GLU A OE2 1 
ATOM   634  N  N   . ALA A 1 118 ? 2.251   2.630   11.474  1.00 20.19  ? 118 ALA A N   1 
ATOM   635  C  CA  . ALA A 1 118 ? 3.691   2.437   11.292  1.00 20.53  ? 118 ALA A CA  1 
ATOM   636  C  C   . ALA A 1 118 ? 4.043   1.130   10.517  1.00 20.34  ? 118 ALA A C   1 
ATOM   637  O  O   . ALA A 1 118 ? 4.958   1.136   9.688   1.00 20.43  ? 118 ALA A O   1 
ATOM   638  C  CB  . ALA A 1 118 ? 4.430   2.446   12.672  1.00 22.04  ? 118 ALA A CB  1 
ATOM   639  N  N   . THR A 1 119 ? 3.325   0.048   10.763  1.00 18.64  ? 119 THR A N   1 
ATOM   640  C  CA  . THR A 1 119 ? 3.561   -1.209  10.109  1.00 18.75  ? 119 THR A CA  1 
ATOM   641  C  C   . THR A 1 119 ? 3.290   -1.042  8.597   1.00 19.76  ? 119 THR A C   1 
ATOM   642  O  O   . THR A 1 119 ? 4.089   -1.506  7.767   1.00 19.67  ? 119 THR A O   1 
ATOM   643  C  CB  . THR A 1 119 ? 2.647   -2.301  10.678  1.00 20.82  ? 119 THR A CB  1 
ATOM   644  O  OG1 . THR A 1 119 ? 2.878   -2.414  12.122  1.00 19.81  ? 119 THR A OG1 1 
ATOM   645  C  CG2 . THR A 1 119 ? 2.945   -3.658  10.027  1.00 18.95  ? 119 THR A CG2 1 
ATOM   646  N  N   . ILE A 1 120 ? 2.200   -0.382  8.239   1.00 18.50  ? 120 ILE A N   1 
ATOM   647  C  CA  . ILE A 1 120 ? 1.928   -0.096  6.813   1.00 20.40  ? 120 ILE A CA  1 
ATOM   648  C  C   . ILE A 1 120 ? 3.045   0.739   6.155   1.00 20.50  ? 120 ILE A C   1 
ATOM   649  O  O   . ILE A 1 120 ? 3.529   0.385   5.068   1.00 22.00  ? 120 ILE A O   1 
ATOM   650  C  CB  . ILE A 1 120 ? 0.526   0.516   6.603   1.00 20.33  ? 120 ILE A CB  1 
ATOM   651  C  CG1 . ILE A 1 120 ? -0.541  -0.491  7.093   1.00 18.21  ? 120 ILE A CG1 1 
ATOM   652  C  CG2 . ILE A 1 120 ? 0.315   1.014   5.134   1.00 22.24  ? 120 ILE A CG2 1 
ATOM   653  C  CD1 . ILE A 1 120 ? -2.002  0.167   7.072   1.00 18.92  ? 120 ILE A CD1 1 
ATOM   654  N  N   . TRP A 1 121 ? 3.489   1.806   6.792   1.00 19.93  ? 121 TRP A N   1 
ATOM   655  C  CA  . TRP A 1 121 ? 4.583   2.548   6.246   1.00 20.53  ? 121 TRP A CA  1 
ATOM   656  C  C   . TRP A 1 121 ? 5.841   1.718   6.079   1.00 20.45  ? 121 TRP A C   1 
ATOM   657  O  O   . TRP A 1 121 ? 6.596   1.939   5.149   1.00 21.58  ? 121 TRP A O   1 
ATOM   658  C  CB  . TRP A 1 121 ? 4.912   3.772   7.125   1.00 20.20  ? 121 TRP A CB  1 
ATOM   659  C  CG  . TRP A 1 121 ? 3.862   4.896   7.025   1.00 21.86  ? 121 TRP A CG  1 
ATOM   660  C  CD1 . TRP A 1 121 ? 3.265   5.579   8.080   1.00 18.57  ? 121 TRP A CD1 1 
ATOM   661  C  CD2 . TRP A 1 121 ? 3.347   5.470   5.808   1.00 20.21  ? 121 TRP A CD2 1 
ATOM   662  N  NE1 . TRP A 1 121 ? 2.406   6.550   7.570   1.00 23.14  ? 121 TRP A NE1 1 
ATOM   663  C  CE2 . TRP A 1 121 ? 2.462   6.514   6.182   1.00 22.51  ? 121 TRP A CE2 1 
ATOM   664  C  CE3 . TRP A 1 121 ? 3.602   5.227   4.429   1.00 21.69  ? 121 TRP A CE3 1 
ATOM   665  C  CZ2 . TRP A 1 121 ? 1.766   7.312   5.215   1.00 25.04  ? 121 TRP A CZ2 1 
ATOM   666  C  CZ3 . TRP A 1 121 ? 2.898   6.003   3.461   1.00 25.53  ? 121 TRP A CZ3 1 
ATOM   667  C  CH2 . TRP A 1 121 ? 1.995   7.042   3.866   1.00 25.65  ? 121 TRP A CH2 1 
ATOM   668  N  N   . LEU A 1 122 ? 6.122   0.826   7.020   1.00 20.05  ? 122 LEU A N   1 
ATOM   669  C  CA  . LEU A 1 122 ? 7.378   0.088   6.947   1.00 20.28  ? 122 LEU A CA  1 
ATOM   670  C  C   . LEU A 1 122 ? 7.298   -0.947  5.830   1.00 19.61  ? 122 LEU A C   1 
ATOM   671  O  O   . LEU A 1 122 ? 8.244   -1.122  5.052   1.00 20.70  ? 122 LEU A O   1 
ATOM   672  C  CB  . LEU A 1 122 ? 7.626   -0.550  8.301   1.00 18.91  ? 122 LEU A CB  1 
ATOM   673  C  CG  . LEU A 1 122 ? 8.008   0.373   9.463   1.00 21.15  ? 122 LEU A CG  1 
ATOM   674  C  CD1 . LEU A 1 122 ? 8.050   -0.359  10.810  1.00 21.11  ? 122 LEU A CD1 1 
ATOM   675  C  CD2 . LEU A 1 122 ? 9.415   0.954   9.127   1.00 24.06  ? 122 LEU A CD2 1 
ATOM   676  N  N   . VAL A 1 123 ? 6.140   -1.558  5.648   1.00 19.63  ? 123 VAL A N   1 
ATOM   677  C  CA  . VAL A 1 123 ? 5.954   -2.525  4.583   1.00 21.35  ? 123 VAL A CA  1 
ATOM   678  C  C   . VAL A 1 123 ? 5.943   -1.773  3.262   1.00 21.64  ? 123 VAL A C   1 
ATOM   679  O  O   . VAL A 1 123 ? 6.497   -2.247  2.240   1.00 21.43  ? 123 VAL A O   1 
ATOM   680  C  CB  . VAL A 1 123 ? 4.621   -3.287  4.809   1.00 22.43  ? 123 VAL A CB  1 
ATOM   681  C  CG1 . VAL A 1 123 ? 4.149   -3.986  3.555   1.00 26.29  ? 123 VAL A CG1 1 
ATOM   682  C  CG2 . VAL A 1 123 ? 4.815   -4.330  5.989   1.00 21.74  ? 123 VAL A CG2 1 
ATOM   683  N  N   . GLU A 1 124 ? 5.376   -0.567  3.282   1.00 21.35  ? 124 GLU A N   1 
ATOM   684  C  CA  . GLU A 1 124 ? 5.244   0.228   2.020   1.00 22.18  ? 124 GLU A CA  1 
ATOM   685  C  C   . GLU A 1 124 ? 6.694   0.578   1.565   1.00 21.24  ? 124 GLU A C   1 
ATOM   686  O  O   . GLU A 1 124 ? 6.979   0.586   0.377   1.00 23.49  ? 124 GLU A O   1 
ATOM   687  C  CB  . GLU A 1 124 ? 4.463   1.525   2.254   1.00 22.51  ? 124 GLU A CB  1 
ATOM   688  C  CG  . GLU A 1 124 ? 4.519   2.532   1.070   1.00 22.70  ? 124 GLU A CG  1 
ATOM   689  C  CD  . GLU A 1 124 ? 3.678   2.037   -0.150  1.00 24.06  ? 124 GLU A CD  1 
ATOM   690  O  OE1 . GLU A 1 124 ? 2.949   1.009   -0.036  1.00 23.43  ? 124 GLU A OE1 1 
ATOM   691  O  OE2 . GLU A 1 124 ? 3.790   2.632   -1.252  1.00 27.22  ? 124 GLU A OE2 1 
ATOM   692  N  N   . GLU A 1 125 ? 7.576   0.834   2.520   1.00 21.56  ? 125 GLU A N   1 
ATOM   693  C  CA  . GLU A 1 125 ? 8.930   1.217   2.162   1.00 23.11  ? 125 GLU A CA  1 
ATOM   694  C  C   . GLU A 1 125 ? 9.673   0.056   1.483   1.00 23.39  ? 125 GLU A C   1 
ATOM   695  O  O   . GLU A 1 125 ? 10.421  0.262   0.516   1.00 24.33  ? 125 GLU A O   1 
ATOM   696  C  CB  . GLU A 1 125 ? 9.693   1.777   3.354   1.00 23.86  ? 125 GLU A CB  1 
ATOM   697  C  CG  . GLU A 1 125 ? 11.156  2.102   2.992   1.00 30.12  ? 125 GLU A CG  1 
ATOM   698  C  CD  . GLU A 1 125 ? 11.713  3.178   3.886   1.00 38.57  ? 125 GLU A CD  1 
ATOM   699  O  OE1 . GLU A 1 125 ? 11.668  3.039   5.145   1.00 34.00  ? 125 GLU A OE1 1 
ATOM   700  O  OE2 . GLU A 1 125 ? 12.161  4.195   3.323   1.00 43.38  ? 125 GLU A OE2 1 
ATOM   701  N  N   . ILE A 1 126 ? 9.387   -1.168  1.939   1.00 22.38  ? 126 ILE A N   1 
ATOM   702  C  CA  . ILE A 1 126 ? 9.925   -2.388  1.354   1.00 22.87  ? 126 ILE A CA  1 
ATOM   703  C  C   . ILE A 1 126 ? 9.437   -2.546  -0.071  1.00 22.25  ? 126 ILE A C   1 
ATOM   704  O  O   . ILE A 1 126 ? 10.226  -2.831  -1.016  1.00 23.52  ? 126 ILE A O   1 
ATOM   705  C  CB  . ILE A 1 126 ? 9.608   -3.633  2.239   1.00 23.22  ? 126 ILE A CB  1 
ATOM   706  C  CG1 . ILE A 1 126 ? 10.464  -3.557  3.549   1.00 21.58  ? 126 ILE A CG1 1 
ATOM   707  C  CG2 . ILE A 1 126 ? 9.932   -4.902  1.473   1.00 23.80  ? 126 ILE A CG2 1 
ATOM   708  C  CD1 . ILE A 1 126 ? 10.030  -4.579  4.646   1.00 26.25  ? 126 ILE A CD1 1 
ATOM   709  N  N   . HIS A 1 127 ? 8.163   -2.278  -0.269  1.00 21.00  ? 127 HIS A N   1 
ATOM   710  C  CA  . HIS A 1 127 ? 7.530   -2.441  -1.573  1.00 20.67  ? 127 HIS A CA  1 
ATOM   711  C  C   . HIS A 1 127 ? 7.941   -1.352  -2.551  1.00 20.70  ? 127 HIS A C   1 
ATOM   712  O  O   . HIS A 1 127 ? 7.916   -1.555  -3.786  1.00 20.79  ? 127 HIS A O   1 
ATOM   713  C  CB  . HIS A 1 127 ? 6.001   -2.472  -1.397  1.00 17.57  ? 127 HIS A CB  1 
ATOM   714  C  CG  . HIS A 1 127 ? 5.521   -3.710  -0.721  1.00 21.15  ? 127 HIS A CG  1 
ATOM   715  N  ND1 . HIS A 1 127 ? 4.321   -3.771  -0.056  1.00 20.78  ? 127 HIS A ND1 1 
ATOM   716  C  CD2 . HIS A 1 127 ? 6.055   -4.959  -0.654  1.00 23.14  ? 127 HIS A CD2 1 
ATOM   717  C  CE1 . HIS A 1 127 ? 4.139   -5.007  0.412   1.00 22.45  ? 127 HIS A CE1 1 
ATOM   718  N  NE2 . HIS A 1 127 ? 5.156   -5.757  0.024   1.00 23.74  ? 127 HIS A NE2 1 
ATOM   719  N  N   . ARG A 1 128 ? 8.290   -0.191  -2.025  1.00 21.76  ? 128 ARG A N   1 
ATOM   720  C  CA  . ARG A 1 128 ? 8.813   0.881   -2.890  1.00 22.23  ? 128 ARG A CA  1 
ATOM   721  C  C   . ARG A 1 128 ? 10.279  0.619   -3.280  1.00 24.68  ? 128 ARG A C   1 
ATOM   722  O  O   . ARG A 1 128 ? 10.655  0.801   -4.449  1.00 23.95  ? 128 ARG A O   1 
ATOM   723  C  CB  . ARG A 1 128 ? 8.726   2.248   -2.196  1.00 22.31  ? 128 ARG A CB  1 
ATOM   724  C  CG  . ARG A 1 128 ? 7.258   2.787   -2.112  1.00 20.52  ? 128 ARG A CG  1 
ATOM   725  C  CD  . ARG A 1 128 ? 7.241   4.203   -1.424  1.00 20.38  ? 128 ARG A CD  1 
ATOM   726  N  NE  . ARG A 1 128 ? 5.823   4.584   -1.184  1.00 21.21  ? 128 ARG A NE  1 
ATOM   727  C  CZ  . ARG A 1 128 ? 5.423   5.720   -0.625  1.00 20.43  ? 128 ARG A CZ  1 
ATOM   728  N  NH1 . ARG A 1 128 ? 6.326   6.578   -0.123  1.00 21.86  ? 128 ARG A NH1 1 
ATOM   729  N  NH2 . ARG A 1 128 ? 4.103   5.924   -0.463  1.00 21.83  ? 128 ARG A NH2 1 
ATOM   730  N  N   . LEU A 1 129 ? 11.101  0.196   -2.328  1.00 24.82  ? 129 LEU A N   1 
ATOM   731  C  CA  . LEU A 1 129 ? 12.530  0.192   -2.574  1.00 26.28  ? 129 LEU A CA  1 
ATOM   732  C  C   . LEU A 1 129 ? 13.034  -1.113  -3.143  1.00 27.77  ? 129 LEU A C   1 
ATOM   733  O  O   . LEU A 1 129 ? 14.110  -1.113  -3.690  1.00 28.62  ? 129 LEU A O   1 
ATOM   734  C  CB  . LEU A 1 129 ? 13.329  0.491   -1.295  1.00 26.47  ? 129 LEU A CB  1 
ATOM   735  C  CG  . LEU A 1 129 ? 13.007  1.834   -0.659  1.00 27.03  ? 129 LEU A CG  1 
ATOM   736  C  CD1 . LEU A 1 129 ? 13.876  1.989   0.632   1.00 22.43  ? 129 LEU A CD1 1 
ATOM   737  C  CD2 . LEU A 1 129 ? 13.290  2.941   -1.685  1.00 31.56  ? 129 LEU A CD2 1 
ATOM   738  N  N   . THR A 1 130 ? 12.339  -2.245  -3.002  1.00 25.67  ? 130 THR A N   1 
ATOM   739  C  CA  . THR A 1 130 ? 13.034  -3.496  -3.303  1.00 26.17  ? 130 THR A CA  1 
ATOM   740  C  C   . THR A 1 130 ? 12.624  -4.308  -4.564  1.00 27.34  ? 130 THR A C   1 
ATOM   741  O  O   . THR A 1 130 ? 13.454  -4.986  -5.083  1.00 27.11  ? 130 THR A O   1 
ATOM   742  C  CB  . THR A 1 130 ? 13.096  -4.480  -2.109  1.00 25.92  ? 130 THR A CB  1 
ATOM   743  O  OG1 . THR A 1 130 ? 11.762  -4.922  -1.821  1.00 25.60  ? 130 THR A OG1 1 
ATOM   744  C  CG2 . THR A 1 130 ? 13.706  -3.826  -0.844  1.00 25.83  ? 130 THR A CG2 1 
ATOM   745  N  N   . PRO A 1 131 ? 11.361  -4.264  -5.007  1.00 28.42  ? 131 PRO A N   1 
ATOM   746  C  CA  . PRO A 1 131 ? 10.897  -5.159  -6.081  1.00 29.48  ? 131 PRO A CA  1 
ATOM   747  C  C   . PRO A 1 131 ? 11.469  -4.823  -7.479  1.00 31.23  ? 131 PRO A C   1 
ATOM   748  O  O   . PRO A 1 131 ? 11.695  -3.649  -7.777  1.00 30.92  ? 131 PRO A O   1 
ATOM   749  C  CB  . PRO A 1 131 ? 9.372   -4.920  -6.099  1.00 30.85  ? 131 PRO A CB  1 
ATOM   750  C  CG  . PRO A 1 131 ? 9.087   -4.079  -4.923  1.00 28.84  ? 131 PRO A CG  1 
ATOM   751  C  CD  . PRO A 1 131 ? 10.278  -3.420  -4.455  1.00 28.03  ? 131 PRO A CD  1 
ATOM   752  N  N   . SER A 1 132 ? 11.687  -5.826  -8.333  1.00 32.27  ? 132 SER A N   1 
ATOM   753  C  CA  . SER A 1 132 ? 12.098  -5.481  -9.679  1.00 34.65  ? 132 SER A CA  1 
ATOM   754  C  C   . SER A 1 132 ? 10.843  -5.289  -10.553 1.00 34.69  ? 132 SER A C   1 
ATOM   755  O  O   . SER A 1 132 ? 9.814   -5.919  -10.341 1.00 32.73  ? 132 SER A O   1 
ATOM   756  C  CB  . SER A 1 132 ? 13.015  -6.558  -10.264 1.00 35.25  ? 132 SER A CB  1 
ATOM   757  O  OG  . SER A 1 132 ? 12.237  -7.696  -10.469 1.00 39.85  ? 132 SER A OG  1 
ATOM   758  N  N   . HIS A 1 133 ? 10.947  -4.421  -11.560 1.00 36.28  ? 133 HIS A N   1 
ATOM   759  C  CA  . HIS A 1 133 ? 9.758   -4.176  -12.387 1.00 37.92  ? 133 HIS A CA  1 
ATOM   760  C  C   . HIS A 1 133 ? 9.400   -5.398  -13.154 1.00 36.40  ? 133 HIS A C   1 
ATOM   761  O  O   . HIS A 1 133 ? 8.269   -5.566  -13.542 1.00 36.25  ? 133 HIS A O   1 
ATOM   762  C  CB  . HIS A 1 133 ? 9.903   -2.960  -13.310 1.00 37.59  ? 133 HIS A CB  1 
ATOM   763  C  CG  . HIS A 1 133 ? 11.110  -2.987  -14.190 1.00 42.82  ? 133 HIS A CG  1 
ATOM   764  N  ND1 . HIS A 1 133 ? 11.105  -3.572  -15.447 1.00 47.58  ? 133 HIS A ND1 1 
ATOM   765  C  CD2 . HIS A 1 133 ? 12.332  -2.423  -14.041 1.00 44.44  ? 133 HIS A CD2 1 
ATOM   766  C  CE1 . HIS A 1 133 ? 12.286  -3.401  -16.017 1.00 47.64  ? 133 HIS A CE1 1 
ATOM   767  N  NE2 . HIS A 1 133 ? 13.052  -2.718  -15.179 1.00 50.57  ? 133 HIS A NE2 1 
ATOM   768  N  N   . LEU A 1 134 ? 10.386  -6.248  -13.397 1.00 37.77  ? 134 LEU A N   1 
ATOM   769  C  CA  . LEU A 1 134 ? 10.137  -7.503  -14.094 1.00 38.45  ? 134 LEU A CA  1 
ATOM   770  C  C   . LEU A 1 134 ? 9.226   -8.350  -13.250 1.00 37.40  ? 134 LEU A C   1 
ATOM   771  O  O   . LEU A 1 134 ? 8.268   -8.940  -13.750 1.00 36.75  ? 134 LEU A O   1 
ATOM   772  C  CB  . LEU A 1 134 ? 11.459  -8.222  -14.360 1.00 40.55  ? 134 LEU A CB  1 
ATOM   773  C  CG  . LEU A 1 134 ? 11.591  -9.393  -15.323 1.00 45.74  ? 134 LEU A CG  1 
ATOM   774  C  CD1 . LEU A 1 134 ? 12.996  -9.281  -15.999 1.00 48.95  ? 134 LEU A CD1 1 
ATOM   775  C  CD2 . LEU A 1 134 ? 11.473  -10.735 -14.604 1.00 50.32  ? 134 LEU A CD2 1 
ATOM   776  N  N   . HIS A 1 135 ? 9.482   -8.411  -11.946 1.00 36.07  ? 135 HIS A N   1 
ATOM   777  C  CA  . HIS A 1 135 ? 8.570   -9.179  -11.095 1.00 36.52  ? 135 HIS A CA  1 
ATOM   778  C  C   . HIS A 1 135 ? 7.130   -8.618  -11.107 1.00 34.99  ? 135 HIS A C   1 
ATOM   779  O  O   . HIS A 1 135 ? 6.128   -9.365  -11.134 1.00 35.26  ? 135 HIS A O   1 
ATOM   780  C  CB  . HIS A 1 135 ? 9.140   -9.281  -9.649  1.00 36.71  ? 135 HIS A CB  1 
ATOM   781  C  CG  . HIS A 1 135 ? 8.214   -9.944  -8.686  1.00 37.70  ? 135 HIS A CG  1 
ATOM   782  N  ND1 . HIS A 1 135 ? 8.108   -11.308 -8.583  1.00 38.90  ? 135 HIS A ND1 1 
ATOM   783  C  CD2 . HIS A 1 135 ? 7.333   -9.425  -7.786  1.00 38.21  ? 135 HIS A CD2 1 
ATOM   784  C  CE1 . HIS A 1 135 ? 7.216   -11.607 -7.646  1.00 38.57  ? 135 HIS A CE1 1 
ATOM   785  N  NE2 . HIS A 1 135 ? 6.729   -10.483 -7.157  1.00 32.90  ? 135 HIS A NE2 1 
HETATM 786  N  N   . MSE A 1 136 ? 7.023   -7.294  -11.094 1.00 34.99  ? 136 MSE A N   1 
HETATM 787  C  CA  . MSE A 1 136 ? 5.738   -6.644  -11.055 1.00 34.43  ? 136 MSE A CA  1 
HETATM 788  C  C   . MSE A 1 136 ? 5.010   -6.959  -12.412 1.00 35.11  ? 136 MSE A C   1 
HETATM 789  O  O   . MSE A 1 136 ? 3.840   -7.268  -12.445 1.00 34.72  ? 136 MSE A O   1 
HETATM 790  C  CB  . MSE A 1 136 ? 5.897   -5.095  -10.874 1.00 33.42  ? 136 MSE A CB  1 
HETATM 791  C  CG  . MSE A 1 136 ? 6.649   -4.566  -9.591  1.00 33.07  ? 136 MSE A CG  1 
HETATM 792  SE SE  . MSE A 1 136 ? 5.750   -5.345  -8.044  1.00 11.88  ? 136 MSE A SE  1 
HETATM 793  C  CE  . MSE A 1 136 ? 4.036   -5.102  -8.584  1.00 30.18  ? 136 MSE A CE  1 
ATOM   794  N  N   . ALA A 1 137 ? 5.722   -6.888  -13.523 1.00 35.82  ? 137 ALA A N   1 
ATOM   795  C  CA  . ALA A 1 137 ? 5.093   -7.195  -14.812 1.00 36.58  ? 137 ALA A CA  1 
ATOM   796  C  C   . ALA A 1 137 ? 4.546   -8.607  -14.805 1.00 37.09  ? 137 ALA A C   1 
ATOM   797  O  O   . ALA A 1 137 ? 3.398   -8.838  -15.179 1.00 36.71  ? 137 ALA A O   1 
ATOM   798  C  CB  . ALA A 1 137 ? 6.122   -7.018  -15.948 1.00 37.03  ? 137 ALA A CB  1 
ATOM   799  N  N   . LEU A 1 138 ? 5.357   -9.556  -14.333 1.00 39.07  ? 138 LEU A N   1 
ATOM   800  C  CA  . LEU A 1 138 ? 4.924   -10.950 -14.167 1.00 39.34  ? 138 LEU A CA  1 
ATOM   801  C  C   . LEU A 1 138 ? 3.687   -11.095 -13.273 1.00 39.73  ? 138 LEU A C   1 
ATOM   802  O  O   . LEU A 1 138 ? 2.730   -11.812 -13.609 1.00 40.55  ? 138 LEU A O   1 
ATOM   803  C  CB  . LEU A 1 138 ? 6.087   -11.795 -13.618 1.00 40.70  ? 138 LEU A CB  1 
ATOM   804  C  CG  . LEU A 1 138 ? 7.004   -12.080 -14.817 1.00 44.50  ? 138 LEU A CG  1 
ATOM   805  C  CD1 . LEU A 1 138 ? 8.214   -12.979 -14.488 1.00 48.99  ? 138 LEU A CD1 1 
ATOM   806  C  CD2 . LEU A 1 138 ? 6.139   -12.680 -15.994 1.00 47.71  ? 138 LEU A CD2 1 
ATOM   807  N  N   . LEU A 1 139 ? 3.677   -10.422 -12.128 1.00 38.68  ? 139 LEU A N   1 
ATOM   808  C  CA  . LEU A 1 139 ? 2.475   -10.437 -11.295 1.00 37.72  ? 139 LEU A CA  1 
ATOM   809  C  C   . LEU A 1 139 ? 1.280   -9.911  -12.025 1.00 38.14  ? 139 LEU A C   1 
ATOM   810  O  O   . LEU A 1 139 ? 0.228   -10.499 -11.971 1.00 37.33  ? 139 LEU A O   1 
ATOM   811  C  CB  . LEU A 1 139 ? 2.673   -9.556  -10.059 1.00 37.74  ? 139 LEU A CB  1 
ATOM   812  C  CG  . LEU A 1 139 ? 3.497   -10.212 -8.964  1.00 35.10  ? 139 LEU A CG  1 
ATOM   813  C  CD1 . LEU A 1 139 ? 3.566   -9.244  -7.771  1.00 34.21  ? 139 LEU A CD1 1 
ATOM   814  C  CD2 . LEU A 1 139 ? 2.793   -11.510 -8.591  1.00 37.54  ? 139 LEU A CD2 1 
ATOM   815  N  N   . TRP A 1 140 ? 1.424   -8.762  -12.675 1.00 39.24  ? 140 TRP A N   1 
ATOM   816  C  CA  . TRP A 1 140 ? 0.260   -8.152  -13.327 1.00 40.98  ? 140 TRP A CA  1 
ATOM   817  C  C   . TRP A 1 140 ? -0.248  -9.003  -14.486 1.00 42.96  ? 140 TRP A C   1 
ATOM   818  O  O   . TRP A 1 140 ? -1.445  -9.063  -14.713 1.00 42.76  ? 140 TRP A O   1 
ATOM   819  C  CB  . TRP A 1 140 ? 0.585   -6.752  -13.806 1.00 39.11  ? 140 TRP A CB  1 
ATOM   820  C  CG  . TRP A 1 140 ? 0.936   -5.828  -12.685 1.00 38.96  ? 140 TRP A CG  1 
ATOM   821  C  CD1 . TRP A 1 140 ? 0.663   -6.003  -11.334 1.00 35.48  ? 140 TRP A CD1 1 
ATOM   822  C  CD2 . TRP A 1 140 ? 1.557   -4.543  -12.805 1.00 34.87  ? 140 TRP A CD2 1 
ATOM   823  N  NE1 . TRP A 1 140 ? 1.116   -4.908  -10.631 1.00 34.06  ? 140 TRP A NE1 1 
ATOM   824  C  CE2 . TRP A 1 140 ? 1.681   -4.010  -11.503 1.00 33.53  ? 140 TRP A CE2 1 
ATOM   825  C  CE3 . TRP A 1 140 ? 2.084   -3.819  -13.889 1.00 34.16  ? 140 TRP A CE3 1 
ATOM   826  C  CZ2 . TRP A 1 140 ? 2.227   -2.749  -11.262 1.00 32.37  ? 140 TRP A CZ2 1 
ATOM   827  C  CZ3 . TRP A 1 140 ? 2.649   -2.579  -13.650 1.00 32.91  ? 140 TRP A CZ3 1 
ATOM   828  C  CH2 . TRP A 1 140 ? 2.709   -2.050  -12.341 1.00 34.57  ? 140 TRP A CH2 1 
ATOM   829  N  N   . ARG A 1 141 ? 0.673   -9.646  -15.216 1.00 45.61  ? 141 ARG A N   1 
ATOM   830  C  CA  . ARG A 1 141 ? 0.312   -10.578 -16.291 1.00 48.43  ? 141 ARG A CA  1 
ATOM   831  C  C   . ARG A 1 141 ? -0.554  -11.714 -15.792 1.00 49.42  ? 141 ARG A C   1 
ATOM   832  O  O   . ARG A 1 141 ? -1.392  -12.206 -16.533 1.00 49.96  ? 141 ARG A O   1 
ATOM   833  C  CB  . ARG A 1 141 ? 1.573   -11.150 -16.925 1.00 49.15  ? 141 ARG A CB  1 
ATOM   834  C  CG  . ARG A 1 141 ? 1.378   -12.095 -18.126 1.00 53.61  ? 141 ARG A CG  1 
ATOM   835  C  CD  . ARG A 1 141 ? 2.770   -12.314 -18.781 1.00 59.14  ? 141 ARG A CD  1 
ATOM   836  N  NE  . ARG A 1 141 ? 3.350   -11.000 -19.093 1.00 64.07  ? 141 ARG A NE  1 
ATOM   837  C  CZ  . ARG A 1 141 ? 4.607   -10.616 -18.856 1.00 66.73  ? 141 ARG A CZ  1 
ATOM   838  N  NH1 . ARG A 1 141 ? 5.475   -11.441 -18.277 1.00 67.94  ? 141 ARG A NH1 1 
ATOM   839  N  NH2 . ARG A 1 141 ? 4.993   -9.379  -19.186 1.00 66.23  ? 141 ARG A NH2 1 
ATOM   840  N  N   . SER A 1 142 ? -0.384  -12.132 -14.535 1.00 50.90  ? 142 SER A N   1 
ATOM   841  C  CA  . SER A 1 142 ? -1.214  -13.217 -13.969 1.00 52.69  ? 142 SER A CA  1 
ATOM   842  C  C   . SER A 1 142 ? -2.466  -12.806 -13.216 1.00 53.38  ? 142 SER A C   1 
ATOM   843  O  O   . SER A 1 142 ? -3.179  -13.675 -12.740 1.00 53.44  ? 142 SER A O   1 
ATOM   844  C  CB  . SER A 1 142 ? -0.413  -14.069 -12.988 1.00 52.37  ? 142 SER A CB  1 
ATOM   845  O  OG  . SER A 1 142 ? 0.927   -14.176 -13.420 1.00 57.66  ? 142 SER A OG  1 
ATOM   846  N  N   . ASP A 1 143 ? -2.714  -11.506 -13.051 1.00 54.11  ? 143 ASP A N   1 
ATOM   847  C  CA  . ASP A 1 143 ? -3.846  -11.043 -12.230 1.00 55.21  ? 143 ASP A CA  1 
ATOM   848  C  C   . ASP A 1 143 ? -4.615  -9.993  -13.029 1.00 55.17  ? 143 ASP A C   1 
ATOM   849  O  O   . ASP A 1 143 ? -4.208  -8.845  -13.108 1.00 55.02  ? 143 ASP A O   1 
ATOM   850  C  CB  . ASP A 1 143 ? -3.344  -10.465 -10.895 1.00 55.77  ? 143 ASP A CB  1 
ATOM   851  C  CG  . ASP A 1 143 ? -4.442  -9.738  -10.085 1.00 57.49  ? 143 ASP A CG  1 
ATOM   852  O  OD1 . ASP A 1 143 ? -5.644  -10.063 -10.255 1.00 59.33  ? 143 ASP A OD1 1 
ATOM   853  O  OD2 . ASP A 1 143 ? -4.081  -8.836  -9.249  1.00 57.67  ? 143 ASP A OD2 1 
ATOM   854  N  N   . PRO A 1 144 ? -5.743  -10.397 -13.622 1.00 55.49  ? 144 PRO A N   1 
ATOM   855  C  CA  . PRO A 1 144 ? -6.545  -9.562  -14.538 1.00 54.64  ? 144 PRO A CA  1 
ATOM   856  C  C   . PRO A 1 144 ? -7.199  -8.419  -13.741 1.00 53.06  ? 144 PRO A C   1 
ATOM   857  O  O   . PRO A 1 144 ? -7.483  -7.350  -14.256 1.00 53.61  ? 144 PRO A O   1 
ATOM   858  C  CB  . PRO A 1 144 ? -7.626  -10.539 -15.006 1.00 55.23  ? 144 PRO A CB  1 
ATOM   859  C  CG  . PRO A 1 144 ? -7.920  -11.391 -13.736 1.00 56.08  ? 144 PRO A CG  1 
ATOM   860  C  CD  . PRO A 1 144 ? -6.519  -11.526 -13.055 1.00 56.31  ? 144 PRO A CD  1 
HETATM 861  N  N   . MSE A 1 145 ? -7.396  -8.639  -12.462 1.00 51.42  ? 145 MSE A N   1 
HETATM 862  C  CA  . MSE A 1 145 ? -7.904  -7.575  -11.621 1.00 50.04  ? 145 MSE A CA  1 
HETATM 863  C  C   . MSE A 1 145 ? -6.829  -6.575  -11.113 1.00 47.83  ? 145 MSE A C   1 
HETATM 864  O  O   . MSE A 1 145 ? -7.103  -5.775  -10.233 1.00 47.86  ? 145 MSE A O   1 
HETATM 865  C  CB  . MSE A 1 145 ? -8.655  -8.224  -10.455 1.00 51.03  ? 145 MSE A CB  1 
HETATM 866  C  CG  . MSE A 1 145 ? -9.964  -8.924  -10.918 1.00 52.43  ? 145 MSE A CG  1 
HETATM 867  SE SE  . MSE A 1 145 ? -11.234 -7.698  -11.790 1.00 54.66  ? 145 MSE A SE  1 
HETATM 868  C  CE  . MSE A 1 145 ? -10.510 -7.515  -13.623 1.00 54.63  ? 145 MSE A CE  1 
ATOM   869  N  N   . TYR A 1 146 ? -5.620  -6.605  -11.667 1.00 45.16  ? 146 TYR A N   1 
ATOM   870  C  CA  . TYR A 1 146 ? -4.496  -5.992  -10.950 1.00 43.25  ? 146 TYR A CA  1 
ATOM   871  C  C   . TYR A 1 146 ? -4.595  -4.470  -10.819 1.00 42.21  ? 146 TYR A C   1 
ATOM   872  O  O   . TYR A 1 146 ? -4.160  -3.916  -9.819  1.00 41.55  ? 146 TYR A O   1 
ATOM   873  C  CB  . TYR A 1 146 ? -3.150  -6.377  -11.560 1.00 42.78  ? 146 TYR A CB  1 
ATOM   874  C  CG  . TYR A 1 146 ? -2.816  -5.593  -12.783 1.00 43.32  ? 146 TYR A CG  1 
ATOM   875  C  CD1 . TYR A 1 146 ? -2.151  -4.390  -12.698 1.00 43.66  ? 146 TYR A CD1 1 
ATOM   876  C  CD2 . TYR A 1 146 ? -3.184  -6.055  -14.052 1.00 46.18  ? 146 TYR A CD2 1 
ATOM   877  C  CE1 . TYR A 1 146 ? -1.859  -3.662  -13.843 1.00 45.35  ? 146 TYR A CE1 1 
ATOM   878  C  CE2 . TYR A 1 146 ? -2.877  -5.353  -15.181 1.00 45.50  ? 146 TYR A CE2 1 
ATOM   879  C  CZ  . TYR A 1 146 ? -2.219  -4.167  -15.069 1.00 44.93  ? 146 TYR A CZ  1 
ATOM   880  O  OH  . TYR A 1 146 ? -1.933  -3.464  -16.194 1.00 48.06  ? 146 TYR A OH  1 
ATOM   881  N  N   . HIS A 1 147 ? -5.139  -3.783  -11.831 1.00 40.91  ? 147 HIS A N   1 
ATOM   882  C  CA  . HIS A 1 147 ? -5.278  -2.319  -11.742 1.00 40.84  ? 147 HIS A CA  1 
ATOM   883  C  C   . HIS A 1 147 ? -6.211  -1.895  -10.583 1.00 38.06  ? 147 HIS A C   1 
ATOM   884  O  O   . HIS A 1 147 ? -6.114  -0.779  -10.132 1.00 36.91  ? 147 HIS A O   1 
ATOM   885  C  CB  . HIS A 1 147 ? -5.827  -1.736  -13.048 1.00 41.90  ? 147 HIS A CB  1 
ATOM   886  C  CG  . HIS A 1 147 ? -7.078  -2.427  -13.477 1.00 49.04  ? 147 HIS A CG  1 
ATOM   887  N  ND1 . HIS A 1 147 ? -7.234  -2.993  -14.725 1.00 54.65  ? 147 HIS A ND1 1 
ATOM   888  C  CD2 . HIS A 1 147 ? -8.201  -2.735  -12.777 1.00 55.60  ? 147 HIS A CD2 1 
ATOM   889  C  CE1 . HIS A 1 147 ? -8.422  -3.576  -14.791 1.00 58.19  ? 147 HIS A CE1 1 
ATOM   890  N  NE2 . HIS A 1 147 ? -9.022  -3.448  -13.618 1.00 57.52  ? 147 HIS A NE2 1 
ATOM   891  N  N   . SER A 1 148 ? -7.115  -2.748  -10.115 1.00 36.30  ? 148 SER A N   1 
ATOM   892  C  CA  . SER A 1 148 ? -7.894  -2.367  -8.931  1.00 37.21  ? 148 SER A CA  1 
ATOM   893  C  C   . SER A 1 148 ? -7.043  -2.198  -7.632  1.00 34.64  ? 148 SER A C   1 
ATOM   894  O  O   . SER A 1 148 ? -7.533  -1.680  -6.651  1.00 35.10  ? 148 SER A O   1 
ATOM   895  C  CB  . SER A 1 148 ? -9.082  -3.325  -8.666  1.00 37.64  ? 148 SER A CB  1 
ATOM   896  O  OG  . SER A 1 148 ? -8.609  -4.651  -8.420  1.00 41.79  ? 148 SER A OG  1 
ATOM   897  N  N   . PHE A 1 149 ? -5.784  -2.638  -7.638  1.00 31.92  ? 149 PHE A N   1 
ATOM   898  C  CA  . PHE A 1 149 ? -4.927  -2.477  -6.477  1.00 29.49  ? 149 PHE A CA  1 
ATOM   899  C  C   . PHE A 1 149 ? -3.877  -1.376  -6.727  1.00 29.97  ? 149 PHE A C   1 
ATOM   900  O  O   . PHE A 1 149 ? -2.900  -1.249  -5.961  1.00 28.39  ? 149 PHE A O   1 
ATOM   901  C  CB  . PHE A 1 149 ? -4.241  -3.818  -6.222  1.00 28.71  ? 149 PHE A CB  1 
ATOM   902  C  CG  . PHE A 1 149 ? -5.192  -4.876  -5.701  1.00 31.74  ? 149 PHE A CG  1 
ATOM   903  C  CD1 . PHE A 1 149 ? -5.529  -4.908  -4.378  1.00 32.15  ? 149 PHE A CD1 1 
ATOM   904  C  CD2 . PHE A 1 149 ? -5.716  -5.852  -6.563  1.00 36.11  ? 149 PHE A CD2 1 
ATOM   905  C  CE1 . PHE A 1 149 ? -6.381  -5.892  -3.874  1.00 37.54  ? 149 PHE A CE1 1 
ATOM   906  C  CE2 . PHE A 1 149 ? -6.594  -6.861  -6.075  1.00 40.84  ? 149 PHE A CE2 1 
ATOM   907  C  CZ  . PHE A 1 149 ? -6.923  -6.861  -4.714  1.00 40.84  ? 149 PHE A CZ  1 
ATOM   908  N  N   . ILE A 1 150 ? -4.041  -0.622  -7.832  1.00 28.33  ? 150 ILE A N   1 
ATOM   909  C  CA  . ILE A 1 150 ? -3.144  0.499   -8.115  1.00 28.70  ? 150 ILE A CA  1 
ATOM   910  C  C   . ILE A 1 150 ? -3.925  1.758   -7.828  1.00 28.10  ? 150 ILE A C   1 
ATOM   911  O  O   . ILE A 1 150 ? -5.071  1.876   -8.302  1.00 27.45  ? 150 ILE A O   1 
ATOM   912  C  CB  . ILE A 1 150 ? -2.660  0.471   -9.552  1.00 29.42  ? 150 ILE A CB  1 
ATOM   913  C  CG1 . ILE A 1 150 ? -1.815  -0.803  -9.771  1.00 31.97  ? 150 ILE A CG1 1 
ATOM   914  C  CG2 . ILE A 1 150 ? -1.845  1.735   -9.872  1.00 31.75  ? 150 ILE A CG2 1 
ATOM   915  C  CD1 . ILE A 1 150 ? -1.046  -0.753  -11.043 1.00 37.56  ? 150 ILE A CD1 1 
ATOM   916  N  N   . ASP A 1 151 ? -3.397  2.666   -7.006  1.00 25.38  ? 151 ASP A N   1 
ATOM   917  C  CA  . ASP A 1 151 ? -4.156  3.903   -6.728  1.00 25.90  ? 151 ASP A CA  1 
ATOM   918  C  C   . ASP A 1 151 ? -4.335  4.748   -8.010  1.00 27.01  ? 151 ASP A C   1 
ATOM   919  O  O   . ASP A 1 151 ? -3.355  4.938   -8.739  1.00 27.69  ? 151 ASP A O   1 
ATOM   920  C  CB  . ASP A 1 151 ? -3.414  4.834   -5.766  1.00 24.87  ? 151 ASP A CB  1 
ATOM   921  C  CG  . ASP A 1 151 ? -3.277  4.249   -4.350  1.00 32.66  ? 151 ASP A CG  1 
ATOM   922  O  OD1 . ASP A 1 151 ? -3.808  3.168   -4.097  1.00 34.01  ? 151 ASP A OD1 1 
ATOM   923  O  OD2 . ASP A 1 151 ? -2.646  4.900   -3.502  1.00 38.74  ? 151 ASP A OD2 1 
ATOM   924  N  N   . PRO A 1 152 ? -5.525  5.344   -8.209  1.00 27.69  ? 152 PRO A N   1 
ATOM   925  C  CA  . PRO A 1 152 ? -5.655  6.309   -9.324  1.00 28.61  ? 152 PRO A CA  1 
ATOM   926  C  C   . PRO A 1 152 ? -4.690  7.458   -9.128  1.00 27.65  ? 152 PRO A C   1 
ATOM   927  O  O   . PRO A 1 152 ? -4.345  7.851   -7.996  1.00 27.51  ? 152 PRO A O   1 
ATOM   928  C  CB  . PRO A 1 152 ? -7.084  6.873   -9.220  1.00 27.90  ? 152 PRO A CB  1 
ATOM   929  C  CG  . PRO A 1 152 ? -7.628  6.409   -7.839  1.00 30.81  ? 152 PRO A CG  1 
ATOM   930  C  CD  . PRO A 1 152 ? -6.708  5.289   -7.311  1.00 29.42  ? 152 PRO A CD  1 
ATOM   931  N  N   . ILE A 1 153 ? -4.344  8.090   -10.227 1.00 27.38  ? 153 ILE A N   1 
ATOM   932  C  CA  . ILE A 1 153 ? -3.528  9.318   -10.172 1.00 27.54  ? 153 ILE A CA  1 
ATOM   933  C  C   . ILE A 1 153 ? -4.271  10.447  -9.453  1.00 28.52  ? 153 ILE A C   1 
ATOM   934  O  O   . ILE A 1 153 ? -3.678  11.235  -8.715  1.00 27.81  ? 153 ILE A O   1 
ATOM   935  C  CB  . ILE A 1 153 ? -3.137  9.779   -11.588 1.00 28.44  ? 153 ILE A CB  1 
ATOM   936  C  CG1 . ILE A 1 153 ? -2.248  8.686   -12.219 1.00 29.05  ? 153 ILE A CG1 1 
ATOM   937  C  CG2 . ILE A 1 153 ? -2.427  11.198  -11.532 1.00 25.60  ? 153 ILE A CG2 1 
ATOM   938  C  CD1 . ILE A 1 153 ? -1.725  9.025   -13.686 1.00 33.39  ? 153 ILE A CD1 1 
ATOM   939  N  N   . PHE A 1 154 ? -5.572  10.538  -9.690  1.00 28.81  ? 154 PHE A N   1 
ATOM   940  C  CA  . PHE A 1 154 ? -6.353  11.585  -9.106  1.00 31.67  ? 154 PHE A CA  1 
ATOM   941  C  C   . PHE A 1 154 ? -7.463  10.892  -8.284  1.00 35.49  ? 154 PHE A C   1 
ATOM   942  O  O   . PHE A 1 154 ? -8.542  10.658  -8.822  1.00 35.23  ? 154 PHE A O   1 
ATOM   943  C  CB  . PHE A 1 154 ? -6.907  12.521  -10.217 1.00 30.31  ? 154 PHE A CB  1 
ATOM   944  C  CG  . PHE A 1 154 ? -5.800  13.249  -11.007 1.00 29.95  ? 154 PHE A CG  1 
ATOM   945  C  CD1 . PHE A 1 154 ? -4.994  14.224  -10.379 1.00 28.28  ? 154 PHE A CD1 1 
ATOM   946  C  CD2 . PHE A 1 154 ? -5.566  12.949  -12.309 1.00 27.48  ? 154 PHE A CD2 1 
ATOM   947  C  CE1 . PHE A 1 154 ? -4.018  14.876  -11.090 1.00 21.08  ? 154 PHE A CE1 1 
ATOM   948  C  CE2 . PHE A 1 154 ? -4.535  13.583  -13.038 1.00 25.22  ? 154 PHE A CE2 1 
ATOM   949  C  CZ  . PHE A 1 154 ? -3.765  14.537  -12.387 1.00 19.14  ? 154 PHE A CZ  1 
ATOM   950  N  N   . PRO A 1 155 ? -7.156  10.516  -6.995  1.00 38.62  ? 155 PRO A N   1 
ATOM   951  C  CA  . PRO A 1 155 ? -8.118  9.847   -6.064  1.00 40.47  ? 155 PRO A CA  1 
ATOM   952  C  C   . PRO A 1 155 ? -9.365  10.681  -5.795  1.00 40.95  ? 155 PRO A C   1 
ATOM   953  O  O   . PRO A 1 155 ? -9.219  11.896  -5.681  1.00 43.19  ? 155 PRO A O   1 
ATOM   954  C  CB  . PRO A 1 155 ? -7.303  9.678   -4.754  1.00 41.13  ? 155 PRO A CB  1 
ATOM   955  C  CG  . PRO A 1 155 ? -5.817  9.690   -5.197  1.00 40.49  ? 155 PRO A CG  1 
ATOM   956  C  CD  . PRO A 1 155 ? -5.798  10.654  -6.390  1.00 38.50  ? 155 PRO A CD  1 
HETATM 957  O  O35 . SVR B 2 .   ? -7.821  1.442   -24.291 0.00 30.00  ? 158 SVR A O35 1 
HETATM 958  S  S31 . SVR B 2 .   ? -7.788  0.271   -23.400 0.00 30.00  ? 158 SVR A S31 1 
HETATM 959  O  O36 . SVR B 2 .   ? -6.817  -0.720  -23.902 0.00 30.00  ? 158 SVR A O36 1 
HETATM 960  O  O34 . SVR B 2 .   ? -9.140  -0.339  -23.258 0.00 30.00  ? 158 SVR A O34 1 
HETATM 961  C  C22 . SVR B 2 .   ? -7.386  0.771   -21.930 0.00 30.00  ? 158 SVR A C22 1 
HETATM 962  C  C18 . SVR B 2 .   ? -6.391  0.137   -21.214 0.00 30.00  ? 158 SVR A C18 1 
HETATM 963  C  C11 . SVR B 2 .   ? -6.082  0.578   -19.946 0.00 30.00  ? 158 SVR A C11 1 
HETATM 964  S  S17 . SVR B 2 .   ? -4.939  -0.118  -19.162 0.00 30.00  ? 158 SVR A S17 1 
HETATM 965  O  O23 . SVR B 2 .   ? -5.513  -0.685  -17.927 0.00 30.00  ? 158 SVR A O23 1 
HETATM 966  O  O24 . SVR B 2 .   ? -4.337  -1.177  -19.990 0.00 30.00  ? 158 SVR A O24 1 
HETATM 967  O  O25 . SVR B 2 .   ? -3.912  0.926   -18.946 0.00 30.00  ? 158 SVR A O25 1 
HETATM 968  C  C16 . SVR B 2 .   ? -8.053  1.841   -21.341 0.00 30.00  ? 158 SVR A C16 1 
HETATM 969  C  C10 . SVR B 2 .   ? -7.705  2.283   -20.062 0.00 30.00  ? 158 SVR A C10 1 
HETATM 970  C  C15 . SVR B 2 .   ? -8.395  3.355   -19.507 0.00 30.00  ? 158 SVR A C15 1 
HETATM 971  S  S21 . SVR B 2 .   ? -9.527  4.092   -20.353 0.00 30.00  ? 158 SVR A S21 1 
HETATM 972  O  O28 . SVR B 2 .   ? -10.783 4.199   -19.593 0.00 30.00  ? 158 SVR A O28 1 
HETATM 973  O  O29 . SVR B 2 .   ? -8.990  5.443   -20.612 0.00 30.00  ? 158 SVR A O29 1 
HETATM 974  O  O30 . SVR B 2 .   ? -9.726  3.390   -21.641 0.00 30.00  ? 158 SVR A O30 1 
HETATM 975  C  C12 . SVR B 2 .   ? -8.063  3.787   -18.241 0.00 30.00  ? 158 SVR A C12 1 
HETATM 976  C  C7  . SVR B 2 .   ? -7.044  3.157   -17.527 0.00 30.00  ? 158 SVR A C7  1 
HETATM 977  C  C6  . SVR B 2 .   ? -6.696  1.644   -19.342 0.00 30.00  ? 158 SVR A C6  1 
HETATM 978  C  C3  . SVR B 2 .   ? -6.342  2.074   -18.046 0.00 30.00  ? 158 SVR A C3  1 
HETATM 979  N  N1  . SVR B 2 .   ? -5.326  1.497   -17.234 0.00 30.00  ? 158 SVR A N1  1 
HETATM 980  C  C2  . SVR B 2 .   ? -4.007  2.149   -17.145 1.00 48.75  ? 158 SVR A C2  1 
HETATM 981  O  O4  . SVR B 2 .   ? -4.143  3.283   -17.513 0.00 62.14  ? 158 SVR A O4  1 
HETATM 982  C  C5  . SVR B 2 .   ? -2.838  1.698   -16.273 1.00 52.31  ? 158 SVR A C5  1 
HETATM 983  C  C8  . SVR B 2 .   ? -2.159  2.625   -15.481 1.00 48.46  ? 158 SVR A C8  1 
HETATM 984  C  C9  . SVR B 2 .   ? -2.414  0.352   -16.219 1.00 50.75  ? 158 SVR A C9  1 
HETATM 985  C  C14 . SVR B 2 .   ? -1.324  -0.048  -15.420 1.00 51.59  ? 158 SVR A C14 1 
HETATM 986  C  C20 . SVR B 2 .   ? -0.650  0.900   -14.630 1.00 48.39  ? 158 SVR A C20 1 
HETATM 987  C  C27 . SVR B 2 .   ? 0.507   0.513   -13.737 1.00 47.62  ? 158 SVR A C27 1 
HETATM 988  C  C13 . SVR B 2 .   ? -1.078  2.218   -14.688 1.00 47.45  ? 158 SVR A C13 1 
HETATM 989  N  N19 . SVR B 2 .   ? -0.436  3.185   -13.918 1.00 44.53  ? 158 SVR A N19 1 
HETATM 990  C  C26 . SVR B 2 .   ? -1.138  3.844   -12.997 1.00 37.73  ? 158 SVR A C26 1 
HETATM 991  O  O32 . SVR B 2 .   ? -2.322  3.639   -12.812 1.00 34.70  ? 158 SVR A O32 1 
HETATM 992  C  C33 . SVR B 2 .   ? -0.433  4.896   -12.174 1.00 31.03  ? 158 SVR A C33 1 
HETATM 993  C  C37 . SVR B 2 .   ? -1.107  5.384   -11.081 1.00 27.14  ? 158 SVR A C37 1 
HETATM 994  C  C38 . SVR B 2 .   ? 0.854   5.362   -12.530 1.00 29.14  ? 158 SVR A C38 1 
HETATM 995  C  C40 . SVR B 2 .   ? 1.451   6.355   -11.740 1.00 26.53  ? 158 SVR A C40 1 
HETATM 996  C  C42 . SVR B 2 .   ? 0.742   6.849   -10.615 1.00 26.71  ? 158 SVR A C42 1 
HETATM 997  C  C39 . SVR B 2 .   ? -0.497  6.309   -10.250 1.00 27.22  ? 158 SVR A C39 1 
HETATM 998  N  N41 . SVR B 2 .   ? -1.196  6.892   -9.223  1.00 26.24  ? 158 SVR A N41 1 
HETATM 999  C  C43 . SVR B 2 .   ? -0.687  7.630   -8.234  1.00 27.33  ? 158 SVR A C43 1 
HETATM 1000 O  O45 . SVR B 2 .   ? 0.503   7.685   -8.009  1.00 27.22  ? 158 SVR A O45 1 
HETATM 1001 N  N44 . SVR B 2 .   ? -1.585  8.242   -7.446  1.00 24.61  ? 158 SVR A N44 1 
HETATM 1002 C  C46 . SVR B 2 .   ? -1.285  9.058   -6.324  1.00 23.42  ? 158 SVR A C46 1 
HETATM 1003 C  C47 . SVR B 2 .   ? -0.254  9.998   -6.457  1.00 21.84  ? 158 SVR A C47 1 
HETATM 1004 C  C48 . SVR B 2 .   ? -2.122  9.067   -5.204  1.00 24.75  ? 158 SVR A C48 1 
HETATM 1005 C  C50 . SVR B 2 .   ? -1.836  9.953   -4.125  1.00 24.62  ? 158 SVR A C50 1 
HETATM 1006 C  C52 . SVR B 2 .   ? -0.769  10.828  -4.212  1.00 25.53  ? 158 SVR A C52 1 
HETATM 1007 C  C49 . SVR B 2 .   ? 0.009   10.888  -5.385  1.00 23.82  ? 158 SVR A C49 1 
HETATM 1008 C  C51 . SVR B 2 .   ? 1.136   11.872  -5.481  1.00 23.88  ? 158 SVR A C51 1 
HETATM 1009 O  O54 . SVR B 2 .   ? 1.059   12.959  -4.917  1.00 21.67  ? 158 SVR A O54 1 
HETATM 1010 N  N53 . SVR B 2 .   ? 2.233   11.567  -6.225  1.00 22.59  ? 158 SVR A N53 1 
HETATM 1011 C  C55 . SVR B 2 .   ? 3.258   12.485  -6.389  1.00 20.54  ? 158 SVR A C55 1 
HETATM 1012 C  C56 . SVR B 2 .   ? 4.540   12.069  -5.918  1.00 22.14  ? 158 SVR A C56 1 
HETATM 1013 C  C57 . SVR B 2 .   ? 3.096   13.724  -7.016  1.00 20.98  ? 158 SVR A C57 1 
HETATM 1014 C  C59 . SVR B 2 .   ? 1.790   14.214  -7.615  1.00 19.13  ? 158 SVR A C59 1 
HETATM 1015 C  C60 . SVR B 2 .   ? 4.148   14.610  -7.144  1.00 21.71  ? 158 SVR A C60 1 
HETATM 1016 C  C62 . SVR B 2 .   ? 5.417   14.229  -6.659  1.00 24.50  ? 158 SVR A C62 1 
HETATM 1017 C  C58 . SVR B 2 .   ? 5.575   12.979  -6.050  1.00 21.54  ? 158 SVR A C58 1 
HETATM 1018 C  C61 . SVR B 2 .   ? 6.924   12.595  -5.539  1.00 22.90  ? 158 SVR A C61 1 
HETATM 1019 O  O64 . SVR B 2 .   ? 7.263   11.332  -5.514  1.00 24.86  ? 158 SVR A O64 1 
HETATM 1020 N  N63 . SVR B 2 .   ? 7.690   13.501  -4.938  1.00 24.32  ? 158 SVR A N63 1 
HETATM 1021 C  C65 . SVR B 2 .   ? 8.988   13.322  -4.620  1.00 27.24  ? 158 SVR A C65 1 
HETATM 1022 C  C67 . SVR B 2 .   ? 9.796   12.469  -5.368  1.00 25.94  ? 158 SVR A C67 1 
HETATM 1023 C  C70 . SVR B 2 .   ? 11.166  12.365  -5.000  1.00 33.52  ? 158 SVR A C70 1 
HETATM 1024 C  C71 . SVR B 2 .   ? 11.747  13.091  -3.945  1.00 33.73  ? 158 SVR A C71 1 
HETATM 1025 S  S75 . SVR B 2 .   ? 13.376  12.937  -3.553  1.00 44.63  ? 158 SVR A S75 1 
HETATM 1026 O  O80 . SVR B 2 .   ? 13.336  12.836  -2.081  1.00 40.35  ? 158 SVR A O80 1 
HETATM 1027 O  O81 . SVR B 2 .   ? 13.944  11.859  -4.325  1.00 36.88  ? 158 SVR A O81 1 
HETATM 1028 O  O82 . SVR B 2 .   ? 14.161  14.108  -3.976  1.00 42.45  ? 158 SVR A O82 1 
HETATM 1029 C  C66 . SVR B 2 .   ? 9.516   14.043  -3.532  1.00 31.53  ? 158 SVR A C66 1 
HETATM 1030 C  C68 . SVR B 2 .   ? 10.905  13.905  -3.227  1.00 34.44  ? 158 SVR A C68 1 
HETATM 1031 C  C72 . SVR B 2 .   ? 11.462  14.643  -2.185  1.00 38.18  ? 158 SVR A C72 1 
HETATM 1032 C  C69 . SVR B 2 .   ? 8.729   14.922  -2.768  1.00 33.47  ? 158 SVR A C69 1 
HETATM 1033 S  S73 . SVR B 2 .   ? 7.140   15.134  -2.872  1.00 38.09  ? 158 SVR A S73 1 
HETATM 1034 O  O77 . SVR B 2 .   ? 6.432   13.847  -2.641  1.00 30.34  ? 158 SVR A O77 1 
HETATM 1035 O  O78 . SVR B 2 .   ? 6.818   15.942  -1.738  1.00 40.80  ? 158 SVR A O78 1 
HETATM 1036 O  O79 . SVR B 2 .   ? 6.693   15.807  -4.065  1.00 34.18  ? 158 SVR A O79 1 
HETATM 1037 C  C74 . SVR B 2 .   ? 9.320   15.644  -1.716  1.00 38.72  ? 158 SVR A C74 1 
HETATM 1038 C  C76 . SVR B 2 .   ? 10.663  15.496  -1.448  1.00 40.80  ? 158 SVR A C76 1 
HETATM 1039 S  S83 . SVR B 2 .   ? 11.364  16.388  -0.282  1.00 52.08  ? 158 SVR A S83 1 
HETATM 1040 O  O85 . SVR B 2 .   ? 11.508  17.770  -0.748  1.00 50.10  ? 158 SVR A O85 1 
HETATM 1041 O  O86 . SVR B 2 .   ? 10.493  16.540  0.914   1.00 48.46  ? 158 SVR A O86 1 
HETATM 1042 O  O84 . SVR B 2 .   ? 12.755  15.933  -0.273  1.00 46.60  ? 158 SVR A O84 1 
HETATM 1043 O  O35 . SVR C 2 .   ? -17.242 5.514   -23.678 0.00 30.00  ? 159 SVR A O35 1 
HETATM 1044 S  S31 . SVR C 2 .   ? -17.521 5.756   -25.107 0.00 30.00  ? 159 SVR A S31 1 
HETATM 1045 O  O36 . SVR C 2 .   ? -18.016 7.135   -25.282 0.00 30.00  ? 159 SVR A O36 1 
HETATM 1046 O  O34 . SVR C 2 .   ? -18.449 4.758   -25.691 0.00 30.00  ? 159 SVR A O34 1 
HETATM 1047 C  C22 . SVR C 2 .   ? -16.184 5.635   -25.871 0.00 30.00  ? 159 SVR A C22 1 
HETATM 1048 C  C18 . SVR C 2 .   ? -15.225 6.510   -25.446 0.00 30.00  ? 159 SVR A C18 1 
HETATM 1049 C  C11 . SVR C 2 .   ? -14.006 6.488   -26.048 0.00 30.00  ? 159 SVR A C11 1 
HETATM 1050 S  S17 . SVR C 2 .   ? -12.994 7.584   -25.475 0.00 30.00  ? 159 SVR A S17 1 
HETATM 1051 O  O23 . SVR C 2 .   ? -11.807 6.884   -24.926 0.00 30.00  ? 159 SVR A O23 1 
HETATM 1052 O  O24 . SVR C 2 .   ? -12.654 8.615   -26.494 0.00 30.00  ? 159 SVR A O24 1 
HETATM 1053 O  O25 . SVR C 2 .   ? -13.690 8.328   -24.417 0.00 30.00  ? 159 SVR A O25 1 
HETATM 1054 C  C16 . SVR C 2 .   ? -15.998 4.710   -26.893 0.00 30.00  ? 159 SVR A C16 1 
HETATM 1055 C  C10 . SVR C 2 .   ? -14.765 4.679   -27.518 0.00 30.00  ? 159 SVR A C10 1 
HETATM 1056 C  C15 . SVR C 2 .   ? -14.491 3.771   -28.555 0.00 30.00  ? 159 SVR A C15 1 
HETATM 1057 S  S21 . SVR C 2 .   ? -15.577 2.730   -29.090 0.00 30.00  ? 159 SVR A S21 1 
HETATM 1058 O  O28 . SVR C 2 .   ? -16.357 3.400   -30.155 0.00 30.00  ? 159 SVR A O28 1 
HETATM 1059 O  O29 . SVR C 2 .   ? -14.961 1.510   -29.649 0.00 30.00  ? 159 SVR A O29 1 
HETATM 1060 O  O30 . SVR C 2 .   ? -16.462 2.317   -27.973 0.00 30.00  ? 159 SVR A O30 1 
HETATM 1061 C  C12 . SVR C 2 .   ? -13.240 3.772   -29.155 0.00 30.00  ? 159 SVR A C12 1 
HETATM 1062 C  C7  . SVR C 2 .   ? -12.267 4.654   -28.724 0.00 30.00  ? 159 SVR A C7  1 
HETATM 1063 C  C6  . SVR C 2 .   ? -13.788 5.563   -27.076 0.00 30.00  ? 159 SVR A C6  1 
HETATM 1064 C  C3  . SVR C 2 .   ? -12.577 5.553   -27.716 0.00 30.00  ? 159 SVR A C3  1 
HETATM 1065 N  N1  . SVR C 2 .   ? -11.674 6.420   -27.173 0.00 30.00  ? 159 SVR A N1  1 
HETATM 1066 C  C2  . SVR C 2 .   ? -10.763 5.674   -26.577 0.00 30.00  ? 159 SVR A C2  1 
HETATM 1067 O  O4  . SVR C 2 .   ? -10.828 4.460   -26.642 0.00 30.00  ? 159 SVR A O4  1 
HETATM 1068 C  C5  . SVR C 2 .   ? -9.687  6.363   -25.823 0.00 30.00  ? 159 SVR A C5  1 
HETATM 1069 C  C8  . SVR C 2 .   ? -9.818  7.732   -25.701 0.00 30.00  ? 159 SVR A C8  1 
HETATM 1070 C  C9  . SVR C 2 .   ? -8.630  5.705   -25.224 0.00 30.00  ? 159 SVR A C9  1 
HETATM 1071 C  C14 . SVR C 2 .   ? -7.692  6.468   -24.530 0.00 30.00  ? 159 SVR A C14 1 
HETATM 1072 C  C20 . SVR C 2 .   ? -7.814  7.851   -24.416 0.00 30.00  ? 159 SVR A C20 1 
HETATM 1073 C  C27 . SVR C 2 .   ? -6.749  8.543   -23.647 0.00 30.00  ? 159 SVR A C27 1 
HETATM 1074 C  C13 . SVR C 2 .   ? -8.889  8.490   -25.017 0.00 30.00  ? 159 SVR A C13 1 
HETATM 1075 N  N19 . SVR C 2 .   ? -9.246  9.833   -25.055 0.00 30.00  ? 159 SVR A N19 1 
HETATM 1076 C  C26 . SVR C 2 .   ? -8.563  10.929  -24.873 0.00 30.00  ? 159 SVR A C26 1 
HETATM 1077 O  O32 . SVR C 2 .   ? -7.387  10.859  -24.624 0.00 107.01 ? 159 SVR A O32 1 
HETATM 1078 C  C33 . SVR C 2 .   ? -9.409  12.076  -25.028 1.00 57.34  ? 159 SVR A C33 1 
HETATM 1079 C  C37 . SVR C 2 .   ? -9.170  13.351  -24.494 1.00 55.53  ? 159 SVR A C37 1 
HETATM 1080 C  C38 . SVR C 2 .   ? -10.449 11.923  -25.936 1.00 56.31  ? 159 SVR A C38 1 
HETATM 1081 C  C40 . SVR C 2 .   ? -11.212 13.045  -26.266 1.00 54.93  ? 159 SVR A C40 1 
HETATM 1082 C  C42 . SVR C 2 .   ? -10.973 14.315  -25.727 1.00 55.92  ? 159 SVR A C42 1 
HETATM 1083 C  C39 . SVR C 2 .   ? -9.928  14.489  -24.823 1.00 55.95  ? 159 SVR A C39 1 
HETATM 1084 N  N41 . SVR C 2 .   ? -9.532  15.725  -24.195 1.00 55.87  ? 159 SVR A N41 1 
HETATM 1085 C  C43 . SVR C 2 .   ? -9.863  17.048  -24.215 1.00 54.92  ? 159 SVR A C43 1 
HETATM 1086 O  O45 . SVR C 2 .   ? -10.779 17.505  -24.900 1.00 60.76  ? 159 SVR A O45 1 
HETATM 1087 N  N44 . SVR C 2 .   ? -9.044  17.717  -23.359 1.00 48.40  ? 159 SVR A N44 1 
HETATM 1088 C  C46 . SVR C 2 .   ? -8.652  18.960  -22.767 1.00 48.04  ? 159 SVR A C46 1 
HETATM 1089 C  C47 . SVR C 2 .   ? -7.802  18.810  -21.640 1.00 45.33  ? 159 SVR A C47 1 
HETATM 1090 C  C48 . SVR C 2 .   ? -8.913  20.271  -23.145 1.00 41.43  ? 159 SVR A C48 1 
HETATM 1091 C  C50 . SVR C 2 .   ? -8.366  21.340  -22.411 1.00 38.09  ? 159 SVR A C50 1 
HETATM 1092 C  C52 . SVR C 2 .   ? -7.542  21.175  -21.262 1.00 41.55  ? 159 SVR A C52 1 
HETATM 1093 C  C49 . SVR C 2 .   ? -7.258  19.863  -20.880 1.00 40.45  ? 159 SVR A C49 1 
HETATM 1094 C  C51 . SVR C 2 .   ? -6.398  19.479  -19.670 1.00 39.11  ? 159 SVR A C51 1 
HETATM 1095 O  O54 . SVR C 2 .   ? -5.999  20.270  -18.852 1.00 32.96  ? 159 SVR A O54 1 
HETATM 1096 N  N53 . SVR C 2 .   ? -5.897  18.254  -19.651 1.00 39.00  ? 159 SVR A N53 1 
HETATM 1097 C  C55 . SVR C 2 .   ? -5.383  17.591  -18.501 1.00 36.11  ? 159 SVR A C55 1 
HETATM 1098 C  C56 . SVR C 2 .   ? -6.069  17.624  -17.281 1.00 35.44  ? 159 SVR A C56 1 
HETATM 1099 C  C57 . SVR C 2 .   ? -4.193  16.849  -18.629 1.00 34.78  ? 159 SVR A C57 1 
HETATM 1100 C  C59 . SVR C 2 .   ? -3.451  16.809  -19.986 1.00 22.82  ? 159 SVR A C59 1 
HETATM 1101 C  C60 . SVR C 2 .   ? -3.717  16.142  -17.523 1.00 30.31  ? 159 SVR A C60 1 
HETATM 1102 C  C62 . SVR C 2 .   ? -4.388  16.186  -16.300 1.00 32.93  ? 159 SVR A C62 1 
HETATM 1103 C  C58 . SVR C 2 .   ? -5.592  16.916  -16.171 1.00 32.03  ? 159 SVR A C58 1 
HETATM 1104 C  C61 . SVR C 2 .   ? -6.386  16.986  -14.891 1.00 36.07  ? 159 SVR A C61 1 
HETATM 1105 O  O64 . SVR C 2 .   ? -7.650  17.339  -14.981 1.00 32.04  ? 159 SVR A O64 1 
HETATM 1106 N  N63 . SVR C 2 .   ? -5.879  17.268  -13.706 1.00 36.15  ? 159 SVR A N63 1 
HETATM 1107 C  C65 . SVR C 2 .   ? -6.541  17.017  -12.534 1.00 32.82  ? 159 SVR A C65 1 
HETATM 1108 C  C67 . SVR C 2 .   ? -7.763  16.320  -12.470 1.00 33.19  ? 159 SVR A C67 1 
HETATM 1109 C  C70 . SVR C 2 .   ? -8.379  16.064  -11.228 1.00 35.25  ? 159 SVR A C70 1 
HETATM 1110 C  C71 . SVR C 2 .   ? -7.767  16.464  -10.024 1.00 36.58  ? 159 SVR A C71 1 
HETATM 1111 S  S75 . SVR C 2 .   ? -8.592  16.184  -8.612  1.00 44.10  ? 159 SVR A S75 1 
HETATM 1112 O  O80 . SVR C 2 .   ? -8.995  17.522  -8.203  1.00 41.84  ? 159 SVR A O80 1 
HETATM 1113 O  O81 . SVR C 2 .   ? -9.825  15.504  -9.034  1.00 41.36  ? 159 SVR A O81 1 
HETATM 1114 O  O82 . SVR C 2 .   ? -7.765  15.506  -7.620  1.00 44.80  ? 159 SVR A O82 1 
HETATM 1115 C  C66 . SVR C 2 .   ? -5.924  17.462  -11.360 1.00 33.70  ? 159 SVR A C66 1 
HETATM 1116 C  C68 . SVR C 2 .   ? -6.544  17.170  -10.100 1.00 35.78  ? 159 SVR A C68 1 
HETATM 1117 C  C72 . SVR C 2 .   ? -5.904  17.588  -8.943  1.00 36.69  ? 159 SVR A C72 1 
HETATM 1118 C  C69 . SVR C 2 .   ? -4.694  18.161  -11.430 1.00 34.07  ? 159 SVR A C69 1 
HETATM 1119 S  S73 . SVR C 2 .   ? -3.943  18.649  -12.782 1.00 34.03  ? 159 SVR A S73 1 
HETATM 1120 O  O77 . SVR C 2 .   ? -4.952  19.383  -13.600 1.00 30.10  ? 159 SVR A O77 1 
HETATM 1121 O  O78 . SVR C 2 .   ? -3.007  19.713  -12.345 1.00 33.34  ? 159 SVR A O78 1 
HETATM 1122 O  O79 . SVR C 2 .   ? -3.333  17.557  -13.595 1.00 34.43  ? 159 SVR A O79 1 
HETATM 1123 C  C74 . SVR C 2 .   ? -4.094  18.562  -10.246 1.00 35.29  ? 159 SVR A C74 1 
HETATM 1124 C  C76 . SVR C 2 .   ? -4.695  18.263  -9.018  1.00 43.11  ? 159 SVR A C76 1 
HETATM 1125 S  S83 . SVR C 2 .   ? -3.946  18.742  -7.663  1.00 50.61  ? 159 SVR A S83 1 
HETATM 1126 O  O85 . SVR C 2 .   ? -4.839  18.522  -6.518  1.00 53.80  ? 159 SVR A O85 1 
HETATM 1127 O  O86 . SVR C 2 .   ? -2.726  17.948  -7.458  1.00 48.13  ? 159 SVR A O86 1 
HETATM 1128 O  O84 . SVR C 2 .   ? -3.566  20.169  -7.896  1.00 53.66  ? 159 SVR A O84 1 
HETATM 1129 CL CL  . CL  D 3 .   ? -11.441 2.150   8.930   1.00 27.67  ? 160 CL  A CL  1 
HETATM 1130 O  O   . HOH E 4 .   ? -6.952  9.041   -12.234 1.00 28.31  ? 161 HOH A O   1 
HETATM 1131 O  O   . HOH E 4 .   ? -2.326  5.787   13.314  1.00 21.07  ? 162 HOH A O   1 
HETATM 1132 O  O   . HOH E 4 .   ? -1.891  12.833  -7.984  1.00 25.69  ? 163 HOH A O   1 
HETATM 1133 O  O   . HOH E 4 .   ? -9.372  4.465   9.103   1.00 25.52  ? 164 HOH A O   1 
HETATM 1134 O  O   . HOH E 4 .   ? -0.553  2.383   -6.331  1.00 24.82  ? 165 HOH A O   1 
HETATM 1135 O  O   . HOH E 4 .   ? -12.918 -3.994  13.408  1.00 29.06  ? 166 HOH A O   1 
HETATM 1136 O  O   . HOH E 4 .   ? -5.829  -8.788  10.273  1.00 31.61  ? 167 HOH A O   1 
HETATM 1137 O  O   . HOH E 4 .   ? 1.590   -8.399  -1.593  1.00 32.27  ? 168 HOH A O   1 
HETATM 1138 O  O   . HOH E 4 .   ? -6.918  1.475   -9.992  1.00 35.10  ? 169 HOH A O   1 
HETATM 1139 O  O   . HOH E 4 .   ? -14.249 -3.442  20.307  1.00 33.99  ? 170 HOH A O   1 
HETATM 1140 O  O   . HOH E 4 .   ? -9.947  7.240   11.604  1.00 29.16  ? 171 HOH A O   1 
HETATM 1141 O  O   . HOH E 4 .   ? 9.731   8.280   -12.444 1.00 31.68  ? 172 HOH A O   1 
HETATM 1142 O  O   . HOH E 4 .   ? 7.480   7.027   -13.826 1.00 32.58  ? 173 HOH A O   1 
HETATM 1143 O  O   . HOH E 4 .   ? -3.160  12.442  14.194  1.00 30.62  ? 174 HOH A O   1 
HETATM 1144 O  O   . HOH E 4 .   ? -10.838 -6.487  8.931   1.00 41.51  ? 175 HOH A O   1 
HETATM 1145 O  O   . HOH E 4 .   ? -10.776 0.359   19.726  1.00 32.35  ? 176 HOH A O   1 
HETATM 1146 O  O   . HOH E 4 .   ? 3.371   12.807  -1.814  1.00 47.93  ? 177 HOH A O   1 
HETATM 1147 O  O   . HOH E 4 .   ? -5.664  -9.246  21.332  1.00 39.20  ? 178 HOH A O   1 
HETATM 1148 O  O   . HOH E 4 .   ? -3.732  7.442   -2.918  1.00 36.82  ? 179 HOH A O   1 
HETATM 1149 O  O   . HOH E 4 .   ? 12.620  9.483   -1.786  1.00 48.17  ? 180 HOH A O   1 
HETATM 1150 O  O   . HOH E 4 .   ? -11.361 4.872   5.615   1.00 35.47  ? 181 HOH A O   1 
HETATM 1151 O  O   . HOH E 4 .   ? 0.649   4.661   -7.257  1.00 31.81  ? 182 HOH A O   1 
HETATM 1152 O  O   . HOH E 4 .   ? -5.486  7.402   -12.600 1.00 44.46  ? 183 HOH A O   1 
HETATM 1153 O  O   . HOH E 4 .   ? 4.153   -8.459  -0.873  1.00 35.90  ? 184 HOH A O   1 
HETATM 1154 O  O   . HOH E 4 .   ? 4.298   -11.384 -4.127  1.00 45.57  ? 185 HOH A O   1 
HETATM 1155 O  O   . HOH E 4 .   ? -13.085 4.294   12.897  1.00 47.85  ? 186 HOH A O   1 
HETATM 1156 O  O   . HOH E 4 .   ? 0.469   -10.515 0.136   1.00 37.80  ? 187 HOH A O   1 
HETATM 1157 O  O   . HOH E 4 .   ? 2.034   5.645   13.494  1.00 36.64  ? 188 HOH A O   1 
HETATM 1158 O  O   . HOH E 4 .   ? 12.864  17.931  -3.501  1.00 40.56  ? 189 HOH A O   1 
HETATM 1159 O  O   . HOH E 4 .   ? 10.824  5.469   -1.283  1.00 36.64  ? 190 HOH A O   1 
HETATM 1160 O  O   . HOH E 4 .   ? -5.387  -0.596  0.427   1.00 29.42  ? 191 HOH A O   1 
HETATM 1161 O  O   . HOH E 4 .   ? 15.989  -5.122  -4.391  1.00 44.10  ? 192 HOH A O   1 
HETATM 1162 O  O   . HOH E 4 .   ? 14.407  5.707   -3.657  1.00 54.88  ? 193 HOH A O   1 
HETATM 1163 O  O   . HOH E 4 .   ? 12.219  5.744   1.111   1.00 43.56  ? 194 HOH A O   1 
HETATM 1164 O  O   . HOH E 4 .   ? 11.389  7.996   2.442   1.00 35.86  ? 195 HOH A O   1 
HETATM 1165 O  O   . HOH E 4 .   ? -13.471 -0.045  7.557   1.00 40.45  ? 196 HOH A O   1 
HETATM 1166 O  O   . HOH E 4 .   ? -6.480  -2.853  -0.698  1.00 36.95  ? 197 HOH A O   1 
HETATM 1167 O  O   . HOH E 4 .   ? -6.634  -0.945  -3.534  1.00 52.02  ? 198 HOH A O   1 
HETATM 1168 O  O   . HOH E 4 .   ? -11.774 7.105   8.977   1.00 53.04  ? 199 HOH A O   1 
HETATM 1169 O  O   . HOH E 4 .   ? -9.723  10.369  5.951   1.00 48.42  ? 200 HOH A O   1 
HETATM 1170 O  O   . HOH E 4 .   ? -15.595 -3.462  14.105  1.00 45.07  ? 201 HOH A O   1 
HETATM 1171 O  O   . HOH E 4 .   ? -11.549 -9.860  16.248  1.00 48.41  ? 202 HOH A O   1 
HETATM 1172 O  O   . HOH E 4 .   ? -0.892  -5.222  19.955  1.00 50.20  ? 203 HOH A O   1 
HETATM 1173 O  O   . HOH E 4 .   ? -4.516  -1.814  21.481  1.00 56.14  ? 204 HOH A O   1 
HETATM 1174 O  O   . HOH E 4 .   ? 8.921   3.250   6.338   1.00 34.94  ? 205 HOH A O   1 
HETATM 1175 O  O   . HOH E 4 .   ? -10.752 8.760   -9.332  1.00 69.48  ? 206 HOH A O   1 
HETATM 1176 O  O   . HOH E 4 .   ? -0.432  14.696  -3.650  1.00 51.76  ? 207 HOH A O   1 
HETATM 1177 O  O   . HOH E 4 .   ? 12.304  -1.083  -6.603  1.00 35.57  ? 208 HOH A O   1 
HETATM 1178 O  O   . HOH E 4 .   ? -4.303  -6.757  21.370  1.00 34.70  ? 209 HOH A O   1 
HETATM 1179 O  O   . HOH E 4 .   ? -8.569  1.287   22.237  1.00 43.51  ? 210 HOH A O   1 
HETATM 1180 O  O   . HOH E 4 .   ? 4.726   8.465   9.550   1.00 56.06  ? 211 HOH A O   1 
HETATM 1181 O  O   . HOH E 4 .   ? 14.204  -3.900  -11.811 1.00 52.58  ? 212 HOH A O   1 
HETATM 1182 O  O   . HOH E 4 .   ? -13.385 -1.529  20.936  1.00 48.57  ? 213 HOH A O   1 
HETATM 1183 O  O   . HOH E 4 .   ? -3.324  13.436  -2.942  1.00 45.80  ? 214 HOH A O   1 
HETATM 1184 O  O   . HOH E 4 .   ? -4.430  -9.368  -6.878  1.00 62.96  ? 215 HOH A O   1 
HETATM 1185 O  O   . HOH E 4 .   ? 1.435   -10.400 -4.037  1.00 62.06  ? 216 HOH A O   1 
HETATM 1186 O  O   . HOH E 4 .   ? -14.906 -1.851  9.046   1.00 47.51  ? 217 HOH A O   1 
# 
